data_8WEA
#
_entry.id   8WEA
#
_cell.length_a   1.00
_cell.length_b   1.00
_cell.length_c   1.00
_cell.angle_alpha   90.00
_cell.angle_beta   90.00
_cell.angle_gamma   90.00
#
_symmetry.space_group_name_H-M   'P 1'
#
loop_
_entity.id
_entity.type
_entity.pdbx_description
1 polymer 'Voltage-dependent L-type calcium channel subunit alpha-1C'
2 polymer 'Voltage-dependent calcium channel subunit alpha-2/delta-1'
3 branched 2-acetamido-2-deoxy-beta-D-glucopyranose-(1-4)-2-acetamido-2-deoxy-beta-D-glucopyranose-(1-4)-2-acetamido-2-deoxy-beta-D-glucopyranose
4 branched 2-acetamido-2-deoxy-beta-D-glucopyranose-(1-4)-2-acetamido-2-deoxy-beta-D-glucopyranose
5 branched 2-acetamido-2-deoxy-beta-D-glucopyranose-(1-4)-2-acetamido-2-deoxy-beta-D-glucopyranose-(1-4)-2-acetamido-2-deoxy-beta-D-glucopyranose-(1-4)-2-acetamido-2-deoxy-beta-D-glucopyranose
6 non-polymer 'CALCIUM ION'
7 non-polymer (3beta,14beta,17beta,25R)-3-[4-methoxy-3-(methoxymethyl)butoxy]spirost-5-en
8 non-polymer 4-[(2-bromanyl-4,5-dimethoxy-phenyl)methyl]-4-[2-[2-[(1~{R},2~{S},5~{R})-6,6-dimethyl-2-bicyclo[3.1.1]heptanyl]ethoxy]ethyl]morpholin-4-ium
9 non-polymer 2-acetamido-2-deoxy-beta-D-glucopyranose
#
loop_
_entity_poly.entity_id
_entity_poly.type
_entity_poly.pdbx_seq_one_letter_code
_entity_poly.pdbx_strand_id
1 'polypeptide(L)'
;MVNENTRMYIPEENHQGSNYGSPRPAHANMNANAAAGLAPEHIPTPGAALSWQAAIDAARQAKLMGSAGNATISTVSSTQ
RKRQQYGKPKKQGSTTATRPPRALLCLTLKNPIRRACISIVEWKPFEIIILLTIFANCVALAIYIPFPEDDSNATNSNLE
RVEYLFLIIFTVEAFLKVIAYGLLFHPNAYLRNGWNLLDFIIVVVGLFSAILEQATKADGANALGGKGAGFDVKALRAFR
VLRPLRLVSGVPSLQVVLNSIIKAMVPLLHIALLVLFVIIIYAIIGLELFMGKMHKTCYNQEGIADVPAEDDPSPCALET
GHGRQCQNGTVCKPGWDGPKHGITNFDNFAFAMLTVFQCITMEGWTDVLYWVNDAVGRDWPWIYFVTLIIIGSFFVLNLV
LGVLSGEFSKEREKAKARGDFQKLREKQQLEEDLKGYLDWITQAEDIDPENEDEGMDEEKPRNMSMPTSETESVNTENVA
GGDIEGENCGARLAHRISKSKFSRYWRRWNRFCRRKCRAAVKSNVFYWLVIFLVFLNTLTIASEHYNQPNWLTEVQDTAN
KALLALFTAEMLLKMYSLGLQAYFVSLFNRFDCFVVCGGILETILVETKIMSPLGISVLRCVRLLRIFKITRYWNSLSNL
VASLLNSVRSIASLLLLLFLFIIIFSLLGMQLFGGKFNFDEMQTRRSTFDNFPQSLLTVFQILTGEDWNSVMYDGIMAYG
GPSFPGMLVCIYFIILFICGNYILLNVFLAIAVDNLADAESLTSAQKEEEEEKERKKLARTASPEKKQELVEKPAVGESK
EEKIELKSITADGESPPATKINMDDLQPNENEDKSPYPNPETTGEEDEEEPEMPVGPRPRPLSELHLKEKAVPMPEASAF
FIFSSNNRFRLQCHRIVNDTIFTNLILFFILLSSISLAAEDPVQHTSFRNHILGNADYVFTSIFTLEIILKMTAYGAFLH
KGSFCRNYFNILDLLVVSVSLISFGIQSSAINVVKILRVLRVLRPLRAINRAKGLKHVVQCVFVAIRTIGNIVIVTTLLQ
FMFACIGVQLFKGKLYTCSDSSKQTEAECKGNYITYKDGEVDHPIIQPRSWENSKFDFDNVLAAMMALFTVSTFEGWPEL
LYRSIDSHTEDKGPIYNYRVEISIFFIIYIIIIAFFMMNIFVGFVIVTFQEQGEQEYKNCELDKNQRQCVEYALKARPLR
RYIPKNQHQYKVWYVVNSTYFEYLMFVLILLNTICLAMQHYGQSCLFKIAMNILNMLFTGLFTVEMILKLIAFKPKGYFS
DPWNVFDFLIVIGSIIDVILSETNHYFCDAWNTFDALIVVGSIVDIAITEVNPAEHTQCSPSMNAEENSRISITFFRLFR
VMRLVKLLSRGEGIRTLLWTFIKSFQALPYVALLIVMLFFIYAVIGMQVFGKIALNDTTEINRNNNFQTFPQAVLLLFRC
ATGEAWQDIMLACMPGKKCAPESEPSNSTEGETPCGSSFAVFYFISFYMLCAFLIINLFVAVIMDNFDYLTRDWSILGPH
HLDEFKRIWAEYDPEAKGRIKHLDVVTLLRRIQPPLGFGKLCPHRVACKRLVSMNMPLNSDGTVMFNATLFALVRTALRI
KTEGNLEQANEELRAIIKKIWKRTSMKLLDQVVPPAGDDEVTVGKFYATFLIQEYFRKFKKRKEQGLVGKPSQRNALSLQ
AGLRTLHDIGPEIRRAISGDLTAEEELDKAMKEAVSAASEDDIFRRAGGLFGNHVSYYQSDGRSAFPQTFTTQRPLHINK
AGSSQGDTESPSHEKLVDSTFTPSSYSSTGSNANINNANNTALGRLPRPAGYPSTVSTVEGHGPPLSPAIRVQEVAWKLS
SNRERHVPMCEDLELRRDSGSAGTQAHCLLLRKANPSRCHSRESQAAMAGQEETSQDETYEVKMNHDTEACSEPSLLSTE
MLSYQDDENRQLTLPEEDKRDIRQSPKRGFLRSASLGRRASFHLECLKRQKDRGGDISQKTVLPLHLVHHQALAVAGLSP
LLQRSHSPASFPRPFATPPATPGSRGWPPQPVPTLRLEGVESSEKLNSSFPSIHCGSWAETTPGGGGSSAARRVRPVSLM
VPSQAGAPGRQFHGSASSLVEAVLISEGLGQFAQDPKFIEVTTQELADACDMTIEEMESAADNILSGGAPQSPNGALLPF
VNCRDAGQDRAGGEEDAGCVRARGRPSEEELQDSRVYVSSL
;
A
2 'polypeptide(L)'
;MAAGCLLALTLTLFQSLLIGPSSEEPFPSAVTIKSWVDKMQEDLVTLAKTASGVNQLVDIYEKYQDLYTVEPNNARQLVE
IAARDIEKLLSNRSKALVRLALEAEKVQAAHQWREDFASNEVVYYNAKDDLDPEKNDSEPGSQRIKPVFIEDANFGRQIS
YQHAAVHIPTDIYEGSTIVLNELNWTSALDEVFKKNREEDPSLLWQVFGSATGLARYYPASPWVDNSRTPNKIDLYDVRR
RPWYIQGAASPKDMLILVDVSGSVSGLTLKLIRTSVSEMLETLSDDDFVNVASFNSNAQDVSCFQHLVQANVRNKKVLKD
AVNNITAKGITDYKKGFSFAFEQLLNYNVSRANCNKIIMLFTDGGEERAQEIFNKYNKDKKVRVFTFSVGQHNYDRGPIQ
WMACENKGYYYEIPSIGAIRINTQEYLDVLGRPMVLAGDKAKQVQWTNVYLDALELGLVITGTLPVFNITGQFENKTNLK
NQLILGVMGVDVSLEDIKRLTPRFTLCPNGYYFAIDPNGYVLLHPNLQPKPIGVGIPTINLRKRRPNIQNPKSQEPVTLD
FLDAELENDIKVEIRNKMIDGESGEKTFRTLVKSQDERYIDKGNRTYTWTPVNGTDYSLALVLPTYSFYYIKAKLEETIT
QARYSETLKPDNFEESGYTFIAPRDYCNDLKISDNNTEFLLNFNEFIDRKTPNNPSCNADLINRVLLDAGFTNELVQNYW
SKQKNIKGVKARFVVTDGGITRVYPKEAGENWQENPETYEDSFYKRSLDNDNYVFTAPYFNKSGPGAYESGIMVSKAVEI
YIQGKLLKPAVVGIKIDVNSWIENFTKTSIRDPCAGPVCDCKRNSDVMDCVILDDGGFLLMANHDDYTNQIGRFFGEIDP
SLMRHLVNISVYAFNKSYDYQSVCEPGAAPKQGAGHRSAYVPSVADILQIGWWATAAAWSILQQFLLSLTFPRLLEAVEM
EDDDFTASLSKQSCITEQTQYFFDNDSKSFSGVLDCGNCSRIFHGEKLMNTNLIFIMVESKGTCPCDTRLLIQAEQTSDG
PNPCDMVKQPRYRKGPDVCFDNNVLEDYTDCGGVSGLNPSLWYIIGIQFLLLWLVSGSTHRLL
;
D
#
loop_
_chem_comp.id
_chem_comp.type
_chem_comp.name
_chem_comp.formula
9Z9 non-polymer (3beta,14beta,17beta,25R)-3-[4-methoxy-3-(methoxymethyl)butoxy]spirost-5-en 'C34 H56 O5'
CA non-polymer 'CALCIUM ION' 'Ca 2'
NAG D-saccharide, beta linking 2-acetamido-2-deoxy-beta-D-glucopyranose 'C8 H15 N O6'
WB9 non-polymer 4-[(2-bromanyl-4,5-dimethoxy-phenyl)methyl]-4-[2-[2-[(1~{R},2~{S},5~{R})-6,6-dimethyl-2-bicyclo[3.1.1]heptanyl]ethoxy]ethyl]morpholin-4-ium 'C26 H41 Br N O4 1'
#
# COMPACT_ATOMS: atom_id res chain seq x y z
N LEU A 105 23.23 -44.69 -29.44
CA LEU A 105 23.41 -46.04 -29.96
C LEU A 105 22.40 -46.32 -31.07
N CYS A 106 22.75 -45.96 -32.30
CA CYS A 106 21.86 -46.17 -33.42
C CYS A 106 21.43 -47.62 -33.52
N LEU A 107 20.13 -47.87 -33.62
CA LEU A 107 19.63 -49.23 -33.75
C LEU A 107 20.03 -49.81 -35.10
N THR A 108 20.24 -48.96 -36.08
CA THR A 108 20.61 -49.41 -37.42
C THR A 108 19.62 -50.42 -37.98
N LEU A 109 18.36 -50.32 -37.58
CA LEU A 109 17.34 -51.20 -38.13
C LEU A 109 16.97 -50.68 -39.49
N LYS A 110 17.84 -50.91 -40.47
CA LYS A 110 17.60 -50.40 -41.82
C LYS A 110 16.53 -51.19 -42.55
N ASN A 111 15.33 -51.24 -41.98
CA ASN A 111 14.23 -51.92 -42.66
C ASN A 111 13.97 -51.26 -44.00
N PRO A 112 14.26 -51.98 -45.12
CA PRO A 112 14.26 -51.39 -46.46
C PRO A 112 13.97 -49.90 -46.58
N ILE A 113 12.74 -49.57 -46.97
CA ILE A 113 12.32 -48.17 -47.08
C ILE A 113 11.02 -47.98 -46.30
N ARG A 114 10.48 -46.76 -46.36
CA ARG A 114 9.28 -46.32 -45.64
C ARG A 114 9.59 -46.15 -44.15
N ARG A 115 10.80 -46.54 -43.75
CA ARG A 115 11.35 -46.07 -42.49
C ARG A 115 12.34 -44.95 -42.80
N ALA A 116 12.11 -43.79 -42.19
CA ALA A 116 12.62 -42.53 -42.74
C ALA A 116 12.17 -42.42 -44.19
N CYS A 117 12.99 -41.78 -45.03
CA CYS A 117 12.64 -41.52 -46.42
C CYS A 117 11.34 -40.71 -46.50
N ILE A 118 11.00 -40.04 -45.40
CA ILE A 118 9.83 -39.19 -45.31
C ILE A 118 10.28 -37.80 -44.88
N SER A 119 10.92 -37.72 -43.71
CA SER A 119 11.60 -36.48 -43.34
C SER A 119 12.91 -36.35 -44.12
N ILE A 120 13.40 -37.44 -44.69
CA ILE A 120 14.54 -37.42 -45.59
C ILE A 120 14.17 -36.59 -46.82
N VAL A 121 12.97 -36.83 -47.35
CA VAL A 121 12.47 -36.07 -48.48
C VAL A 121 12.28 -34.62 -48.03
N GLU A 122 12.86 -33.69 -48.79
CA GLU A 122 12.79 -32.26 -48.50
C GLU A 122 13.28 -31.95 -47.09
N TRP A 123 14.53 -32.31 -46.79
CA TRP A 123 15.12 -32.01 -45.49
C TRP A 123 15.03 -30.53 -45.15
N LYS A 124 15.66 -29.68 -45.96
CA LYS A 124 15.70 -28.25 -45.70
C LYS A 124 14.29 -27.64 -45.64
N PRO A 125 13.39 -27.93 -46.61
CA PRO A 125 12.02 -27.38 -46.50
C PRO A 125 11.31 -27.82 -45.22
N PHE A 126 11.48 -29.07 -44.82
CA PHE A 126 10.74 -29.60 -43.67
C PHE A 126 11.36 -29.10 -42.37
N GLU A 127 12.66 -28.90 -42.34
CA GLU A 127 13.33 -28.40 -41.15
C GLU A 127 12.88 -26.97 -40.84
N ILE A 128 12.77 -26.14 -41.88
CA ILE A 128 12.50 -24.71 -41.72
C ILE A 128 11.12 -24.49 -41.13
N ILE A 129 10.10 -25.21 -41.63
CA ILE A 129 8.73 -24.99 -41.20
C ILE A 129 8.61 -25.30 -39.70
N ILE A 130 9.39 -26.27 -39.22
CA ILE A 130 9.43 -26.54 -37.79
C ILE A 130 10.03 -25.34 -37.05
N LEU A 131 11.11 -24.77 -37.60
CA LEU A 131 11.73 -23.60 -36.99
C LEU A 131 10.77 -22.41 -37.02
N LEU A 132 10.04 -22.25 -38.12
CA LEU A 132 9.06 -21.18 -38.21
C LEU A 132 7.93 -21.38 -37.21
N THR A 133 7.53 -22.63 -36.98
CA THR A 133 6.53 -22.93 -35.98
C THR A 133 7.04 -22.58 -34.58
N ILE A 134 8.32 -22.86 -34.33
CA ILE A 134 8.94 -22.51 -33.05
C ILE A 134 8.92 -21.00 -32.86
N PHE A 135 9.27 -20.26 -33.91
CA PHE A 135 9.22 -18.81 -33.81
C PHE A 135 7.79 -18.29 -33.64
N ALA A 136 6.80 -18.95 -34.23
CA ALA A 136 5.40 -18.59 -34.06
C ALA A 136 4.87 -18.88 -32.67
N ASN A 137 5.40 -19.91 -32.00
CA ASN A 137 5.05 -20.21 -30.63
C ASN A 137 5.79 -19.32 -29.64
N CYS A 138 7.00 -18.88 -29.99
CA CYS A 138 7.74 -17.94 -29.16
C CYS A 138 7.02 -16.59 -29.14
N VAL A 139 6.17 -16.34 -30.15
CA VAL A 139 5.40 -15.11 -30.22
C VAL A 139 3.95 -15.39 -29.88
N ALA A 140 3.64 -16.67 -29.66
CA ALA A 140 2.33 -17.07 -29.17
C ALA A 140 2.27 -17.12 -27.65
N LEU A 141 3.39 -17.48 -27.01
CA LEU A 141 3.47 -17.47 -25.55
C LEU A 141 3.66 -16.06 -24.99
N ALA A 142 3.87 -15.07 -25.85
CA ALA A 142 4.06 -13.70 -25.41
C ALA A 142 2.83 -12.83 -25.62
N ILE A 143 1.74 -13.45 -25.99
CA ILE A 143 0.52 -12.69 -26.07
C ILE A 143 -0.32 -13.09 -24.83
N TYR A 144 -0.86 -14.28 -24.78
CA TYR A 144 -1.67 -14.69 -23.67
C TYR A 144 -1.36 -13.92 -22.49
N ILE A 145 -2.22 -13.00 -22.15
CA ILE A 145 -1.98 -12.15 -21.03
C ILE A 145 -2.38 -12.96 -19.89
N PRO A 146 -1.61 -12.94 -18.84
CA PRO A 146 -2.00 -13.85 -17.82
C PRO A 146 -2.93 -13.09 -16.96
N PHE A 147 -4.02 -13.66 -16.41
CA PHE A 147 -5.01 -12.82 -15.74
C PHE A 147 -5.41 -13.01 -14.37
N PRO A 148 -6.14 -12.00 -13.85
CA PRO A 148 -6.60 -12.25 -12.50
C PRO A 148 -7.72 -13.26 -12.56
N GLU A 149 -7.74 -14.21 -11.65
CA GLU A 149 -8.75 -15.26 -11.68
C GLU A 149 -8.78 -15.95 -13.02
N ASP A 150 -9.93 -16.04 -13.66
CA ASP A 150 -10.02 -16.79 -14.91
C ASP A 150 -10.48 -16.00 -16.12
N ASP A 151 -10.59 -14.69 -16.02
CA ASP A 151 -11.13 -13.92 -17.13
C ASP A 151 -10.27 -14.13 -18.36
N SER A 152 -10.89 -14.08 -19.53
CA SER A 152 -10.14 -14.27 -20.77
C SER A 152 -10.69 -13.42 -21.89
N ASN A 153 -9.82 -12.92 -22.76
CA ASN A 153 -10.28 -12.18 -23.91
C ASN A 153 -10.54 -13.17 -25.04
N ALA A 154 -10.96 -12.68 -26.19
CA ALA A 154 -11.21 -13.55 -27.32
C ALA A 154 -9.92 -14.17 -27.79
N THR A 155 -8.87 -13.37 -27.87
CA THR A 155 -7.60 -13.88 -28.38
C THR A 155 -7.07 -15.02 -27.51
N ASN A 156 -7.03 -14.85 -26.20
CA ASN A 156 -6.47 -15.89 -25.34
C ASN A 156 -7.08 -17.22 -25.71
N SER A 157 -8.36 -17.43 -25.42
CA SER A 157 -9.00 -18.65 -25.87
C SER A 157 -8.59 -18.97 -27.30
N ASN A 158 -8.42 -17.94 -28.12
CA ASN A 158 -8.11 -18.15 -29.53
C ASN A 158 -6.65 -18.56 -29.72
N LEU A 159 -5.84 -18.26 -28.70
CA LEU A 159 -4.47 -18.79 -28.71
C LEU A 159 -4.41 -20.18 -28.11
N GLU A 160 -5.27 -20.48 -27.13
CA GLU A 160 -5.45 -21.87 -26.74
C GLU A 160 -5.95 -22.71 -27.90
N ARG A 161 -6.66 -22.10 -28.85
CA ARG A 161 -7.08 -22.73 -30.08
C ARG A 161 -5.89 -23.12 -30.96
N VAL A 162 -4.94 -22.20 -31.13
CA VAL A 162 -3.80 -22.48 -32.02
C VAL A 162 -2.77 -23.33 -31.31
N GLU A 163 -2.87 -23.43 -29.99
CA GLU A 163 -2.05 -24.39 -29.26
C GLU A 163 -2.53 -25.81 -29.57
N TYR A 164 -3.70 -25.91 -30.18
CA TYR A 164 -4.25 -27.20 -30.64
C TYR A 164 -3.89 -27.45 -32.10
N LEU A 165 -3.10 -26.54 -32.68
CA LEU A 165 -2.51 -26.74 -33.99
C LEU A 165 -1.02 -27.02 -33.81
N PHE A 166 -0.42 -26.28 -32.89
CA PHE A 166 0.94 -26.54 -32.46
C PHE A 166 1.06 -27.85 -31.72
N LEU A 167 -0.06 -28.45 -31.30
CA LEU A 167 -0.07 -29.77 -30.70
C LEU A 167 -0.68 -30.83 -31.60
N ILE A 168 -0.85 -30.56 -32.89
CA ILE A 168 -1.03 -31.61 -33.88
C ILE A 168 0.15 -31.63 -34.85
N ILE A 169 0.86 -30.52 -34.99
CA ILE A 169 2.02 -30.49 -35.87
C ILE A 169 3.22 -31.13 -35.16
N PHE A 170 3.39 -30.83 -33.87
CA PHE A 170 4.55 -31.32 -33.12
C PHE A 170 4.44 -32.81 -32.85
N THR A 171 3.23 -33.36 -32.93
CA THR A 171 3.05 -34.80 -32.69
C THR A 171 3.20 -35.60 -33.97
N VAL A 172 2.69 -35.07 -35.10
CA VAL A 172 2.91 -35.75 -36.37
C VAL A 172 4.39 -35.74 -36.71
N GLU A 173 5.06 -34.59 -36.47
CA GLU A 173 6.50 -34.51 -36.64
C GLU A 173 7.20 -35.56 -35.78
N ALA A 174 6.81 -35.62 -34.51
CA ALA A 174 7.43 -36.52 -33.55
C ALA A 174 7.30 -37.97 -33.99
N PHE A 175 6.09 -38.40 -34.34
CA PHE A 175 5.87 -39.81 -34.69
C PHE A 175 6.49 -40.16 -36.04
N LEU A 176 6.43 -39.24 -36.99
CA LEU A 176 7.02 -39.48 -38.31
C LEU A 176 8.53 -39.63 -38.17
N LYS A 177 9.13 -38.86 -37.25
CA LYS A 177 10.56 -39.00 -37.00
C LYS A 177 10.87 -40.24 -36.16
N VAL A 178 9.93 -40.66 -35.30
CA VAL A 178 10.10 -41.89 -34.54
C VAL A 178 10.14 -43.09 -35.47
N ILE A 179 9.28 -43.08 -36.48
CA ILE A 179 9.22 -44.18 -37.46
C ILE A 179 10.59 -44.37 -38.09
N ALA A 180 11.31 -43.27 -38.30
CA ALA A 180 12.65 -43.34 -38.88
C ALA A 180 13.61 -44.09 -37.95
N TYR A 181 13.71 -43.66 -36.69
CA TYR A 181 14.65 -44.26 -35.77
C TYR A 181 13.96 -44.99 -34.61
N GLY A 182 13.10 -44.29 -33.88
CA GLY A 182 12.46 -44.86 -32.71
C GLY A 182 13.37 -44.92 -31.50
N ASN A 193 19.05 -39.81 -28.79
CA ASN A 193 20.13 -38.88 -28.50
C ASN A 193 19.65 -37.79 -27.55
N GLY A 194 20.35 -36.66 -27.51
CA GLY A 194 20.13 -35.64 -26.51
C GLY A 194 19.03 -34.70 -26.94
N TRP A 195 19.37 -33.54 -27.52
CA TRP A 195 18.45 -32.47 -27.83
C TRP A 195 17.04 -32.94 -28.22
N ASN A 196 16.93 -33.99 -29.03
CA ASN A 196 15.64 -34.55 -29.40
C ASN A 196 14.84 -35.01 -28.18
N LEU A 197 15.53 -35.28 -27.08
CA LEU A 197 14.84 -35.64 -25.84
C LEU A 197 13.99 -34.47 -25.34
N LEU A 198 14.47 -33.24 -25.55
CA LEU A 198 13.68 -32.06 -25.21
C LEU A 198 12.40 -32.06 -26.03
N ASP A 199 12.50 -32.35 -27.32
CA ASP A 199 11.32 -32.45 -28.17
C ASP A 199 10.35 -33.49 -27.62
N PHE A 200 10.87 -34.66 -27.27
CA PHE A 200 10.00 -35.74 -26.79
C PHE A 200 9.28 -35.34 -25.51
N ILE A 201 10.02 -34.81 -24.54
CA ILE A 201 9.41 -34.45 -23.26
C ILE A 201 8.39 -33.32 -23.45
N ILE A 202 8.71 -32.35 -24.30
CA ILE A 202 7.80 -31.24 -24.52
C ILE A 202 6.50 -31.76 -25.13
N VAL A 203 6.63 -32.71 -26.04
CA VAL A 203 5.44 -33.26 -26.62
C VAL A 203 4.68 -34.10 -25.66
N VAL A 204 5.38 -34.92 -24.89
CA VAL A 204 4.68 -35.77 -23.97
C VAL A 204 3.88 -34.94 -23.02
N VAL A 205 4.53 -34.00 -22.38
CA VAL A 205 3.90 -33.23 -21.36
C VAL A 205 2.78 -32.55 -22.01
N GLY A 206 3.04 -32.06 -23.19
CA GLY A 206 2.03 -31.34 -23.91
C GLY A 206 0.76 -32.09 -24.11
N LEU A 207 0.67 -32.81 -25.21
CA LEU A 207 -0.57 -33.50 -25.52
C LEU A 207 -1.18 -33.93 -24.23
N PHE A 208 -0.39 -34.60 -23.41
CA PHE A 208 -0.87 -35.00 -22.12
C PHE A 208 -1.66 -33.90 -21.47
N SER A 209 -0.95 -32.93 -20.91
CA SER A 209 -1.62 -31.85 -20.22
C SER A 209 -2.93 -31.52 -20.86
N ALA A 210 -2.91 -31.25 -22.15
CA ALA A 210 -4.13 -30.82 -22.77
C ALA A 210 -5.19 -31.84 -22.61
N ILE A 211 -5.02 -32.97 -23.26
CA ILE A 211 -6.05 -33.98 -23.22
C ILE A 211 -6.50 -34.22 -21.81
N LEU A 212 -5.57 -34.25 -20.88
CA LEU A 212 -5.97 -34.37 -19.49
C LEU A 212 -6.98 -33.31 -19.25
N GLU A 213 -6.54 -32.06 -19.27
CA GLU A 213 -7.47 -30.95 -19.07
C GLU A 213 -8.59 -30.96 -20.08
N GLN A 214 -8.47 -31.73 -21.16
CA GLN A 214 -9.49 -31.70 -22.20
C GLN A 214 -10.86 -31.86 -21.62
N ALA A 215 -10.99 -32.84 -20.75
CA ALA A 215 -12.28 -33.04 -20.13
C ALA A 215 -12.34 -32.26 -18.85
N THR A 216 -11.19 -32.01 -18.24
CA THR A 216 -11.24 -31.38 -16.94
C THR A 216 -12.14 -30.18 -16.88
N LYS A 217 -12.32 -29.47 -17.99
CA LYS A 217 -13.16 -28.26 -17.82
C LYS A 217 -14.67 -28.53 -17.65
N ASP A 232 -5.88 -26.27 -13.77
CA ASP A 232 -4.72 -25.83 -13.01
C ASP A 232 -3.48 -26.20 -13.78
N VAL A 233 -3.50 -25.95 -15.07
CA VAL A 233 -2.38 -26.32 -15.89
C VAL A 233 -1.19 -25.70 -15.26
N LYS A 234 -1.17 -24.37 -15.25
CA LYS A 234 -0.02 -23.67 -14.74
C LYS A 234 1.15 -24.56 -14.96
N ALA A 235 1.68 -25.12 -13.90
CA ALA A 235 2.88 -25.92 -14.04
C ALA A 235 2.79 -26.84 -15.28
N LEU A 236 1.76 -27.64 -15.39
CA LEU A 236 1.69 -28.55 -16.50
C LEU A 236 1.82 -27.84 -17.85
N ARG A 237 1.54 -26.54 -17.89
CA ARG A 237 1.61 -25.80 -19.14
C ARG A 237 2.61 -24.71 -18.99
N ALA A 238 3.55 -24.90 -18.09
CA ALA A 238 4.58 -23.93 -17.94
C ALA A 238 5.78 -24.59 -18.45
N PHE A 239 5.59 -25.70 -19.13
CA PHE A 239 6.74 -26.35 -19.74
C PHE A 239 6.93 -25.86 -21.16
N ARG A 240 5.85 -25.46 -21.82
CA ARG A 240 5.97 -25.06 -23.22
C ARG A 240 6.93 -23.90 -23.40
N VAL A 241 7.37 -23.28 -22.32
CA VAL A 241 8.34 -22.18 -22.42
C VAL A 241 9.72 -22.76 -22.67
N LEU A 242 9.80 -24.09 -22.71
CA LEU A 242 11.02 -24.80 -23.10
C LEU A 242 11.12 -25.02 -24.60
N ARG A 243 10.04 -24.79 -25.34
CA ARG A 243 10.05 -24.92 -26.79
C ARG A 243 11.07 -23.98 -27.44
N PRO A 244 11.21 -22.72 -27.00
CA PRO A 244 12.25 -21.87 -27.60
C PRO A 244 13.67 -22.39 -27.45
N LEU A 245 13.87 -23.46 -26.67
CA LEU A 245 15.16 -24.14 -26.70
C LEU A 245 15.42 -24.82 -28.04
N ARG A 246 14.36 -25.24 -28.73
CA ARG A 246 14.54 -25.77 -30.07
C ARG A 246 15.04 -24.72 -31.04
N LEU A 247 14.89 -23.43 -30.71
CA LEU A 247 15.52 -22.39 -31.52
C LEU A 247 17.04 -22.52 -31.47
N VAL A 248 17.59 -22.80 -30.30
CA VAL A 248 19.00 -23.10 -30.14
C VAL A 248 19.31 -24.42 -30.84
N SER A 249 18.48 -25.43 -30.60
CA SER A 249 18.75 -26.79 -31.05
C SER A 249 18.84 -26.89 -32.57
N GLY A 250 17.84 -26.35 -33.27
CA GLY A 250 17.81 -26.43 -34.72
C GLY A 250 18.88 -25.59 -35.39
N VAL A 251 18.87 -24.28 -35.12
CA VAL A 251 19.83 -23.36 -35.74
C VAL A 251 21.22 -23.66 -35.18
N PRO A 252 22.20 -23.95 -36.03
CA PRO A 252 23.54 -24.29 -35.52
C PRO A 252 24.45 -23.07 -35.39
N SER A 253 23.88 -21.88 -35.56
CA SER A 253 24.67 -20.66 -35.50
C SER A 253 25.05 -20.27 -34.07
N LEU A 254 24.17 -20.48 -33.10
CA LEU A 254 24.49 -20.24 -31.69
C LEU A 254 24.62 -21.52 -30.89
N GLN A 255 24.36 -22.68 -31.48
CA GLN A 255 24.59 -23.94 -30.82
C GLN A 255 26.06 -24.13 -30.46
N VAL A 256 26.97 -23.63 -31.30
CA VAL A 256 28.41 -23.64 -31.01
C VAL A 256 28.75 -22.68 -29.87
N VAL A 257 28.06 -21.54 -29.79
CA VAL A 257 28.25 -20.63 -28.67
C VAL A 257 27.82 -21.31 -27.38
N LEU A 258 26.72 -22.06 -27.45
CA LEU A 258 26.29 -22.81 -26.28
C LEU A 258 27.32 -23.88 -25.87
N ASN A 259 27.95 -24.61 -26.78
CA ASN A 259 29.02 -25.53 -26.40
C ASN A 259 30.23 -24.82 -25.84
N SER A 260 30.60 -23.66 -26.38
CA SER A 260 31.70 -22.88 -25.83
C SER A 260 31.40 -22.46 -24.40
N ILE A 261 30.18 -22.00 -24.16
CA ILE A 261 29.74 -21.56 -22.83
C ILE A 261 29.82 -22.74 -21.87
N ILE A 262 29.30 -23.89 -22.30
CA ILE A 262 29.24 -25.07 -21.46
C ILE A 262 30.66 -25.60 -21.22
N LYS A 263 31.49 -25.60 -22.26
CA LYS A 263 32.84 -26.10 -22.14
C LYS A 263 33.77 -25.14 -21.40
N ALA A 264 33.36 -23.90 -21.17
CA ALA A 264 34.14 -22.98 -20.35
C ALA A 264 33.80 -23.08 -18.86
N MET A 265 32.62 -23.62 -18.52
CA MET A 265 32.23 -23.73 -17.12
C MET A 265 32.80 -24.97 -16.45
N VAL A 266 33.31 -25.92 -17.24
CA VAL A 266 33.83 -27.18 -16.72
C VAL A 266 34.94 -26.94 -15.70
N PRO A 267 35.93 -26.05 -15.95
CA PRO A 267 36.95 -25.81 -14.91
C PRO A 267 36.38 -25.23 -13.64
N LEU A 268 35.48 -24.24 -13.75
CA LEU A 268 34.95 -23.59 -12.56
C LEU A 268 33.77 -24.37 -11.97
N LEU A 269 33.94 -25.67 -11.81
CA LEU A 269 33.04 -26.48 -10.99
C LEU A 269 33.61 -26.68 -9.59
N HIS A 270 34.93 -26.61 -9.45
CA HIS A 270 35.56 -26.59 -8.14
C HIS A 270 35.15 -25.35 -7.37
N ILE A 271 34.82 -24.27 -8.09
CA ILE A 271 34.45 -23.01 -7.47
C ILE A 271 32.96 -23.05 -7.10
N ALA A 272 32.20 -23.91 -7.79
CA ALA A 272 30.80 -24.09 -7.44
C ALA A 272 30.66 -25.12 -6.32
N LEU A 273 31.68 -25.95 -6.15
CA LEU A 273 31.77 -26.83 -4.99
C LEU A 273 32.30 -26.13 -3.75
N LEU A 274 32.83 -24.91 -3.89
CA LEU A 274 33.30 -24.12 -2.76
C LEU A 274 32.33 -23.00 -2.41
N VAL A 275 31.59 -22.47 -3.36
CA VAL A 275 30.68 -21.43 -2.93
C VAL A 275 29.70 -22.14 -2.03
N LEU A 276 29.34 -23.35 -2.43
CA LEU A 276 28.42 -24.15 -1.67
C LEU A 276 28.97 -24.45 -0.30
N PHE A 277 30.25 -24.79 -0.18
CA PHE A 277 30.78 -25.07 1.14
C PHE A 277 30.73 -23.86 2.03
N VAL A 278 31.10 -22.71 1.52
CA VAL A 278 31.05 -21.53 2.36
C VAL A 278 29.63 -21.31 2.79
N ILE A 279 28.68 -21.44 1.88
CA ILE A 279 27.30 -21.20 2.27
C ILE A 279 26.88 -22.16 3.36
N ILE A 280 27.19 -23.43 3.20
CA ILE A 280 26.77 -24.39 4.19
C ILE A 280 27.41 -24.10 5.52
N ILE A 281 28.69 -23.80 5.56
CA ILE A 281 29.33 -23.58 6.84
C ILE A 281 28.70 -22.38 7.49
N TYR A 282 28.45 -21.34 6.70
CA TYR A 282 27.84 -20.16 7.26
C TYR A 282 26.43 -20.34 7.71
N ALA A 283 25.67 -21.13 6.99
CA ALA A 283 24.29 -21.32 7.38
C ALA A 283 24.30 -22.06 8.67
N ILE A 284 25.12 -23.10 8.75
CA ILE A 284 25.14 -23.87 9.98
C ILE A 284 25.62 -23.06 11.16
N ILE A 285 26.63 -22.23 10.97
CA ILE A 285 27.13 -21.45 12.08
C ILE A 285 26.04 -20.52 12.49
N GLY A 286 25.39 -19.93 11.52
CA GLY A 286 24.35 -18.98 11.79
C GLY A 286 23.14 -19.49 12.49
N LEU A 287 22.60 -20.63 12.06
CA LEU A 287 21.42 -21.04 12.80
C LEU A 287 21.77 -21.27 14.24
N GLU A 288 23.01 -21.70 14.50
CA GLU A 288 23.48 -21.96 15.86
C GLU A 288 23.53 -20.76 16.78
N LEU A 289 23.93 -19.59 16.29
CA LEU A 289 23.99 -18.44 17.17
C LEU A 289 22.79 -17.52 17.16
N PHE A 290 22.31 -17.14 15.97
CA PHE A 290 21.20 -16.21 15.86
C PHE A 290 19.82 -16.76 15.62
N MET A 291 19.64 -18.05 15.63
CA MET A 291 18.32 -18.54 15.32
C MET A 291 17.32 -18.46 16.43
N GLY A 292 16.17 -17.90 16.11
CA GLY A 292 15.10 -17.76 17.05
C GLY A 292 15.18 -16.55 17.94
N LYS A 293 16.14 -15.68 17.71
CA LYS A 293 16.25 -14.49 18.54
C LYS A 293 15.65 -13.26 17.92
N MET A 294 15.19 -13.39 16.70
CA MET A 294 14.66 -12.28 15.98
C MET A 294 13.18 -12.14 16.07
N HIS A 295 12.53 -12.86 16.97
CA HIS A 295 11.09 -12.78 17.07
C HIS A 295 10.43 -11.75 17.94
N LYS A 296 11.11 -10.82 18.54
CA LYS A 296 10.41 -9.85 19.32
C LYS A 296 10.21 -8.65 18.51
N THR A 297 9.58 -7.62 19.03
CA THR A 297 9.44 -6.38 18.32
C THR A 297 8.69 -5.49 19.18
N CYS A 298 9.06 -4.22 19.23
CA CYS A 298 8.41 -3.28 20.10
C CYS A 298 7.00 -3.45 19.80
N TYR A 299 6.22 -4.13 20.63
CA TYR A 299 4.84 -4.49 20.25
C TYR A 299 3.69 -3.70 20.73
N ASN A 300 3.87 -2.50 21.25
CA ASN A 300 2.66 -1.80 21.70
C ASN A 300 2.82 -0.41 22.14
N GLN A 301 1.76 0.10 22.74
CA GLN A 301 1.85 1.44 23.30
C GLN A 301 1.17 1.33 24.63
N GLU A 302 1.61 0.37 25.44
CA GLU A 302 0.96 0.13 26.72
C GLU A 302 -0.55 0.29 26.56
N GLY A 303 -1.13 -0.40 25.58
CA GLY A 303 -2.58 -0.35 25.35
C GLY A 303 -2.99 -1.73 24.92
N ILE A 304 -3.18 -1.96 23.61
CA ILE A 304 -3.51 -3.29 23.10
C ILE A 304 -3.61 -3.36 21.57
N ALA A 305 -2.56 -3.82 20.91
CA ALA A 305 -2.58 -3.93 19.46
C ALA A 305 -1.41 -4.67 18.84
N ASP A 306 -0.82 -4.10 17.79
CA ASP A 306 0.25 -4.78 17.07
C ASP A 306 1.51 -3.99 16.95
N VAL A 307 2.53 -4.56 16.33
CA VAL A 307 3.78 -3.91 16.21
C VAL A 307 3.48 -2.50 15.88
N PRO A 308 3.92 -1.58 16.72
CA PRO A 308 3.71 -0.16 16.43
C PRO A 308 4.88 0.41 15.77
N ALA A 309 6.05 0.02 16.18
CA ALA A 309 7.27 0.57 15.64
C ALA A 309 7.03 1.03 14.25
N GLU A 310 6.62 2.28 14.13
CA GLU A 310 6.34 2.83 12.82
C GLU A 310 5.85 1.70 12.00
N ASP A 311 6.59 1.39 10.98
CA ASP A 311 6.24 0.26 10.21
C ASP A 311 7.40 -0.59 10.51
N ASP A 312 8.54 -0.21 9.96
CA ASP A 312 9.71 -1.01 10.13
C ASP A 312 9.70 -1.54 11.50
N PRO A 313 9.54 -2.84 11.61
CA PRO A 313 9.67 -3.40 12.92
C PRO A 313 11.07 -4.00 12.90
N SER A 314 11.84 -3.91 13.98
CA SER A 314 13.16 -4.44 13.92
C SER A 314 13.37 -5.10 15.21
N PRO A 315 13.90 -6.30 15.18
CA PRO A 315 14.00 -7.05 16.40
C PRO A 315 14.33 -6.17 17.54
N CYS A 316 13.72 -6.36 18.69
CA CYS A 316 13.94 -5.50 19.82
C CYS A 316 14.35 -6.39 20.86
N ALA A 317 14.84 -5.89 21.97
CA ALA A 317 15.34 -6.84 22.96
C ALA A 317 14.90 -6.45 24.34
N LEU A 318 14.56 -7.44 25.15
CA LEU A 318 14.01 -7.15 26.45
C LEU A 318 14.98 -6.37 27.22
N GLU A 319 14.56 -5.88 28.37
CA GLU A 319 15.46 -5.03 29.11
C GLU A 319 16.65 -5.81 29.67
N THR A 320 17.00 -6.93 29.04
CA THR A 320 18.18 -7.67 29.45
C THR A 320 18.67 -8.54 28.31
N GLY A 321 19.47 -7.96 27.42
CA GLY A 321 20.03 -8.71 26.29
C GLY A 321 20.87 -7.74 25.50
N HIS A 322 21.05 -6.54 26.03
CA HIS A 322 21.80 -5.48 25.36
C HIS A 322 21.42 -5.19 23.90
N GLY A 323 20.37 -5.78 23.39
CA GLY A 323 19.96 -5.50 22.04
C GLY A 323 19.36 -4.14 21.97
N ARG A 324 18.48 -3.86 21.03
CA ARG A 324 17.84 -2.56 21.07
C ARG A 324 17.05 -2.54 22.32
N GLN A 325 16.88 -1.38 22.92
CA GLN A 325 16.01 -1.32 24.08
C GLN A 325 14.87 -0.52 23.58
N CYS A 326 13.65 -0.83 23.98
CA CYS A 326 12.57 -0.06 23.39
C CYS A 326 12.20 1.12 24.27
N GLN A 327 11.91 2.27 23.67
CA GLN A 327 11.64 3.51 24.37
C GLN A 327 10.21 3.93 24.51
N ASN A 328 9.99 5.16 24.92
CA ASN A 328 8.64 5.69 25.02
C ASN A 328 7.76 4.83 25.88
N GLY A 329 6.58 4.54 25.37
CA GLY A 329 5.67 3.70 26.08
C GLY A 329 5.53 2.46 25.26
N THR A 330 6.61 2.04 24.64
CA THR A 330 6.56 0.84 23.88
C THR A 330 7.02 -0.29 24.75
N VAL A 331 6.69 -1.52 24.40
CA VAL A 331 7.10 -2.67 25.17
C VAL A 331 7.53 -3.77 24.25
N CYS A 332 8.59 -4.47 24.62
CA CYS A 332 9.05 -5.58 23.82
C CYS A 332 8.37 -6.81 24.28
N LYS A 333 7.96 -7.64 23.35
CA LYS A 333 7.25 -8.84 23.70
C LYS A 333 7.26 -9.79 22.57
N PRO A 334 7.20 -11.08 22.85
CA PRO A 334 7.35 -12.01 21.75
C PRO A 334 6.28 -11.87 20.72
N GLY A 335 6.45 -12.49 19.56
CA GLY A 335 5.46 -12.44 18.49
C GLY A 335 5.94 -12.27 17.07
N TRP A 336 5.95 -11.04 16.60
CA TRP A 336 6.47 -10.73 15.27
C TRP A 336 6.95 -11.91 14.47
N ASP A 337 6.17 -12.34 13.49
CA ASP A 337 6.56 -13.47 12.72
C ASP A 337 8.01 -13.39 12.46
N GLY A 338 8.46 -12.27 11.98
CA GLY A 338 9.85 -12.22 11.63
C GLY A 338 10.40 -10.87 11.36
N PRO A 339 11.57 -10.82 10.79
CA PRO A 339 12.19 -9.60 10.54
C PRO A 339 11.53 -9.06 9.39
N LYS A 340 11.20 -9.87 8.43
CA LYS A 340 10.59 -9.44 7.17
C LYS A 340 9.66 -10.49 6.58
N HIS A 341 8.55 -10.72 7.26
CA HIS A 341 7.60 -11.71 6.85
C HIS A 341 8.14 -13.08 7.18
N GLY A 342 9.24 -13.12 7.91
CA GLY A 342 9.84 -14.36 8.33
C GLY A 342 10.82 -14.95 7.36
N ILE A 343 11.03 -14.33 6.23
CA ILE A 343 11.95 -14.88 5.26
C ILE A 343 13.39 -14.42 5.37
N THR A 344 13.70 -13.59 6.33
CA THR A 344 15.07 -13.17 6.53
C THR A 344 15.49 -13.48 7.95
N ASN A 345 15.34 -14.73 8.34
CA ASN A 345 15.70 -15.14 9.69
C ASN A 345 16.51 -16.42 9.65
N PHE A 346 17.39 -16.59 10.62
CA PHE A 346 18.21 -17.78 10.67
C PHE A 346 17.44 -18.89 11.33
N ASP A 347 16.21 -18.60 11.74
CA ASP A 347 15.38 -19.63 12.32
C ASP A 347 15.26 -20.69 11.28
N ASN A 348 15.29 -21.95 11.70
CA ASN A 348 15.26 -23.04 10.74
C ASN A 348 16.51 -23.01 9.89
N PHE A 349 16.81 -24.12 9.27
CA PHE A 349 17.99 -24.20 8.44
C PHE A 349 17.80 -23.64 7.05
N ALA A 350 16.72 -23.97 6.35
CA ALA A 350 16.56 -23.49 4.98
C ALA A 350 16.51 -22.00 4.89
N PHE A 351 15.79 -21.37 5.79
CA PHE A 351 15.75 -19.94 5.78
C PHE A 351 17.16 -19.51 5.99
N ALA A 352 17.90 -20.24 6.79
CA ALA A 352 19.28 -19.87 7.07
C ALA A 352 20.17 -19.93 5.87
N MET A 353 20.12 -21.00 5.10
CA MET A 353 20.98 -21.10 3.96
C MET A 353 20.64 -20.02 3.00
N LEU A 354 19.36 -19.82 2.77
CA LEU A 354 18.94 -18.81 1.85
C LEU A 354 19.35 -17.45 2.30
N THR A 355 19.26 -17.15 3.59
CA THR A 355 19.63 -15.84 4.05
C THR A 355 21.06 -15.63 3.81
N VAL A 356 21.87 -16.64 4.10
CA VAL A 356 23.30 -16.45 3.87
C VAL A 356 23.50 -16.21 2.41
N PHE A 357 22.82 -16.94 1.54
CA PHE A 357 23.04 -16.72 0.12
C PHE A 357 22.64 -15.36 -0.34
N GLN A 358 21.49 -14.87 0.06
CA GLN A 358 21.08 -13.54 -0.40
C GLN A 358 22.11 -12.59 0.10
N CYS A 359 22.60 -12.88 1.29
CA CYS A 359 23.59 -12.10 1.95
C CYS A 359 24.97 -11.99 1.34
N ILE A 360 25.48 -13.03 0.71
CA ILE A 360 26.82 -12.99 0.11
C ILE A 360 26.79 -12.29 -1.24
N THR A 361 25.62 -12.21 -1.86
CA THR A 361 25.50 -11.56 -3.15
C THR A 361 25.54 -10.06 -2.96
N MET A 362 25.87 -9.62 -1.75
CA MET A 362 25.99 -8.20 -1.47
C MET A 362 24.71 -7.47 -1.84
N GLU A 363 23.57 -8.04 -1.46
CA GLU A 363 22.30 -7.38 -1.72
C GLU A 363 21.55 -7.24 -0.40
N GLY A 364 21.98 -6.29 0.42
CA GLY A 364 21.33 -6.09 1.70
C GLY A 364 22.01 -6.89 2.79
N TRP A 365 23.33 -6.84 2.84
CA TRP A 365 24.07 -7.58 3.84
C TRP A 365 24.04 -6.71 5.06
N THR A 366 24.09 -5.40 4.86
CA THR A 366 24.04 -4.49 5.98
C THR A 366 22.72 -4.66 6.69
N ASP A 367 21.62 -4.82 5.97
CA ASP A 367 20.33 -4.96 6.65
C ASP A 367 20.18 -6.18 7.54
N VAL A 368 20.63 -7.33 7.08
CA VAL A 368 20.53 -8.52 7.91
C VAL A 368 21.37 -8.23 9.12
N LEU A 369 22.52 -7.61 8.90
CA LEU A 369 23.41 -7.35 10.00
C LEU A 369 22.76 -6.46 11.02
N TYR A 370 22.07 -5.42 10.58
CA TYR A 370 21.41 -4.55 11.53
C TYR A 370 20.31 -5.23 12.31
N TRP A 371 19.53 -6.08 11.64
CA TRP A 371 18.48 -6.77 12.39
C TRP A 371 19.15 -7.63 13.44
N VAL A 372 20.19 -8.36 13.06
CA VAL A 372 20.90 -9.21 14.01
C VAL A 372 21.51 -8.38 15.12
N ASN A 373 22.07 -7.23 14.76
CA ASN A 373 22.69 -6.36 15.75
C ASN A 373 21.66 -5.91 16.75
N ASP A 374 20.44 -5.63 16.28
CA ASP A 374 19.39 -5.19 17.18
C ASP A 374 19.00 -6.26 18.19
N ALA A 375 18.84 -7.48 17.71
CA ALA A 375 18.43 -8.61 18.55
C ALA A 375 19.39 -9.13 19.62
N VAL A 376 20.67 -9.31 19.28
CA VAL A 376 21.65 -9.86 20.20
C VAL A 376 22.76 -8.95 20.70
N GLY A 377 22.66 -7.65 20.49
CA GLY A 377 23.71 -6.76 20.94
C GLY A 377 24.68 -6.58 19.79
N ARG A 378 25.51 -5.55 19.84
CA ARG A 378 26.45 -5.28 18.75
C ARG A 378 27.89 -5.77 18.83
N ASP A 379 28.30 -6.36 19.95
CA ASP A 379 29.70 -6.79 20.06
C ASP A 379 30.24 -7.89 19.12
N TRP A 380 29.50 -8.98 18.94
CA TRP A 380 30.00 -10.04 18.09
C TRP A 380 29.24 -10.39 16.82
N PRO A 381 28.07 -9.67 16.56
CA PRO A 381 27.39 -10.05 15.32
C PRO A 381 28.19 -9.78 14.05
N TRP A 382 28.86 -8.64 14.04
CA TRP A 382 29.62 -8.14 12.89
C TRP A 382 30.74 -9.00 12.38
N ILE A 383 31.48 -9.67 13.26
CA ILE A 383 32.60 -10.45 12.78
C ILE A 383 32.08 -11.46 11.79
N TYR A 384 30.98 -12.11 12.13
CA TYR A 384 30.48 -13.12 11.24
C TYR A 384 30.14 -12.56 9.88
N PHE A 385 29.56 -11.37 9.79
CA PHE A 385 29.30 -10.85 8.42
C PHE A 385 30.54 -10.35 7.71
N VAL A 386 31.31 -9.42 8.24
CA VAL A 386 32.48 -8.99 7.54
C VAL A 386 33.12 -10.19 6.94
N THR A 387 33.47 -11.21 7.69
CA THR A 387 33.99 -12.44 7.09
C THR A 387 33.14 -12.93 5.93
N LEU A 388 31.95 -13.48 6.16
CA LEU A 388 31.07 -13.88 5.03
C LEU A 388 31.32 -13.04 3.85
N ILE A 389 31.41 -11.72 3.97
CA ILE A 389 31.61 -10.96 2.74
C ILE A 389 33.01 -11.06 2.14
N ILE A 390 34.03 -10.84 2.97
CA ILE A 390 35.40 -10.89 2.51
C ILE A 390 35.80 -12.27 2.04
N ILE A 391 35.40 -13.30 2.76
CA ILE A 391 35.73 -14.65 2.36
C ILE A 391 34.71 -15.23 1.41
N GLY A 392 33.54 -14.59 1.34
CA GLY A 392 32.49 -15.08 0.49
C GLY A 392 32.36 -14.44 -0.87
N SER A 393 32.49 -13.13 -0.93
CA SER A 393 32.35 -12.45 -2.21
C SER A 393 33.67 -12.00 -2.83
N PHE A 394 34.47 -11.23 -2.09
CA PHE A 394 35.69 -10.78 -2.72
C PHE A 394 36.58 -11.95 -3.09
N PHE A 395 36.80 -12.87 -2.16
CA PHE A 395 37.66 -13.99 -2.47
C PHE A 395 37.07 -14.90 -3.55
N VAL A 396 35.81 -15.27 -3.39
CA VAL A 396 35.13 -16.13 -4.35
C VAL A 396 34.98 -15.46 -5.71
N LEU A 397 34.75 -14.16 -5.71
CA LEU A 397 34.57 -13.42 -6.94
C LEU A 397 35.82 -13.48 -7.81
N ASN A 398 36.97 -13.39 -7.18
CA ASN A 398 38.23 -13.42 -7.91
C ASN A 398 38.49 -14.72 -8.65
N LEU A 399 38.13 -15.84 -8.04
CA LEU A 399 38.38 -17.14 -8.65
C LEU A 399 37.65 -17.32 -9.96
N VAL A 400 36.41 -16.88 -10.02
CA VAL A 400 35.64 -17.03 -11.25
C VAL A 400 36.32 -16.21 -12.34
N LEU A 401 36.74 -15.01 -12.01
CA LEU A 401 37.40 -14.16 -12.99
C LEU A 401 38.70 -14.82 -13.41
N GLY A 402 39.44 -15.33 -12.44
CA GLY A 402 40.69 -15.96 -12.75
C GLY A 402 40.47 -17.18 -13.61
N VAL A 403 39.49 -18.00 -13.25
CA VAL A 403 39.22 -19.17 -14.05
C VAL A 403 38.70 -18.81 -15.44
N LEU A 404 37.78 -17.86 -15.52
CA LEU A 404 37.25 -17.47 -16.82
C LEU A 404 38.29 -16.84 -17.72
N SER A 405 39.08 -15.91 -17.18
CA SER A 405 40.08 -15.23 -17.98
C SER A 405 41.12 -16.19 -18.52
N GLY A 406 41.54 -17.14 -17.71
CA GLY A 406 42.53 -18.09 -18.16
C GLY A 406 41.98 -18.84 -19.35
N GLU A 407 40.71 -19.21 -19.28
CA GLU A 407 40.08 -19.90 -20.39
C GLU A 407 40.02 -19.06 -21.66
N PHE A 408 39.75 -17.77 -21.52
CA PHE A 408 39.68 -16.90 -22.69
C PHE A 408 41.01 -16.84 -23.41
N SER A 409 42.07 -16.72 -22.62
CA SER A 409 43.43 -16.63 -23.13
C SER A 409 43.76 -17.88 -23.90
N LYS A 410 43.28 -19.03 -23.47
CA LYS A 410 43.56 -20.24 -24.21
C LYS A 410 42.92 -20.09 -25.59
N GLU A 411 41.68 -19.60 -25.59
CA GLU A 411 40.94 -19.37 -26.83
C GLU A 411 41.59 -18.30 -27.68
N ARG A 412 42.07 -17.25 -27.02
CA ARG A 412 42.72 -16.16 -27.71
C ARG A 412 43.95 -16.72 -28.41
N GLU A 413 44.64 -17.61 -27.72
CA GLU A 413 45.84 -18.25 -28.24
C GLU A 413 45.52 -19.10 -29.45
N LYS A 414 44.43 -19.85 -29.39
CA LYS A 414 44.05 -20.68 -30.52
C LYS A 414 43.75 -19.76 -31.71
N ALA A 415 43.12 -18.63 -31.41
CA ALA A 415 42.76 -17.63 -32.42
C ALA A 415 44.00 -17.04 -33.06
N LYS A 416 45.03 -16.79 -32.25
CA LYS A 416 46.29 -16.25 -32.74
C LYS A 416 46.96 -17.29 -33.63
N ALA A 417 46.74 -18.55 -33.28
CA ALA A 417 47.28 -19.69 -34.02
C ALA A 417 46.74 -19.63 -35.43
N ARG A 418 45.50 -19.14 -35.53
CA ARG A 418 44.80 -18.94 -36.79
C ARG A 418 45.54 -17.92 -37.65
N GLY A 419 46.13 -16.90 -37.02
CA GLY A 419 46.83 -15.87 -37.75
C GLY A 419 45.96 -14.70 -38.18
N ASP A 420 44.79 -14.61 -37.58
CA ASP A 420 43.82 -13.56 -37.89
C ASP A 420 44.32 -12.13 -37.63
N PHE A 421 45.06 -11.93 -36.54
CA PHE A 421 45.54 -10.58 -36.21
C PHE A 421 46.43 -10.06 -37.34
N GLN A 422 47.30 -10.91 -37.84
CA GLN A 422 48.18 -10.59 -38.96
C GLN A 422 47.35 -10.28 -40.20
N LYS A 423 46.32 -11.08 -40.43
CA LYS A 423 45.42 -10.86 -41.56
C LYS A 423 44.68 -9.54 -41.44
N LEU A 424 44.25 -9.19 -40.23
CA LEU A 424 43.58 -7.90 -40.03
C LEU A 424 44.53 -6.73 -40.28
N ARG A 425 45.78 -6.87 -39.84
CA ARG A 425 46.79 -5.85 -40.15
C ARG A 425 47.00 -5.73 -41.65
N GLU A 426 47.02 -6.86 -42.36
CA GLU A 426 47.12 -6.84 -43.80
C GLU A 426 45.90 -6.17 -44.43
N LYS A 427 44.72 -6.38 -43.86
CA LYS A 427 43.55 -5.68 -44.40
C LYS A 427 43.66 -4.16 -44.21
N GLN A 428 44.16 -3.71 -43.06
CA GLN A 428 44.33 -2.27 -42.90
C GLN A 428 45.41 -1.75 -43.85
N GLN A 429 46.46 -2.52 -44.09
CA GLN A 429 47.48 -2.09 -45.05
C GLN A 429 46.89 -2.02 -46.45
N LEU A 430 45.96 -2.94 -46.78
CA LEU A 430 45.22 -2.80 -48.02
C LEU A 430 44.41 -1.50 -48.05
N GLU A 431 43.79 -1.15 -46.92
CA GLU A 431 43.01 0.08 -46.87
C GLU A 431 43.88 1.30 -47.14
N GLU A 432 45.03 1.38 -46.50
CA GLU A 432 45.93 2.50 -46.76
C GLU A 432 46.49 2.42 -48.18
N ASP A 433 46.55 1.23 -48.77
CA ASP A 433 46.92 1.15 -50.18
C ASP A 433 45.87 1.76 -51.09
N LEU A 434 44.59 1.45 -50.85
CA LEU A 434 43.57 2.07 -51.69
C LEU A 434 43.56 3.58 -51.49
N LYS A 435 43.82 4.06 -50.28
CA LYS A 435 43.92 5.52 -50.12
C LYS A 435 45.14 6.10 -50.83
N GLY A 436 46.31 5.47 -50.65
CA GLY A 436 47.56 5.97 -51.19
C GLY A 436 47.65 5.93 -52.69
N TYR A 437 46.84 5.08 -53.33
CA TYR A 437 46.72 5.11 -54.77
C TYR A 437 45.38 5.70 -55.21
N LEU A 438 44.51 6.02 -54.25
CA LEU A 438 43.35 6.87 -54.54
C LEU A 438 43.83 8.29 -54.85
N ASP A 439 44.82 8.76 -54.10
CA ASP A 439 45.46 10.01 -54.49
C ASP A 439 46.12 9.89 -55.85
N TRP A 440 46.60 8.69 -56.21
CA TRP A 440 47.22 8.51 -57.52
C TRP A 440 46.19 8.57 -58.65
N ILE A 441 45.04 7.91 -58.48
CA ILE A 441 44.02 8.03 -59.52
C ILE A 441 43.46 9.45 -59.54
N THR A 442 43.50 10.16 -58.41
CA THR A 442 43.18 11.58 -58.39
C THR A 442 44.15 12.37 -59.26
N GLN A 443 45.43 12.04 -59.17
CA GLN A 443 46.44 12.70 -60.00
C GLN A 443 46.38 12.22 -61.44
N ALA A 444 45.68 11.10 -61.68
CA ALA A 444 45.64 10.53 -63.01
C ALA A 444 45.03 11.49 -64.03
N GLU A 445 44.14 12.38 -63.58
CA GLU A 445 43.57 13.39 -64.46
C GLU A 445 44.43 14.63 -64.57
N ASP A 446 45.56 14.69 -63.87
CA ASP A 446 46.49 15.80 -64.05
C ASP A 446 47.10 15.79 -65.44
N ILE A 447 47.38 14.60 -65.98
CA ILE A 447 47.88 14.45 -67.33
C ILE A 447 46.67 14.35 -68.27
N ASP A 448 45.47 14.52 -67.71
CA ASP A 448 44.24 14.49 -68.50
C ASP A 448 43.38 15.72 -68.22
N PRO A 449 43.89 16.95 -68.43
CA PRO A 449 43.03 18.10 -68.18
C PRO A 449 42.37 18.64 -69.45
N ASN A 510 36.16 21.70 -64.14
CA ASN A 510 36.92 20.69 -64.85
C ASN A 510 38.21 20.38 -64.14
N ARG A 511 39.30 20.31 -64.89
CA ARG A 511 40.59 20.01 -64.31
C ARG A 511 40.97 21.03 -63.26
N PHE A 512 40.73 22.31 -63.57
CA PHE A 512 41.08 23.36 -62.64
C PHE A 512 40.31 23.17 -61.35
N CYS A 513 39.01 22.94 -61.48
CA CYS A 513 38.19 22.77 -60.29
C CYS A 513 38.72 21.61 -59.47
N ARG A 514 39.05 20.52 -60.14
CA ARG A 514 39.56 19.36 -59.43
C ARG A 514 40.81 19.71 -58.65
N ARG A 515 41.78 20.33 -59.31
CA ARG A 515 43.02 20.66 -58.63
C ARG A 515 42.72 21.53 -57.41
N LYS A 516 41.84 22.51 -57.59
CA LYS A 516 41.49 23.41 -56.48
C LYS A 516 40.94 22.65 -55.30
N CYS A 517 39.94 21.81 -55.53
CA CYS A 517 39.32 21.09 -54.42
C CYS A 517 40.32 20.15 -53.78
N ARG A 518 41.22 19.58 -54.58
CA ARG A 518 42.24 18.71 -54.04
C ARG A 518 43.12 19.46 -53.05
N ALA A 519 43.61 20.60 -53.49
CA ALA A 519 44.43 21.41 -52.61
C ALA A 519 43.64 21.68 -51.35
N ALA A 520 42.38 22.06 -51.51
CA ALA A 520 41.55 22.41 -50.36
C ALA A 520 41.48 21.29 -49.35
N VAL A 521 41.03 20.11 -49.77
CA VAL A 521 40.86 19.04 -48.80
C VAL A 521 42.17 18.88 -48.06
N LYS A 522 43.28 19.03 -48.77
CA LYS A 522 44.58 18.93 -48.13
C LYS A 522 44.85 20.19 -47.32
N SER A 523 44.44 21.34 -47.84
CA SER A 523 44.69 22.60 -47.16
C SER A 523 44.00 22.62 -45.81
N ASN A 524 44.75 22.93 -44.77
CA ASN A 524 44.19 22.95 -43.43
C ASN A 524 43.10 24.00 -43.33
N VAL A 525 43.09 24.95 -44.25
CA VAL A 525 42.09 26.00 -44.22
C VAL A 525 40.72 25.38 -44.11
N PHE A 526 40.47 24.35 -44.91
CA PHE A 526 39.20 23.67 -44.83
C PHE A 526 39.08 22.97 -43.49
N TYR A 527 40.10 22.22 -43.10
CA TYR A 527 40.00 21.46 -41.84
C TYR A 527 39.61 22.29 -40.63
N TRP A 528 40.44 23.26 -40.27
CA TRP A 528 40.17 24.04 -39.08
C TRP A 528 38.82 24.72 -39.16
N LEU A 529 38.52 25.29 -40.33
CA LEU A 529 37.25 25.99 -40.50
C LEU A 529 36.07 25.08 -40.24
N VAL A 530 36.11 23.88 -40.84
CA VAL A 530 35.01 22.97 -40.67
C VAL A 530 34.91 22.49 -39.23
N ILE A 531 36.04 22.29 -38.56
CA ILE A 531 35.98 21.91 -37.15
C ILE A 531 35.28 23.00 -36.33
N PHE A 532 35.63 24.24 -36.62
CA PHE A 532 34.99 25.35 -35.94
C PHE A 532 33.49 25.31 -36.19
N LEU A 533 33.09 25.12 -37.44
CA LEU A 533 31.67 25.13 -37.74
C LEU A 533 30.98 24.02 -36.98
N VAL A 534 31.68 22.93 -36.78
CA VAL A 534 31.11 21.86 -35.98
C VAL A 534 30.76 22.34 -34.60
N PHE A 535 31.76 22.69 -33.82
CA PHE A 535 31.47 23.05 -32.45
C PHE A 535 30.37 24.10 -32.41
N LEU A 536 30.41 25.08 -33.29
CA LEU A 536 29.41 26.13 -33.20
C LEU A 536 28.05 25.52 -33.48
N ASN A 537 27.96 24.66 -34.47
CA ASN A 537 26.70 23.99 -34.73
C ASN A 537 26.37 23.18 -33.51
N THR A 538 27.35 22.48 -32.98
CA THR A 538 27.11 21.66 -31.83
C THR A 538 26.44 22.55 -30.87
N LEU A 539 27.01 23.73 -30.70
CA LEU A 539 26.39 24.68 -29.82
C LEU A 539 24.90 24.80 -30.08
N THR A 540 24.53 25.18 -31.29
CA THR A 540 23.13 25.42 -31.56
C THR A 540 22.31 24.37 -30.94
N ILE A 541 22.71 23.14 -31.13
CA ILE A 541 21.84 22.07 -30.66
C ILE A 541 21.65 22.16 -29.16
N ALA A 542 22.73 22.39 -28.43
CA ALA A 542 22.65 22.44 -26.98
C ALA A 542 21.88 23.66 -26.52
N SER A 543 21.83 24.68 -27.35
CA SER A 543 21.16 25.92 -26.98
C SER A 543 19.72 25.69 -26.53
N GLU A 544 19.05 24.73 -27.14
CA GLU A 544 17.64 24.50 -26.82
C GLU A 544 17.39 24.28 -25.34
N HIS A 545 16.46 25.03 -24.77
CA HIS A 545 16.09 24.84 -23.37
C HIS A 545 14.63 25.20 -23.20
N TYR A 546 13.94 24.50 -22.31
CA TYR A 546 12.52 24.73 -22.14
C TYR A 546 12.21 26.18 -21.81
N ASN A 547 10.99 26.60 -22.06
CA ASN A 547 10.60 27.97 -21.77
C ASN A 547 11.58 28.91 -22.44
N GLN A 548 12.05 28.55 -23.62
CA GLN A 548 13.01 29.37 -24.33
C GLN A 548 12.33 30.51 -25.06
N PRO A 549 12.89 31.71 -24.94
CA PRO A 549 12.34 32.86 -25.66
C PRO A 549 12.83 32.84 -27.09
N ASN A 550 12.22 33.65 -27.96
CA ASN A 550 12.70 33.72 -29.32
C ASN A 550 14.15 34.15 -29.30
N TRP A 551 14.54 34.89 -28.29
CA TRP A 551 15.95 35.27 -28.18
C TRP A 551 16.78 34.05 -28.44
N LEU A 552 16.32 32.90 -27.95
CA LEU A 552 17.03 31.65 -28.20
C LEU A 552 16.46 30.93 -29.41
N THR A 553 15.16 30.71 -29.42
CA THR A 553 14.55 29.97 -30.52
C THR A 553 14.85 30.62 -31.86
N GLU A 554 14.73 31.93 -31.95
CA GLU A 554 15.08 32.57 -33.20
C GLU A 554 16.49 32.22 -33.58
N VAL A 555 17.42 32.45 -32.65
CA VAL A 555 18.82 32.21 -32.93
C VAL A 555 19.10 30.80 -33.40
N GLN A 556 18.56 29.80 -32.72
CA GLN A 556 18.87 28.43 -33.08
C GLN A 556 18.45 28.17 -34.51
N ASP A 557 17.24 28.56 -34.85
CA ASP A 557 16.75 28.32 -36.19
C ASP A 557 17.67 29.01 -37.18
N THR A 558 17.94 30.29 -36.95
CA THR A 558 18.75 31.03 -37.89
C THR A 558 20.07 30.31 -38.13
N ALA A 559 20.71 29.85 -37.06
CA ALA A 559 21.99 29.17 -37.19
C ALA A 559 21.87 27.88 -37.99
N ASN A 560 20.97 27.01 -37.57
CA ASN A 560 20.84 25.74 -38.25
C ASN A 560 20.67 25.98 -39.74
N LYS A 561 19.72 26.82 -40.10
CA LYS A 561 19.49 27.13 -41.51
C LYS A 561 20.79 27.32 -42.28
N ALA A 562 21.71 28.13 -41.75
CA ALA A 562 22.95 28.38 -42.50
C ALA A 562 23.97 27.28 -42.27
N LEU A 563 24.10 26.87 -41.02
CA LEU A 563 25.04 25.83 -40.65
C LEU A 563 24.84 24.57 -41.49
N LEU A 564 23.58 24.24 -41.78
CA LEU A 564 23.27 23.10 -42.64
C LEU A 564 23.75 23.32 -44.06
N ALA A 565 23.52 24.52 -44.59
CA ALA A 565 24.03 24.79 -45.92
C ALA A 565 25.53 24.59 -45.88
N LEU A 566 26.17 24.99 -44.81
CA LEU A 566 27.62 24.90 -44.75
C LEU A 566 28.11 23.49 -45.02
N PHE A 567 27.70 22.55 -44.17
CA PHE A 567 28.17 21.17 -44.29
C PHE A 567 27.97 20.62 -45.70
N THR A 568 26.87 20.99 -46.35
CA THR A 568 26.58 20.46 -47.67
C THR A 568 27.65 20.84 -48.69
N ALA A 569 27.85 22.14 -48.86
CA ALA A 569 28.82 22.60 -49.84
C ALA A 569 30.14 21.91 -49.60
N GLU A 570 30.55 21.83 -48.34
CA GLU A 570 31.85 21.24 -48.05
C GLU A 570 31.91 19.79 -48.48
N MET A 571 30.94 19.00 -48.04
CA MET A 571 30.93 17.60 -48.40
C MET A 571 30.89 17.49 -49.90
N LEU A 572 30.09 18.33 -50.54
CA LEU A 572 29.95 18.27 -51.99
C LEU A 572 31.26 18.50 -52.74
N LEU A 573 32.03 19.48 -52.29
CA LEU A 573 33.29 19.79 -52.95
C LEU A 573 34.29 18.69 -52.66
N LYS A 574 34.23 18.14 -51.46
CA LYS A 574 35.15 17.09 -51.08
C LYS A 574 34.89 15.86 -51.93
N MET A 575 33.71 15.79 -52.53
CA MET A 575 33.37 14.66 -53.38
C MET A 575 34.25 14.59 -54.61
N TYR A 576 34.41 15.71 -55.31
CA TYR A 576 35.18 15.72 -56.55
C TYR A 576 36.66 15.43 -56.34
N SER A 577 37.29 16.13 -55.40
CA SER A 577 38.71 15.94 -55.19
C SER A 577 38.99 14.48 -54.88
N LEU A 578 38.26 13.96 -53.91
CA LEU A 578 38.43 12.57 -53.52
C LEU A 578 37.85 11.65 -54.57
N GLY A 579 38.22 10.38 -54.53
CA GLY A 579 37.65 9.43 -55.46
C GLY A 579 36.28 9.07 -54.97
N LEU A 580 35.25 9.46 -55.73
CA LEU A 580 33.89 9.18 -55.33
C LEU A 580 33.82 7.85 -54.60
N GLN A 581 34.36 6.81 -55.21
CA GLN A 581 34.27 5.48 -54.63
C GLN A 581 34.92 5.43 -53.25
N ALA A 582 36.18 5.84 -53.14
CA ALA A 582 36.90 5.77 -51.86
C ALA A 582 36.29 6.70 -50.82
N TYR A 583 35.65 7.77 -51.28
CA TYR A 583 35.00 8.70 -50.38
C TYR A 583 33.83 8.00 -49.73
N PHE A 584 33.01 7.36 -50.55
CA PHE A 584 31.93 6.60 -49.98
C PHE A 584 32.51 5.46 -49.16
N VAL A 585 33.73 5.05 -49.52
CA VAL A 585 34.33 3.90 -48.84
C VAL A 585 34.55 4.09 -47.34
N SER A 586 35.24 5.17 -46.97
CA SER A 586 35.53 5.42 -45.57
C SER A 586 34.25 5.45 -44.77
N LEU A 587 34.12 4.59 -43.77
CA LEU A 587 32.86 4.53 -43.02
C LEU A 587 32.40 5.89 -42.53
N PHE A 588 33.31 6.67 -41.97
CA PHE A 588 32.93 7.98 -41.43
C PHE A 588 32.35 8.89 -42.50
N ASN A 589 33.00 8.95 -43.66
CA ASN A 589 32.53 9.81 -44.74
C ASN A 589 31.13 9.38 -45.14
N ARG A 590 30.93 8.08 -45.24
CA ARG A 590 29.62 7.56 -45.60
C ARG A 590 28.55 7.99 -44.60
N PHE A 591 28.84 7.83 -43.32
CA PHE A 591 27.90 8.25 -42.29
C PHE A 591 27.65 9.75 -42.41
N ASP A 592 28.71 10.48 -42.76
CA ASP A 592 28.57 11.92 -42.93
C ASP A 592 27.54 12.18 -44.00
N CYS A 593 27.68 11.51 -45.13
CA CYS A 593 26.75 11.73 -46.23
C CYS A 593 25.34 11.40 -45.77
N PHE A 594 25.20 10.28 -45.08
CA PHE A 594 23.90 9.88 -44.59
C PHE A 594 23.25 10.99 -43.78
N VAL A 595 23.97 11.51 -42.81
CA VAL A 595 23.35 12.51 -41.94
C VAL A 595 23.13 13.84 -42.64
N VAL A 596 23.91 14.18 -43.67
CA VAL A 596 23.60 15.41 -44.38
C VAL A 596 22.25 15.21 -45.07
N CYS A 597 22.00 13.99 -45.49
CA CYS A 597 20.74 13.68 -46.14
C CYS A 597 19.65 13.84 -45.11
N GLY A 598 19.98 13.59 -43.85
CA GLY A 598 19.00 13.76 -42.79
C GLY A 598 18.57 15.20 -42.72
N GLY A 599 19.52 16.12 -42.85
CA GLY A 599 19.18 17.52 -42.83
C GLY A 599 18.25 17.86 -43.97
N ILE A 600 18.55 17.35 -45.15
CA ILE A 600 17.70 17.61 -46.31
C ILE A 600 16.30 17.13 -46.02
N LEU A 601 16.20 15.92 -45.48
CA LEU A 601 14.91 15.35 -45.17
C LEU A 601 14.14 16.24 -44.22
N GLU A 602 14.78 16.68 -43.13
CA GLU A 602 14.07 17.48 -42.15
C GLU A 602 13.63 18.81 -42.76
N THR A 603 14.46 19.37 -43.62
CA THR A 603 14.08 20.61 -44.28
C THR A 603 12.85 20.42 -45.16
N ILE A 604 12.84 19.35 -45.95
CA ILE A 604 11.71 19.15 -46.84
C ILE A 604 10.48 18.86 -46.01
N LEU A 605 10.69 18.27 -44.83
CA LEU A 605 9.58 17.96 -43.95
C LEU A 605 8.96 19.25 -43.45
N VAL A 606 9.80 20.18 -43.02
CA VAL A 606 9.29 21.46 -42.56
C VAL A 606 8.61 22.18 -43.70
N GLU A 607 9.08 21.94 -44.93
CA GLU A 607 8.49 22.58 -46.10
C GLU A 607 7.16 23.29 -45.77
N SER A 612 6.07 15.77 -37.45
CA SER A 612 5.80 15.92 -36.02
C SER A 612 7.02 16.44 -35.28
N PRO A 613 6.78 17.12 -34.14
CA PRO A 613 7.90 17.66 -33.36
C PRO A 613 8.84 16.56 -32.92
N LEU A 614 8.29 15.41 -32.52
CA LEU A 614 9.11 14.31 -32.08
C LEU A 614 10.05 13.88 -33.19
N GLY A 615 9.50 13.67 -34.38
CA GLY A 615 10.32 13.23 -35.50
C GLY A 615 11.41 14.22 -35.81
N ILE A 616 11.08 15.51 -35.77
CA ILE A 616 12.07 16.53 -36.05
C ILE A 616 13.18 16.45 -35.03
N SER A 617 12.80 16.29 -33.76
CA SER A 617 13.79 16.20 -32.70
C SER A 617 14.69 15.00 -32.93
N VAL A 618 14.10 13.88 -33.33
CA VAL A 618 14.88 12.68 -33.60
C VAL A 618 15.89 12.91 -34.72
N LEU A 619 15.44 13.54 -35.79
CA LEU A 619 16.35 13.84 -36.90
C LEU A 619 17.49 14.74 -36.42
N ARG A 620 17.18 15.69 -35.53
CA ARG A 620 18.22 16.55 -34.98
C ARG A 620 19.15 15.77 -34.07
N CYS A 621 18.62 14.73 -33.43
CA CYS A 621 19.47 13.89 -32.61
C CYS A 621 20.41 13.16 -33.54
N VAL A 622 19.96 12.88 -34.75
CA VAL A 622 20.82 12.23 -35.73
C VAL A 622 21.93 13.16 -36.13
N ARG A 623 21.60 14.45 -36.20
CA ARG A 623 22.58 15.46 -36.60
C ARG A 623 23.66 15.72 -35.57
N LEU A 624 23.76 14.89 -34.55
CA LEU A 624 24.85 15.06 -33.60
C LEU A 624 26.08 14.39 -34.15
N LEU A 625 26.00 13.99 -35.41
CA LEU A 625 27.16 13.39 -36.06
C LEU A 625 28.25 14.43 -36.06
N ARG A 626 28.01 15.53 -36.77
CA ARG A 626 29.04 16.55 -36.86
C ARG A 626 29.57 16.76 -35.47
N ILE A 627 28.69 16.78 -34.47
CA ILE A 627 29.13 16.96 -33.10
C ILE A 627 30.45 16.24 -32.85
N PHE A 628 30.54 14.98 -33.29
CA PHE A 628 31.77 14.21 -33.09
C PHE A 628 32.57 14.07 -34.38
N LYS A 629 32.14 14.76 -35.43
CA LYS A 629 32.87 14.71 -36.69
C LYS A 629 34.30 15.16 -36.47
N ILE A 630 34.50 16.15 -35.61
CA ILE A 630 35.83 16.64 -35.32
C ILE A 630 36.68 15.53 -34.73
N THR A 631 36.03 14.44 -34.31
CA THR A 631 36.76 13.31 -33.74
C THR A 631 37.70 13.79 -32.66
N ARG A 632 37.18 14.57 -31.72
CA ARG A 632 38.02 15.09 -30.64
C ARG A 632 38.74 13.95 -29.95
N TYR A 633 40.03 14.12 -29.70
CA TYR A 633 40.81 13.08 -29.06
C TYR A 633 40.62 11.76 -29.78
N TRP A 634 40.73 11.78 -31.11
CA TRP A 634 40.56 10.55 -31.89
C TRP A 634 41.50 9.48 -31.37
N ASN A 635 42.66 9.90 -30.88
CA ASN A 635 43.60 8.94 -30.30
C ASN A 635 42.81 7.87 -29.59
N SER A 636 41.80 8.28 -28.83
CA SER A 636 40.94 7.32 -28.17
C SER A 636 39.63 7.26 -28.91
N LEU A 637 39.05 8.42 -29.21
CA LEU A 637 37.78 8.45 -29.91
C LEU A 637 37.75 7.47 -31.07
N SER A 638 38.70 7.60 -31.99
CA SER A 638 38.70 6.71 -33.15
C SER A 638 38.77 5.27 -32.73
N ASN A 639 39.71 4.93 -31.88
CA ASN A 639 39.89 3.54 -31.48
C ASN A 639 38.64 3.01 -30.82
N LEU A 640 38.07 3.80 -29.92
CA LEU A 640 36.90 3.33 -29.21
C LEU A 640 35.77 3.08 -30.19
N VAL A 641 35.53 4.00 -31.12
CA VAL A 641 34.44 3.81 -32.06
C VAL A 641 34.75 2.65 -32.99
N ALA A 642 36.00 2.58 -33.47
CA ALA A 642 36.38 1.48 -34.33
C ALA A 642 36.26 0.20 -33.56
N SER A 643 36.82 0.20 -32.34
CA SER A 643 36.74 -0.98 -31.50
C SER A 643 35.28 -1.27 -31.25
N LEU A 644 34.51 -0.24 -30.93
CA LEU A 644 33.11 -0.44 -30.61
C LEU A 644 32.44 -1.23 -31.72
N LEU A 645 32.67 -0.82 -32.96
CA LEU A 645 32.10 -1.56 -34.07
C LEU A 645 32.61 -2.99 -34.05
N ASN A 646 33.92 -3.14 -33.87
CA ASN A 646 34.51 -4.47 -33.84
C ASN A 646 33.98 -5.27 -32.67
N SER A 647 33.94 -4.66 -31.49
CA SER A 647 33.49 -5.36 -30.30
C SER A 647 32.06 -5.84 -30.44
N VAL A 648 31.16 -4.92 -30.78
CA VAL A 648 29.76 -5.28 -30.89
C VAL A 648 29.63 -6.39 -31.93
N ARG A 649 30.32 -6.23 -33.05
CA ARG A 649 30.27 -7.27 -34.07
C ARG A 649 30.76 -8.59 -33.51
N SER A 650 31.82 -8.55 -32.72
CA SER A 650 32.41 -9.80 -32.21
C SER A 650 31.46 -10.63 -31.37
N ILE A 651 30.70 -10.02 -30.48
CA ILE A 651 29.84 -10.78 -29.58
C ILE A 651 28.38 -10.85 -30.01
N ALA A 652 28.12 -10.77 -31.31
CA ALA A 652 26.75 -10.89 -31.79
C ALA A 652 26.02 -12.14 -31.31
N SER A 653 26.59 -13.31 -31.55
CA SER A 653 25.92 -14.56 -31.18
C SER A 653 25.71 -14.74 -29.69
N LEU A 654 26.68 -14.28 -28.90
CA LEU A 654 26.55 -14.38 -27.45
C LEU A 654 25.39 -13.51 -27.01
N LEU A 655 25.29 -12.34 -27.60
CA LEU A 655 24.18 -11.45 -27.27
C LEU A 655 22.87 -12.11 -27.64
N LEU A 656 22.86 -12.84 -28.75
CA LEU A 656 21.66 -13.56 -29.16
C LEU A 656 21.24 -14.57 -28.10
N LEU A 657 22.19 -15.34 -27.60
CA LEU A 657 21.88 -16.35 -26.59
C LEU A 657 21.34 -15.68 -25.34
N LEU A 658 21.95 -14.57 -24.94
CA LEU A 658 21.47 -13.86 -23.77
C LEU A 658 20.02 -13.49 -23.95
N PHE A 659 19.68 -12.93 -25.10
CA PHE A 659 18.31 -12.54 -25.37
C PHE A 659 17.35 -13.73 -25.35
N LEU A 660 17.74 -14.83 -25.96
CA LEU A 660 16.90 -16.02 -25.91
C LEU A 660 16.64 -16.41 -24.47
N PHE A 661 17.69 -16.46 -23.66
CA PHE A 661 17.53 -16.82 -22.26
C PHE A 661 16.55 -15.89 -21.58
N ILE A 662 16.72 -14.59 -21.78
CA ILE A 662 15.84 -13.62 -21.14
C ILE A 662 14.39 -13.87 -21.54
N ILE A 663 14.14 -14.05 -22.83
CA ILE A 663 12.77 -14.28 -23.29
C ILE A 663 12.18 -15.55 -22.67
N ILE A 664 12.97 -16.61 -22.63
CA ILE A 664 12.49 -17.85 -22.04
C ILE A 664 12.08 -17.60 -20.61
N PHE A 665 12.94 -16.94 -19.86
CA PHE A 665 12.63 -16.72 -18.44
C PHE A 665 11.40 -15.83 -18.27
N SER A 666 11.27 -14.82 -19.10
CA SER A 666 10.15 -13.90 -18.98
C SER A 666 8.85 -14.62 -19.21
N LEU A 667 8.83 -15.53 -20.18
CA LEU A 667 7.63 -16.30 -20.43
C LEU A 667 7.34 -17.18 -19.22
N LEU A 668 8.37 -17.82 -18.67
CA LEU A 668 8.19 -18.64 -17.49
C LEU A 668 7.71 -17.76 -16.36
N GLY A 669 8.27 -16.56 -16.28
CA GLY A 669 7.88 -15.65 -15.23
C GLY A 669 6.40 -15.38 -15.30
N MET A 670 5.90 -15.06 -16.49
CA MET A 670 4.49 -14.71 -16.60
C MET A 670 3.61 -15.92 -16.37
N GLN A 671 4.09 -17.10 -16.76
CA GLN A 671 3.33 -18.32 -16.53
C GLN A 671 3.38 -18.67 -15.06
N LEU A 672 4.58 -18.76 -14.50
CA LEU A 672 4.73 -19.09 -13.09
C LEU A 672 4.06 -18.08 -12.18
N PHE A 673 4.63 -16.89 -12.07
CA PHE A 673 4.10 -15.88 -11.15
C PHE A 673 3.06 -14.92 -11.70
N GLY A 674 2.78 -14.99 -13.01
CA GLY A 674 1.87 -14.05 -13.61
C GLY A 674 0.48 -14.22 -13.03
N GLY A 675 -0.12 -13.12 -12.60
CA GLY A 675 -1.44 -13.19 -11.98
C GLY A 675 -1.35 -13.45 -10.49
N LYS A 676 -0.21 -13.88 -9.98
CA LYS A 676 -0.19 -14.21 -8.56
C LYS A 676 0.34 -13.04 -7.75
N PHE A 677 0.37 -11.85 -8.32
CA PHE A 677 0.96 -10.70 -7.60
C PHE A 677 -0.08 -9.74 -7.05
N ASN A 678 -1.33 -10.17 -6.99
CA ASN A 678 -2.37 -9.33 -6.40
C ASN A 678 -2.40 -9.50 -4.89
N PHE A 679 -1.55 -8.75 -4.19
CA PHE A 679 -1.49 -8.85 -2.74
C PHE A 679 -2.45 -7.87 -2.09
N ASP A 680 -3.37 -7.32 -2.87
CA ASP A 680 -4.37 -6.40 -2.34
C ASP A 680 -3.75 -5.16 -1.70
N GLU A 681 -2.76 -4.57 -2.37
CA GLU A 681 -2.18 -3.34 -1.85
C GLU A 681 -2.08 -2.31 -2.96
N MET A 682 -2.68 -1.14 -2.74
CA MET A 682 -2.57 -0.06 -3.72
C MET A 682 -1.10 0.14 -4.05
N GLN A 683 -0.23 -0.46 -3.24
CA GLN A 683 1.20 -0.34 -3.49
C GLN A 683 1.52 -0.67 -4.92
N THR A 684 2.21 0.23 -5.61
CA THR A 684 2.58 -0.01 -7.00
C THR A 684 3.89 -0.78 -7.08
N ARG A 685 3.81 -2.04 -7.52
CA ARG A 685 5.02 -2.84 -7.67
C ARG A 685 5.62 -2.67 -9.05
N ARG A 686 6.80 -2.07 -9.12
CA ARG A 686 7.47 -1.90 -10.41
C ARG A 686 7.74 -3.26 -11.01
N SER A 687 8.08 -4.23 -10.17
CA SER A 687 8.34 -5.58 -10.65
C SER A 687 7.10 -6.44 -10.55
N THR A 688 6.55 -6.83 -11.70
CA THR A 688 5.36 -7.69 -11.72
C THR A 688 5.23 -8.41 -13.05
N PHE A 689 5.09 -9.74 -13.00
CA PHE A 689 4.98 -10.53 -14.22
C PHE A 689 3.59 -10.42 -14.84
N ASP A 690 3.00 -9.23 -14.77
CA ASP A 690 1.66 -9.03 -15.32
C ASP A 690 1.66 -9.31 -16.81
N ASN A 691 2.64 -8.77 -17.53
CA ASN A 691 2.72 -8.98 -18.97
C ASN A 691 4.17 -9.16 -19.40
N PHE A 692 4.39 -9.57 -20.64
CA PHE A 692 5.75 -9.82 -21.12
C PHE A 692 6.64 -8.59 -21.04
N PRO A 693 6.12 -7.41 -21.43
CA PRO A 693 6.96 -6.23 -21.28
C PRO A 693 7.45 -6.09 -19.85
N GLN A 694 6.54 -6.08 -18.90
CA GLN A 694 6.93 -5.97 -17.51
C GLN A 694 7.73 -7.21 -17.11
N SER A 695 7.32 -8.35 -17.63
CA SER A 695 8.03 -9.58 -17.32
C SER A 695 9.51 -9.39 -17.60
N LEU A 696 9.81 -8.90 -18.80
CA LEU A 696 11.20 -8.63 -19.16
C LEU A 696 11.80 -7.70 -18.13
N LEU A 697 11.08 -6.64 -17.79
CA LEU A 697 11.60 -5.67 -16.83
C LEU A 697 11.93 -6.30 -15.50
N THR A 698 11.02 -7.12 -14.98
CA THR A 698 11.26 -7.79 -13.70
C THR A 698 12.52 -8.64 -13.79
N VAL A 699 12.62 -9.42 -14.85
CA VAL A 699 13.79 -10.27 -15.01
C VAL A 699 15.07 -9.44 -15.00
N PHE A 700 15.09 -8.35 -15.76
CA PHE A 700 16.28 -7.51 -15.83
C PHE A 700 16.63 -6.91 -14.48
N GLN A 701 15.63 -6.48 -13.73
CA GLN A 701 15.88 -5.92 -12.41
C GLN A 701 16.48 -6.97 -11.49
N ILE A 702 15.97 -8.20 -11.59
CA ILE A 702 16.52 -9.30 -10.81
C ILE A 702 17.95 -9.55 -11.25
N LEU A 703 18.17 -9.58 -12.56
CA LEU A 703 19.52 -9.78 -13.08
C LEU A 703 20.42 -8.68 -12.57
N THR A 704 19.95 -7.44 -12.65
CA THR A 704 20.72 -6.32 -12.15
C THR A 704 20.71 -6.32 -10.63
N GLY A 705 19.81 -7.10 -10.05
CA GLY A 705 19.72 -7.18 -8.60
C GLY A 705 19.24 -5.91 -7.93
N GLU A 706 18.54 -5.07 -8.68
CA GLU A 706 18.04 -3.82 -8.12
C GLU A 706 17.15 -4.11 -6.93
N ASP A 707 16.17 -4.98 -7.12
CA ASP A 707 15.31 -5.39 -6.03
C ASP A 707 14.99 -6.84 -6.28
N TRP A 708 15.99 -7.61 -6.67
CA TRP A 708 15.75 -9.01 -7.03
C TRP A 708 15.32 -9.85 -5.83
N ASN A 709 15.92 -9.64 -4.66
CA ASN A 709 15.51 -10.37 -3.47
C ASN A 709 14.07 -10.00 -3.12
N SER A 710 13.71 -8.74 -3.34
CA SER A 710 12.36 -8.30 -3.07
C SER A 710 11.40 -9.00 -4.01
N VAL A 711 11.78 -9.12 -5.28
CA VAL A 711 10.93 -9.81 -6.25
C VAL A 711 10.78 -11.24 -5.81
N MET A 712 11.81 -11.85 -5.25
CA MET A 712 11.65 -13.21 -4.73
C MET A 712 10.46 -13.30 -3.78
N TYR A 713 10.45 -12.41 -2.81
CA TYR A 713 9.38 -12.43 -1.81
C TYR A 713 8.03 -12.41 -2.48
N ASP A 714 7.87 -11.61 -3.52
CA ASP A 714 6.58 -11.49 -4.16
C ASP A 714 6.05 -12.87 -4.55
N GLY A 715 6.86 -13.61 -5.28
CA GLY A 715 6.48 -14.97 -5.62
C GLY A 715 6.41 -15.88 -4.41
N ILE A 716 7.45 -15.89 -3.58
CA ILE A 716 7.47 -16.80 -2.44
C ILE A 716 6.40 -16.45 -1.43
N MET A 717 5.83 -15.25 -1.55
CA MET A 717 4.72 -14.88 -0.67
C MET A 717 3.44 -14.88 -1.47
N ALA A 718 3.55 -15.10 -2.78
CA ALA A 718 2.37 -15.14 -3.62
C ALA A 718 1.82 -16.53 -3.60
N TYR A 719 2.36 -17.40 -4.45
CA TYR A 719 1.87 -18.76 -4.52
C TYR A 719 1.40 -19.21 -3.15
N GLY A 720 2.20 -18.92 -2.13
CA GLY A 720 1.85 -19.28 -0.78
C GLY A 720 2.68 -18.45 0.18
N GLY A 721 2.39 -18.54 1.47
CA GLY A 721 3.17 -17.81 2.45
C GLY A 721 4.59 -18.34 2.53
N PRO A 722 5.37 -17.84 3.49
CA PRO A 722 6.73 -18.37 3.67
C PRO A 722 6.68 -19.75 4.26
N SER A 723 6.06 -20.69 3.55
CA SER A 723 5.93 -22.05 4.06
C SER A 723 6.77 -23.00 3.26
N PHE A 724 6.35 -24.25 3.15
CA PHE A 724 7.16 -25.25 2.45
C PHE A 724 7.02 -25.20 0.93
N PRO A 725 5.82 -25.50 0.42
CA PRO A 725 5.72 -25.55 -1.04
C PRO A 725 5.70 -24.16 -1.63
N GLY A 726 5.64 -23.14 -0.79
CA GLY A 726 5.61 -21.77 -1.26
C GLY A 726 6.99 -21.20 -1.47
N MET A 727 8.02 -22.00 -1.23
CA MET A 727 9.38 -21.54 -1.42
C MET A 727 10.02 -22.15 -2.66
N LEU A 728 9.41 -23.19 -3.20
CA LEU A 728 9.91 -23.74 -4.45
C LEU A 728 9.67 -22.74 -5.57
N VAL A 729 9.25 -21.52 -5.28
CA VAL A 729 9.18 -20.42 -6.25
C VAL A 729 10.50 -19.68 -6.23
N CYS A 730 11.19 -19.74 -5.10
CA CYS A 730 12.48 -19.09 -5.00
C CYS A 730 13.51 -19.82 -5.82
N ILE A 731 13.40 -21.14 -5.89
CA ILE A 731 14.40 -21.90 -6.61
C ILE A 731 14.44 -21.36 -7.99
N TYR A 732 13.52 -20.44 -8.33
CA TYR A 732 13.58 -19.79 -9.65
C TYR A 732 14.34 -18.48 -9.65
N PHE A 733 14.10 -17.60 -8.69
CA PHE A 733 14.74 -16.30 -8.70
C PHE A 733 16.23 -16.41 -8.49
N ILE A 734 16.71 -17.61 -8.21
CA ILE A 734 18.15 -17.79 -8.09
C ILE A 734 18.67 -18.24 -9.43
N ILE A 735 18.10 -19.31 -9.96
CA ILE A 735 18.54 -19.82 -11.23
C ILE A 735 18.64 -18.67 -12.19
N LEU A 736 17.87 -17.61 -11.97
CA LEU A 736 18.07 -16.43 -12.83
C LEU A 736 19.25 -15.54 -12.40
N PHE A 737 19.61 -15.49 -11.13
CA PHE A 737 20.65 -14.56 -10.70
C PHE A 737 22.05 -15.15 -10.84
N ILE A 738 22.14 -16.47 -10.96
CA ILE A 738 23.43 -17.12 -11.15
C ILE A 738 23.67 -17.31 -12.64
N CYS A 739 22.73 -18.00 -13.30
CA CYS A 739 22.86 -18.27 -14.74
C CYS A 739 22.90 -17.03 -15.61
N GLY A 740 21.95 -16.13 -15.40
CA GLY A 740 21.92 -14.91 -16.18
C GLY A 740 23.18 -14.13 -15.99
N ASN A 741 23.53 -13.91 -14.73
CA ASN A 741 24.73 -13.16 -14.43
C ASN A 741 25.95 -13.91 -14.96
N TYR A 742 25.94 -15.23 -14.92
CA TYR A 742 27.05 -15.97 -15.49
C TYR A 742 27.20 -15.66 -16.97
N ILE A 743 26.12 -15.79 -17.72
CA ILE A 743 26.18 -15.52 -19.15
C ILE A 743 26.58 -14.08 -19.35
N LEU A 744 26.07 -13.19 -18.53
CA LEU A 744 26.36 -11.78 -18.72
C LEU A 744 27.85 -11.56 -18.58
N LEU A 745 28.47 -12.13 -17.56
CA LEU A 745 29.90 -11.98 -17.35
C LEU A 745 30.69 -12.59 -18.49
N ASN A 746 30.28 -13.77 -18.94
CA ASN A 746 30.97 -14.37 -20.07
C ASN A 746 30.97 -13.38 -21.22
N VAL A 747 29.80 -12.83 -21.55
CA VAL A 747 29.71 -11.91 -22.66
C VAL A 747 30.58 -10.70 -22.47
N PHE A 748 30.58 -10.08 -21.31
CA PHE A 748 31.49 -8.97 -21.08
C PHE A 748 32.92 -9.37 -21.33
N LEU A 749 33.53 -10.11 -20.42
CA LEU A 749 34.91 -10.51 -20.57
C LEU A 749 35.27 -10.57 -22.03
N ALA A 750 34.50 -11.28 -22.83
CA ALA A 750 34.87 -11.42 -24.22
C ALA A 750 35.29 -10.08 -24.75
N ILE A 751 34.43 -9.08 -24.58
CA ILE A 751 34.77 -7.76 -25.02
C ILE A 751 36.19 -7.47 -24.65
N ALA A 752 36.51 -7.61 -23.39
CA ALA A 752 37.85 -7.28 -22.94
C ALA A 752 38.88 -8.21 -23.45
N VAL A 753 39.31 -9.11 -22.62
CA VAL A 753 40.37 -10.04 -22.98
C VAL A 753 40.43 -10.42 -24.45
N ASP A 754 39.31 -10.49 -25.14
CA ASP A 754 39.38 -10.97 -26.50
C ASP A 754 39.38 -9.89 -27.57
N ASN A 755 39.21 -8.64 -27.18
CA ASN A 755 39.30 -7.61 -28.19
C ASN A 755 40.31 -6.57 -27.80
N LEU A 756 40.00 -5.81 -26.76
CA LEU A 756 40.89 -4.72 -26.36
C LEU A 756 42.31 -5.07 -26.66
N ALA A 757 42.72 -6.24 -26.23
CA ALA A 757 44.07 -6.67 -26.52
C ALA A 757 44.31 -6.80 -28.03
N ASP A 758 43.68 -7.76 -28.73
CA ASP A 758 43.83 -7.81 -30.17
C ASP A 758 43.92 -6.42 -30.79
N ALA A 759 43.07 -5.49 -30.35
CA ALA A 759 43.08 -4.13 -30.86
C ALA A 759 44.31 -3.36 -30.37
N GLU A 760 44.56 -3.37 -29.06
CA GLU A 760 45.64 -2.56 -28.50
C GLU A 760 47.01 -3.02 -28.99
N SER A 761 47.22 -4.33 -29.12
CA SER A 761 48.47 -4.82 -29.68
C SER A 761 48.60 -4.42 -31.14
N ARG A 888 82.99 15.20 11.71
CA ARG A 888 82.99 15.13 13.16
C ARG A 888 81.58 14.97 13.71
N PHE A 889 80.84 16.06 13.79
CA PHE A 889 79.47 15.99 14.28
C PHE A 889 78.58 15.21 13.32
N ARG A 890 78.72 15.49 12.03
CA ARG A 890 77.91 14.80 11.04
C ARG A 890 78.19 13.31 11.09
N LEU A 891 79.43 12.93 11.32
CA LEU A 891 79.79 11.52 11.33
C LEU A 891 79.05 10.79 12.44
N GLN A 892 79.13 11.33 13.66
CA GLN A 892 78.43 10.73 14.78
C GLN A 892 76.93 10.76 14.53
N CYS A 893 76.46 11.83 13.91
CA CYS A 893 75.04 11.93 13.60
C CYS A 893 74.62 10.76 12.75
N HIS A 894 75.35 10.48 11.68
CA HIS A 894 75.05 9.36 10.81
C HIS A 894 75.10 8.07 11.57
N ARG A 895 76.14 7.90 12.39
CA ARG A 895 76.24 6.71 13.21
C ARG A 895 74.92 6.41 13.89
N ILE A 896 74.41 7.36 14.65
CA ILE A 896 73.16 7.15 15.39
C ILE A 896 71.95 7.01 14.49
N VAL A 897 71.84 7.93 13.53
CA VAL A 897 70.70 7.95 12.63
C VAL A 897 70.77 6.88 11.60
N ASN A 898 71.68 5.94 11.78
CA ASN A 898 71.66 4.87 10.85
C ASN A 898 71.50 3.60 11.62
N ASP A 899 71.74 3.68 12.92
CA ASP A 899 71.55 2.52 13.76
C ASP A 899 70.11 2.33 14.07
N THR A 900 69.68 1.09 14.18
CA THR A 900 68.30 0.79 14.44
C THR A 900 67.58 1.86 15.24
N ILE A 901 68.15 2.29 16.36
CA ILE A 901 67.45 3.26 17.22
C ILE A 901 66.85 4.36 16.36
N PHE A 902 67.67 5.10 15.67
CA PHE A 902 67.10 6.16 14.91
C PHE A 902 66.61 5.58 13.63
N THR A 903 65.87 4.50 13.72
CA THR A 903 65.27 3.93 12.53
C THR A 903 64.12 3.11 12.99
N ASN A 904 64.35 1.83 13.17
CA ASN A 904 63.28 0.94 13.56
C ASN A 904 62.64 1.48 14.81
N LEU A 905 63.39 2.17 15.66
CA LEU A 905 62.71 2.70 16.81
C LEU A 905 61.77 3.83 16.39
N ILE A 906 62.20 4.70 15.50
CA ILE A 906 61.32 5.79 15.15
C ILE A 906 60.09 5.17 14.55
N LEU A 907 60.24 4.03 13.92
CA LEU A 907 59.10 3.47 13.26
C LEU A 907 58.07 3.21 14.31
N PHE A 908 58.51 2.96 15.52
CA PHE A 908 57.56 2.76 16.59
C PHE A 908 57.01 4.06 17.11
N PHE A 909 57.89 5.01 17.36
CA PHE A 909 57.41 6.25 17.92
C PHE A 909 56.25 6.75 17.12
N ILE A 910 56.16 6.48 15.82
CA ILE A 910 54.94 6.87 15.13
C ILE A 910 53.94 5.74 15.12
N LEU A 911 54.42 4.50 15.11
CA LEU A 911 53.53 3.35 15.10
C LEU A 911 52.41 3.56 16.09
N LEU A 912 52.74 3.65 17.37
CA LEU A 912 51.71 3.82 18.41
C LEU A 912 51.25 5.26 18.48
N SER A 913 52.06 6.18 17.97
CA SER A 913 51.68 7.58 17.98
C SER A 913 50.49 7.70 17.06
N SER A 914 50.54 7.00 15.93
CA SER A 914 49.43 7.03 14.99
C SER A 914 48.14 6.70 15.71
N ILE A 915 48.24 5.89 16.76
CA ILE A 915 47.04 5.48 17.48
C ILE A 915 46.37 6.68 18.15
N SER A 916 47.13 7.74 18.39
CA SER A 916 46.58 8.91 19.04
C SER A 916 45.41 9.48 18.24
N LEU A 917 45.61 9.70 16.95
CA LEU A 917 44.52 10.18 16.11
C LEU A 917 43.49 9.08 15.93
N ALA A 918 43.94 7.84 15.81
CA ALA A 918 43.02 6.72 15.65
C ALA A 918 42.11 6.59 16.87
N ALA A 919 42.68 6.73 18.05
CA ALA A 919 41.89 6.60 19.29
C ALA A 919 41.69 7.94 19.95
N GLU A 920 40.47 8.48 19.87
CA GLU A 920 40.19 9.78 20.46
C GLU A 920 38.69 9.93 20.69
N ASP A 921 38.30 10.77 21.64
CA ASP A 921 36.88 11.02 21.88
C ASP A 921 36.44 12.20 21.03
N PRO A 922 35.68 11.92 19.95
CA PRO A 922 35.22 12.98 19.07
C PRO A 922 33.76 13.32 19.33
N VAL A 923 33.28 13.05 20.54
CA VAL A 923 31.90 13.39 20.88
C VAL A 923 31.87 14.25 22.14
N GLN A 924 32.12 13.63 23.29
CA GLN A 924 32.13 14.38 24.55
C GLN A 924 33.31 15.34 24.57
N HIS A 925 33.09 16.50 25.22
CA HIS A 925 34.08 17.60 25.26
C HIS A 925 35.53 17.42 25.71
N THR A 926 35.73 17.11 26.98
CA THR A 926 37.10 16.94 27.51
C THR A 926 37.18 15.93 28.62
N SER A 927 36.37 14.87 28.55
CA SER A 927 36.46 13.87 29.57
C SER A 927 37.89 13.47 29.51
N PHE A 928 38.54 13.39 30.66
CA PHE A 928 39.89 12.92 30.71
C PHE A 928 40.21 12.26 29.40
N ARG A 929 39.43 11.24 29.08
CA ARG A 929 39.58 10.56 27.80
C ARG A 929 40.16 11.47 26.74
N ASN A 930 39.27 12.20 26.08
CA ASN A 930 39.74 13.11 25.09
C ASN A 930 40.82 13.88 25.75
N HIS A 931 40.43 14.66 26.74
CA HIS A 931 41.38 15.49 27.44
C HIS A 931 42.84 15.14 27.35
N ILE A 932 43.34 14.40 28.32
CA ILE A 932 44.77 14.11 28.38
C ILE A 932 45.48 13.76 27.09
N LEU A 933 44.74 13.30 26.11
CA LEU A 933 45.37 12.87 24.91
C LEU A 933 46.07 14.05 24.28
N GLY A 934 45.89 15.26 24.76
CA GLY A 934 46.64 16.31 24.12
C GLY A 934 48.12 16.29 24.48
N ASN A 935 48.40 15.82 25.67
CA ASN A 935 49.76 15.85 26.12
C ASN A 935 50.61 14.87 25.36
N ALA A 936 50.00 13.80 24.90
CA ALA A 936 50.80 12.80 24.24
C ALA A 936 51.16 13.34 22.91
N ASP A 937 50.25 14.11 22.33
CA ASP A 937 50.57 14.75 21.09
C ASP A 937 51.76 15.62 21.36
N TYR A 938 51.63 16.46 22.37
CA TYR A 938 52.73 17.33 22.74
C TYR A 938 54.07 16.59 22.78
N VAL A 939 54.07 15.41 23.38
CA VAL A 939 55.32 14.68 23.57
C VAL A 939 55.86 14.01 22.32
N PHE A 940 54.98 13.46 21.52
CA PHE A 940 55.44 12.91 20.28
C PHE A 940 56.00 14.04 19.44
N THR A 941 55.55 15.25 19.73
CA THR A 941 55.97 16.41 18.96
C THR A 941 57.33 16.94 19.41
N SER A 942 57.59 16.78 20.69
CA SER A 942 58.92 17.13 21.14
C SER A 942 59.80 16.09 20.50
N ILE A 943 59.20 14.92 20.31
CA ILE A 943 59.94 13.85 19.66
C ILE A 943 60.30 14.24 18.24
N PHE A 944 59.39 14.91 17.56
CA PHE A 944 59.65 15.39 16.20
C PHE A 944 60.61 16.58 16.14
N THR A 945 60.72 17.28 17.26
CA THR A 945 61.75 18.32 17.32
C THR A 945 63.04 17.57 17.32
N LEU A 946 63.10 16.55 18.17
CA LEU A 946 64.28 15.70 18.12
C LEU A 946 64.54 15.30 16.69
N GLU A 947 63.47 15.18 15.90
CA GLU A 947 63.64 14.90 14.48
C GLU A 947 64.25 16.10 13.80
N ILE A 948 64.76 17.04 14.58
CA ILE A 948 65.44 18.20 14.00
C ILE A 948 66.89 17.99 14.28
N ILE A 949 67.17 17.34 15.38
CA ILE A 949 68.56 17.02 15.65
C ILE A 949 69.02 16.24 14.45
N LEU A 950 68.08 15.58 13.78
CA LEU A 950 68.44 14.80 12.63
C LEU A 950 68.21 15.61 11.39
N LYS A 951 67.75 16.84 11.58
CA LYS A 951 67.40 17.66 10.41
C LYS A 951 68.59 18.05 9.56
N MET A 952 69.30 19.09 9.96
CA MET A 952 70.38 19.56 9.12
C MET A 952 71.50 18.56 9.10
N THR A 953 71.33 17.46 9.81
CA THR A 953 72.33 16.41 9.81
C THR A 953 73.02 16.37 8.43
N ALA A 954 72.22 16.46 7.37
CA ALA A 954 72.78 16.39 6.01
C ALA A 954 71.78 16.71 4.90
N TYR A 955 70.88 17.65 5.13
CA TYR A 955 69.84 18.01 4.14
C TYR A 955 70.37 18.48 2.78
N GLY A 956 70.03 19.71 2.38
CA GLY A 956 70.53 20.25 1.14
C GLY A 956 71.82 20.99 1.35
N PHE A 969 63.63 10.93 -1.47
CA PHE A 969 63.77 10.14 -0.26
C PHE A 969 63.79 11.04 0.97
N ASN A 970 64.09 12.32 0.77
CA ASN A 970 63.83 13.34 1.77
C ASN A 970 62.55 14.13 1.51
N ILE A 971 61.90 13.98 0.36
CA ILE A 971 60.57 14.57 0.21
C ILE A 971 59.61 13.94 1.22
N LEU A 972 59.89 12.70 1.64
CA LEU A 972 59.27 12.18 2.85
C LEU A 972 59.64 13.03 4.05
N ASP A 973 60.91 13.46 4.12
CA ASP A 973 61.36 14.23 5.27
C ASP A 973 60.67 15.60 5.30
N LEU A 974 60.35 16.18 4.15
CA LEU A 974 59.53 17.40 4.17
C LEU A 974 58.12 17.15 4.68
N LEU A 975 57.54 15.98 4.42
CA LEU A 975 56.23 15.71 5.00
C LEU A 975 56.35 15.54 6.52
N VAL A 976 57.48 14.99 6.97
CA VAL A 976 57.78 14.99 8.40
C VAL A 976 57.86 16.42 8.92
N VAL A 977 58.54 17.29 8.18
CA VAL A 977 58.68 18.68 8.59
C VAL A 977 57.31 19.33 8.72
N SER A 978 56.46 19.15 7.73
CA SER A 978 55.13 19.75 7.71
C SER A 978 54.28 19.23 8.87
N VAL A 979 54.27 17.91 9.08
CA VAL A 979 53.41 17.35 10.12
C VAL A 979 53.92 17.81 11.48
N SER A 980 55.25 17.87 11.63
CA SER A 980 55.85 18.32 12.88
C SER A 980 55.49 19.77 13.18
N LEU A 981 55.54 20.63 12.16
CA LEU A 981 55.19 22.02 12.36
C LEU A 981 53.71 22.19 12.70
N ILE A 982 52.81 21.49 12.00
CA ILE A 982 51.39 21.67 12.28
C ILE A 982 51.08 21.08 13.65
N SER A 983 51.85 20.06 14.05
CA SER A 983 51.69 19.51 15.40
C SER A 983 52.05 20.54 16.46
N PHE A 984 53.09 21.33 16.22
CA PHE A 984 53.38 22.45 17.11
C PHE A 984 52.41 23.60 16.86
N GLY A 985 51.79 23.61 15.67
CA GLY A 985 50.78 24.59 15.35
C GLY A 985 49.45 24.31 16.04
N ILE A 986 49.37 23.17 16.72
CA ILE A 986 48.14 22.74 17.39
C ILE A 986 47.88 23.62 18.61
N GLN A 987 48.85 24.49 18.94
CA GLN A 987 48.79 25.37 20.11
C GLN A 987 47.43 26.05 20.26
N SER A 988 46.94 26.66 19.18
CA SER A 988 45.61 27.27 19.17
C SER A 988 45.14 27.34 17.71
N SER A 989 44.27 26.41 17.33
CA SER A 989 43.81 26.34 15.95
C SER A 989 42.53 25.52 15.83
N ASN A 992 41.75 22.67 14.99
CA ASN A 992 40.50 22.53 14.26
C ASN A 992 40.72 21.81 12.94
N VAL A 993 40.55 22.54 11.84
CA VAL A 993 40.78 21.93 10.52
C VAL A 993 42.20 21.41 10.43
N VAL A 994 43.15 22.20 10.91
CA VAL A 994 44.54 21.77 10.91
C VAL A 994 44.70 20.53 11.77
N LYS A 995 44.06 20.52 12.94
CA LYS A 995 44.13 19.36 13.80
C LYS A 995 43.67 18.12 13.04
N ILE A 996 42.53 18.23 12.36
CA ILE A 996 42.02 17.10 11.60
C ILE A 996 42.89 16.82 10.38
N LEU A 997 43.75 17.76 10.01
CA LEU A 997 44.65 17.53 8.89
C LEU A 997 45.97 16.94 9.38
N ARG A 998 45.88 15.89 10.20
CA ARG A 998 47.09 15.28 10.74
C ARG A 998 47.22 13.80 10.41
N VAL A 999 46.33 13.29 9.57
CA VAL A 999 46.32 11.86 9.25
C VAL A 999 47.47 11.48 8.32
N LEU A 1000 48.25 12.46 7.90
CA LEU A 1000 49.39 12.17 7.04
C LEU A 1000 50.41 11.29 7.75
N ARG A 1001 50.31 11.21 9.07
CA ARG A 1001 51.25 10.42 9.84
C ARG A 1001 51.22 8.96 9.42
N VAL A 1002 50.03 8.43 9.16
CA VAL A 1002 49.89 7.04 8.77
C VAL A 1002 50.72 6.75 7.53
N LEU A 1003 50.77 7.71 6.60
CA LEU A 1003 51.51 7.49 5.36
C LEU A 1003 53.02 7.44 5.55
N ARG A 1004 53.49 7.77 6.74
CA ARG A 1004 54.92 7.75 7.01
C ARG A 1004 55.48 6.34 7.03
N PRO A 1005 54.58 5.33 7.10
CA PRO A 1005 55.03 3.94 7.10
C PRO A 1005 54.87 3.31 5.72
N LEU A 1006 53.97 3.86 4.91
CA LEU A 1006 53.76 3.33 3.57
C LEU A 1006 55.04 3.39 2.77
N ARG A 1007 55.79 4.47 2.92
CA ARG A 1007 57.05 4.62 2.21
C ARG A 1007 58.00 3.48 2.57
N ALA A 1008 57.98 3.08 3.83
CA ALA A 1008 58.86 2.00 4.27
C ALA A 1008 58.55 0.73 3.50
N ILE A 1009 57.31 0.42 3.24
CA ILE A 1009 57.05 -0.78 2.45
C ILE A 1009 57.49 -0.76 0.98
N ASN A 1010 57.23 0.30 0.25
CA ASN A 1010 57.71 0.38 -1.11
C ASN A 1010 59.16 0.38 -0.91
N ARG A 1011 59.62 0.97 0.19
CA ARG A 1011 61.03 0.92 0.50
C ARG A 1011 61.46 -0.52 0.67
N ALA A 1012 60.52 -1.48 0.56
CA ALA A 1012 60.91 -2.87 0.59
C ALA A 1012 61.40 -3.01 -0.80
N LYS A 1013 61.65 -1.88 -1.43
CA LYS A 1013 62.15 -1.87 -2.79
C LYS A 1013 61.40 -2.78 -3.74
N GLY A 1014 61.99 -3.05 -4.88
CA GLY A 1014 61.31 -3.86 -5.87
C GLY A 1014 60.87 -3.03 -7.06
N VAL A 1018 56.47 1.25 -9.24
CA VAL A 1018 57.28 2.47 -9.33
C VAL A 1018 56.44 3.71 -9.10
N VAL A 1019 57.06 4.77 -8.62
CA VAL A 1019 56.34 6.02 -8.40
C VAL A 1019 55.81 6.54 -9.73
N GLN A 1020 56.64 6.47 -10.77
CA GLN A 1020 56.22 6.91 -12.08
C GLN A 1020 55.05 6.08 -12.56
N CYS A 1021 55.13 4.77 -12.34
CA CYS A 1021 54.05 3.88 -12.74
C CYS A 1021 52.77 4.30 -12.07
N VAL A 1022 52.84 4.57 -10.76
CA VAL A 1022 51.67 5.05 -10.05
C VAL A 1022 51.15 6.30 -10.74
N PHE A 1023 52.04 7.28 -10.92
CA PHE A 1023 51.64 8.50 -11.61
C PHE A 1023 51.00 8.16 -12.95
N VAL A 1024 51.62 7.23 -13.67
CA VAL A 1024 51.08 6.82 -14.96
C VAL A 1024 49.66 6.30 -14.81
N ALA A 1025 49.46 5.44 -13.81
CA ALA A 1025 48.13 4.87 -13.58
C ALA A 1025 47.13 5.96 -13.27
N ILE A 1026 47.52 6.92 -12.44
CA ILE A 1026 46.62 8.02 -12.09
C ILE A 1026 46.23 8.80 -13.33
N ARG A 1027 47.21 9.08 -14.18
CA ARG A 1027 46.93 9.81 -15.40
C ARG A 1027 45.95 9.04 -16.27
N THR A 1028 46.18 7.73 -16.42
CA THR A 1028 45.29 6.92 -17.22
C THR A 1028 43.88 7.00 -16.67
N ILE A 1029 43.74 6.92 -15.35
CA ILE A 1029 42.43 6.99 -14.73
C ILE A 1029 41.75 8.32 -15.03
N GLY A 1030 42.47 9.41 -14.83
CA GLY A 1030 41.90 10.72 -15.10
C GLY A 1030 41.41 10.80 -16.53
N ASN A 1031 42.28 10.48 -17.48
CA ASN A 1031 41.91 10.50 -18.88
C ASN A 1031 40.59 9.78 -19.10
N ILE A 1032 40.48 8.57 -18.55
CA ILE A 1032 39.25 7.81 -18.69
C ILE A 1032 38.07 8.55 -18.08
N VAL A 1033 38.26 9.26 -16.98
CA VAL A 1033 37.11 10.04 -16.50
C VAL A 1033 36.55 10.92 -17.62
N ILE A 1034 37.42 11.60 -18.36
CA ILE A 1034 36.98 12.53 -19.41
C ILE A 1034 36.12 11.93 -20.52
N VAL A 1035 36.42 10.70 -20.93
CA VAL A 1035 35.62 10.05 -21.96
C VAL A 1035 34.18 9.96 -21.49
N THR A 1036 34.00 9.41 -20.30
CA THR A 1036 32.66 9.27 -19.77
C THR A 1036 32.04 10.64 -19.66
N THR A 1037 32.81 11.61 -19.19
CA THR A 1037 32.22 12.92 -19.01
C THR A 1037 31.63 13.42 -20.32
N LEU A 1038 32.42 13.39 -21.39
CA LEU A 1038 31.93 13.94 -22.64
C LEU A 1038 30.76 13.14 -23.15
N LEU A 1039 30.82 11.83 -23.04
CA LEU A 1039 29.65 11.06 -23.45
C LEU A 1039 28.41 11.58 -22.74
N GLN A 1040 28.44 11.63 -21.41
CA GLN A 1040 27.26 12.05 -20.66
C GLN A 1040 26.78 13.39 -21.16
N PHE A 1041 27.68 14.18 -21.70
CA PHE A 1041 27.27 15.45 -22.29
C PHE A 1041 26.48 15.21 -23.55
N MET A 1042 27.06 14.51 -24.51
CA MET A 1042 26.34 14.36 -25.77
C MET A 1042 25.04 13.59 -25.59
N PHE A 1043 25.06 12.52 -24.82
CA PHE A 1043 23.88 11.70 -24.61
C PHE A 1043 22.73 12.55 -24.08
N ALA A 1044 23.04 13.45 -23.18
CA ALA A 1044 21.99 14.24 -22.60
C ALA A 1044 21.59 15.38 -23.51
N CYS A 1045 22.51 15.88 -24.32
CA CYS A 1045 22.11 16.90 -25.28
C CYS A 1045 21.13 16.23 -26.21
N ILE A 1046 21.05 14.90 -26.17
CA ILE A 1046 20.04 14.20 -26.96
C ILE A 1046 18.75 14.28 -26.19
N GLY A 1047 18.83 14.03 -24.89
CA GLY A 1047 17.65 14.07 -24.05
C GLY A 1047 16.90 15.38 -24.15
N VAL A 1048 17.60 16.50 -24.05
CA VAL A 1048 16.93 17.78 -24.06
C VAL A 1048 16.06 17.85 -25.28
N GLN A 1049 16.62 17.50 -26.42
CA GLN A 1049 15.87 17.61 -27.65
C GLN A 1049 14.67 16.69 -27.63
N LEU A 1050 14.71 15.64 -26.85
CA LEU A 1050 13.63 14.67 -26.91
C LEU A 1050 12.65 14.63 -25.76
N PHE A 1051 13.02 15.16 -24.60
CA PHE A 1051 12.13 15.01 -23.45
C PHE A 1051 11.82 16.32 -22.78
N LYS A 1052 12.30 17.39 -23.37
CA LYS A 1052 12.05 18.69 -22.80
C LYS A 1052 10.57 18.83 -22.65
N GLY A 1053 10.13 19.38 -21.52
CA GLY A 1053 8.72 19.64 -21.33
C GLY A 1053 7.76 18.49 -21.42
N LYS A 1054 8.15 17.33 -20.92
CA LYS A 1054 7.23 16.21 -20.91
C LYS A 1054 7.28 15.51 -19.57
N LEU A 1055 7.67 16.23 -18.53
CA LEU A 1055 7.67 15.65 -17.20
C LEU A 1055 6.85 16.50 -16.24
N TYR A 1056 6.63 17.77 -16.59
CA TYR A 1056 5.80 18.63 -15.76
C TYR A 1056 4.43 18.03 -15.47
N THR A 1057 3.96 18.13 -14.22
CA THR A 1057 2.65 17.55 -13.85
C THR A 1057 2.01 18.24 -12.65
N CYS A 1058 0.78 17.87 -12.31
CA CYS A 1058 0.12 18.43 -11.14
C CYS A 1058 -0.23 17.37 -10.11
N SER A 1059 -0.34 17.77 -8.85
CA SER A 1059 -0.66 16.81 -7.79
C SER A 1059 -2.00 16.15 -8.07
N ASP A 1060 -2.97 16.91 -8.54
CA ASP A 1060 -4.26 16.36 -8.87
C ASP A 1060 -4.17 15.74 -10.24
N SER A 1061 -4.18 14.41 -10.31
CA SER A 1061 -4.03 13.73 -11.59
C SER A 1061 -5.11 14.18 -12.55
N SER A 1062 -6.29 14.49 -12.04
CA SER A 1062 -7.39 14.91 -12.88
C SER A 1062 -6.99 16.11 -13.73
N LYS A 1063 -6.35 17.08 -13.12
CA LYS A 1063 -5.96 18.29 -13.84
C LYS A 1063 -4.85 17.98 -14.83
N GLN A 1064 -4.92 18.58 -16.01
CA GLN A 1064 -3.93 18.27 -17.05
C GLN A 1064 -3.33 19.53 -17.64
N THR A 1065 -3.59 20.67 -17.03
CA THR A 1065 -3.04 21.93 -17.50
C THR A 1065 -2.51 22.70 -16.32
N GLU A 1066 -1.42 23.41 -16.50
CA GLU A 1066 -0.84 24.16 -15.40
C GLU A 1066 -1.90 25.07 -14.82
N ALA A 1067 -2.68 25.70 -15.68
CA ALA A 1067 -3.72 26.61 -15.21
C ALA A 1067 -4.76 25.87 -14.39
N GLU A 1068 -5.10 24.66 -14.80
CA GLU A 1068 -6.10 23.89 -14.08
C GLU A 1068 -5.65 23.61 -12.66
N CYS A 1069 -4.36 23.37 -12.48
CA CYS A 1069 -3.84 23.02 -11.16
C CYS A 1069 -3.70 24.22 -10.25
N LYS A 1070 -4.82 24.75 -9.77
CA LYS A 1070 -4.79 25.89 -8.86
C LYS A 1070 -5.87 25.76 -7.81
N GLY A 1071 -5.50 25.48 -6.57
CA GLY A 1071 -6.48 25.30 -5.52
C GLY A 1071 -6.17 24.11 -4.64
N ASN A 1072 -7.19 23.47 -4.10
CA ASN A 1072 -6.98 22.33 -3.22
C ASN A 1072 -7.71 21.09 -3.70
N TYR A 1073 -7.23 19.93 -3.31
CA TYR A 1073 -7.88 18.68 -3.70
C TYR A 1073 -7.98 17.77 -2.50
N ILE A 1074 -8.47 16.56 -2.72
CA ILE A 1074 -8.65 15.62 -1.60
C ILE A 1074 -7.94 14.31 -1.84
N THR A 1075 -7.23 13.82 -0.82
CA THR A 1075 -6.49 12.60 -0.97
C THR A 1075 -6.90 11.67 0.12
N TYR A 1076 -7.14 10.42 -0.24
CA TYR A 1076 -7.55 9.45 0.75
C TYR A 1076 -6.37 8.63 1.19
N LYS A 1077 -5.95 8.81 2.44
CA LYS A 1077 -4.79 8.10 2.94
C LYS A 1077 -4.92 6.62 2.66
N ASP A 1078 -3.86 6.02 2.10
CA ASP A 1078 -3.89 4.59 1.79
C ASP A 1078 -5.24 4.17 1.22
N GLY A 1079 -5.77 4.95 0.29
CA GLY A 1079 -7.04 4.60 -0.32
C GLY A 1079 -8.14 4.35 0.68
N GLU A 1080 -8.21 5.17 1.72
CA GLU A 1080 -9.27 5.03 2.69
C GLU A 1080 -10.37 6.01 2.38
N VAL A 1081 -11.50 5.50 1.90
CA VAL A 1081 -12.60 6.38 1.53
C VAL A 1081 -12.97 7.24 2.71
N ASP A 1082 -12.69 6.76 3.90
CA ASP A 1082 -13.05 7.50 5.11
C ASP A 1082 -11.89 8.33 5.63
N HIS A 1083 -10.91 8.60 4.78
CA HIS A 1083 -9.77 9.41 5.20
C HIS A 1083 -9.50 10.52 4.21
N PRO A 1084 -10.41 11.50 4.13
CA PRO A 1084 -10.21 12.63 3.23
C PRO A 1084 -9.10 13.53 3.73
N ILE A 1085 -8.21 13.99 2.84
CA ILE A 1085 -7.15 14.90 3.22
C ILE A 1085 -7.06 16.02 2.21
N ILE A 1086 -7.31 17.25 2.64
CA ILE A 1086 -7.33 18.37 1.71
C ILE A 1086 -5.93 18.86 1.38
N GLN A 1087 -5.28 18.22 0.42
CA GLN A 1087 -3.95 18.64 -0.01
C GLN A 1087 -4.06 19.82 -0.96
N PRO A 1088 -2.94 20.51 -1.21
CA PRO A 1088 -2.95 21.63 -2.16
C PRO A 1088 -2.40 21.23 -3.52
N ARG A 1089 -3.06 21.65 -4.59
CA ARG A 1089 -2.61 21.32 -5.94
C ARG A 1089 -1.39 22.12 -6.34
N SER A 1090 -0.48 21.50 -7.06
CA SER A 1090 0.74 22.19 -7.51
C SER A 1090 1.29 21.60 -8.80
N TRP A 1091 1.85 22.46 -9.66
CA TRP A 1091 2.38 22.01 -10.93
C TRP A 1091 3.87 21.81 -10.80
N GLU A 1092 4.32 20.57 -10.76
CA GLU A 1092 5.72 20.31 -10.53
C GLU A 1092 6.39 19.49 -11.62
N ASN A 1093 7.66 19.78 -11.89
CA ASN A 1093 8.40 19.00 -12.87
C ASN A 1093 8.93 17.78 -12.14
N SER A 1094 8.89 16.62 -12.77
CA SER A 1094 9.32 15.40 -12.11
C SER A 1094 10.82 15.34 -11.93
N LYS A 1095 11.30 14.29 -11.27
CA LYS A 1095 12.75 14.13 -11.08
C LYS A 1095 13.44 13.92 -12.41
N PHE A 1096 14.76 14.04 -12.43
CA PHE A 1096 15.48 13.91 -13.67
C PHE A 1096 14.92 14.92 -14.65
N ASP A 1097 14.87 16.18 -14.24
CA ASP A 1097 14.29 17.20 -15.10
C ASP A 1097 15.17 17.63 -16.24
N PHE A 1098 14.89 17.11 -17.43
CA PHE A 1098 15.67 17.47 -18.58
C PHE A 1098 15.17 18.79 -19.09
N ASP A 1099 15.31 19.83 -18.29
CA ASP A 1099 14.79 21.14 -18.68
C ASP A 1099 15.84 21.90 -19.40
N ASN A 1100 17.06 21.45 -19.18
CA ASN A 1100 18.18 22.09 -19.77
C ASN A 1100 19.30 21.09 -19.79
N VAL A 1101 20.26 21.27 -20.67
CA VAL A 1101 21.30 20.28 -20.76
C VAL A 1101 21.81 19.96 -19.36
N LEU A 1102 21.96 20.99 -18.53
CA LEU A 1102 22.56 20.80 -17.21
C LEU A 1102 21.93 19.77 -16.30
N ALA A 1103 20.61 19.87 -16.16
CA ALA A 1103 19.97 18.98 -15.22
C ALA A 1103 20.09 17.59 -15.71
N ALA A 1104 19.98 17.43 -17.03
CA ALA A 1104 20.12 16.12 -17.59
C ALA A 1104 21.49 15.69 -17.24
N MET A 1105 22.44 16.62 -17.31
CA MET A 1105 23.81 16.25 -17.07
C MET A 1105 23.94 15.61 -15.70
N MET A 1106 23.43 16.29 -14.69
CA MET A 1106 23.60 15.78 -13.33
C MET A 1106 22.79 14.51 -13.08
N ALA A 1107 21.63 14.41 -13.71
CA ALA A 1107 20.82 13.21 -13.55
C ALA A 1107 21.62 12.05 -14.08
N LEU A 1108 22.28 12.26 -15.19
CA LEU A 1108 23.09 11.22 -15.76
C LEU A 1108 24.10 10.81 -14.71
N PHE A 1109 24.57 11.77 -13.94
CA PHE A 1109 25.45 11.35 -12.85
C PHE A 1109 24.63 10.59 -11.82
N THR A 1110 23.40 11.06 -11.58
CA THR A 1110 22.53 10.51 -10.55
C THR A 1110 22.25 9.03 -10.78
N VAL A 1111 22.06 8.62 -12.03
CA VAL A 1111 21.83 7.21 -12.30
C VAL A 1111 23.06 6.39 -11.92
N SER A 1112 24.25 6.94 -12.16
CA SER A 1112 25.48 6.29 -11.71
C SER A 1112 25.61 6.35 -10.20
N THR A 1113 25.44 7.54 -9.62
CA THR A 1113 25.51 7.72 -8.18
C THR A 1113 24.37 6.98 -7.49
N PRO A 1134 7.01 9.66 -14.16
CA PRO A 1134 5.91 8.90 -13.57
C PRO A 1134 6.09 7.40 -13.74
N ILE A 1135 4.97 6.66 -13.79
CA ILE A 1135 5.06 5.21 -13.93
C ILE A 1135 5.19 4.82 -15.40
N TYR A 1136 4.23 5.21 -16.23
CA TYR A 1136 4.33 4.93 -17.65
C TYR A 1136 3.80 6.06 -18.51
N ASN A 1137 3.63 7.24 -17.92
CA ASN A 1137 3.17 8.39 -18.71
C ASN A 1137 4.11 8.51 -19.88
N TYR A 1138 5.40 8.58 -19.60
CA TYR A 1138 6.40 8.62 -20.66
C TYR A 1138 7.60 7.95 -20.07
N ARG A 1139 7.43 7.35 -18.90
CA ARG A 1139 8.55 6.74 -18.21
C ARG A 1139 9.16 5.58 -18.95
N VAL A 1140 8.36 4.61 -19.36
CA VAL A 1140 8.97 3.42 -19.98
C VAL A 1140 10.07 3.81 -20.95
N GLU A 1141 9.82 4.83 -21.75
CA GLU A 1141 10.81 5.27 -22.72
C GLU A 1141 12.03 5.77 -22.01
N ILE A 1142 11.88 6.67 -21.05
CA ILE A 1142 13.05 7.23 -20.39
C ILE A 1142 13.85 6.09 -19.82
N SER A 1143 13.11 5.07 -19.39
CA SER A 1143 13.75 3.94 -18.79
C SER A 1143 14.89 3.47 -19.66
N ILE A 1144 14.62 3.17 -20.92
CA ILE A 1144 15.65 2.63 -21.82
C ILE A 1144 16.80 3.59 -22.02
N PHE A 1145 16.52 4.88 -21.93
CA PHE A 1145 17.55 5.87 -22.08
C PHE A 1145 18.46 5.77 -20.87
N PHE A 1146 17.88 5.41 -19.73
CA PHE A 1146 18.65 5.29 -18.52
C PHE A 1146 19.22 3.90 -18.39
N ILE A 1147 19.37 3.21 -19.52
CA ILE A 1147 20.02 1.91 -19.51
C ILE A 1147 21.18 1.97 -20.45
N ILE A 1148 21.16 2.91 -21.37
CA ILE A 1148 22.20 2.96 -22.36
C ILE A 1148 23.42 3.70 -21.87
N TYR A 1149 23.24 4.89 -21.32
CA TYR A 1149 24.38 5.61 -20.76
C TYR A 1149 25.21 4.56 -20.11
N ILE A 1150 24.55 3.64 -19.41
CA ILE A 1150 25.26 2.55 -18.78
C ILE A 1150 26.06 1.80 -19.82
N ILE A 1151 25.38 1.00 -20.61
CA ILE A 1151 26.07 0.19 -21.59
C ILE A 1151 27.26 0.93 -22.13
N ILE A 1152 27.00 2.04 -22.79
CA ILE A 1152 28.09 2.76 -23.41
C ILE A 1152 29.15 3.07 -22.39
N ILE A 1153 28.75 3.59 -21.24
CA ILE A 1153 29.73 3.97 -20.24
C ILE A 1153 30.66 2.81 -19.99
N ALA A 1154 30.15 1.75 -19.40
CA ALA A 1154 30.96 0.60 -19.12
C ALA A 1154 31.72 0.21 -20.34
N PHE A 1155 31.00 -0.09 -21.41
CA PHE A 1155 31.64 -0.53 -22.62
C PHE A 1155 33.02 0.07 -22.79
N PHE A 1156 33.15 1.38 -22.56
CA PHE A 1156 34.46 1.96 -22.83
C PHE A 1156 35.26 2.24 -21.57
N MET A 1157 34.58 2.47 -20.46
CA MET A 1157 35.32 2.65 -19.22
C MET A 1157 36.18 1.42 -19.04
N MET A 1158 35.60 0.25 -19.34
CA MET A 1158 36.37 -0.97 -19.28
C MET A 1158 37.39 -0.99 -20.39
N ASN A 1159 36.92 -0.88 -21.62
CA ASN A 1159 37.82 -0.93 -22.78
C ASN A 1159 39.10 -0.19 -22.53
N ILE A 1160 38.99 1.12 -22.32
CA ILE A 1160 40.20 1.91 -22.18
C ILE A 1160 41.01 1.45 -20.98
N PHE A 1161 40.35 1.14 -19.87
CA PHE A 1161 41.10 0.77 -18.66
C PHE A 1161 41.72 -0.61 -18.60
N VAL A 1162 40.92 -1.67 -18.77
CA VAL A 1162 41.51 -2.99 -18.57
C VAL A 1162 42.57 -3.22 -19.63
N GLY A 1163 42.28 -2.77 -20.85
CA GLY A 1163 43.26 -2.87 -21.91
C GLY A 1163 44.43 -1.99 -21.55
N PHE A 1164 44.14 -0.81 -20.98
CA PHE A 1164 45.23 0.04 -20.53
C PHE A 1164 46.14 -0.75 -19.61
N VAL A 1165 45.56 -1.41 -18.63
CA VAL A 1165 46.33 -2.20 -17.67
C VAL A 1165 47.35 -3.15 -18.28
N ILE A 1166 46.94 -4.16 -19.04
CA ILE A 1166 47.87 -5.19 -19.58
C ILE A 1166 49.34 -4.77 -19.59
N VAL A 1167 49.74 -3.61 -20.09
CA VAL A 1167 51.11 -3.14 -19.95
C VAL A 1167 51.62 -3.48 -18.57
N THR A 1168 50.74 -3.51 -17.58
CA THR A 1168 51.16 -3.94 -16.25
C THR A 1168 51.65 -5.38 -16.35
N PHE A 1169 50.96 -6.19 -17.15
CA PHE A 1169 51.38 -7.57 -17.35
C PHE A 1169 52.68 -7.67 -18.12
N GLN A 1170 52.87 -6.80 -19.11
CA GLN A 1170 54.14 -6.77 -19.81
C GLN A 1170 55.23 -6.52 -18.78
N GLU A 1171 54.97 -5.61 -17.86
CA GLU A 1171 55.93 -5.30 -16.80
C GLU A 1171 56.23 -6.51 -15.92
N GLN A 1172 55.17 -7.20 -15.48
CA GLN A 1172 55.36 -8.35 -14.59
C GLN A 1172 56.82 -8.76 -14.45
N ASN A 1185 58.24 -23.60 -18.31
CA ASN A 1185 57.68 -24.84 -17.80
C ASN A 1185 58.74 -25.91 -17.83
N GLN A 1186 59.46 -25.98 -18.93
CA GLN A 1186 60.49 -27.00 -19.05
C GLN A 1186 61.51 -26.76 -17.96
N ARG A 1187 61.88 -25.50 -17.78
CA ARG A 1187 62.86 -25.17 -16.78
C ARG A 1187 62.38 -25.59 -15.40
N GLN A 1188 61.13 -25.29 -15.09
CA GLN A 1188 60.61 -25.61 -13.77
C GLN A 1188 60.61 -27.10 -13.54
N CYS A 1189 60.27 -27.86 -14.58
CA CYS A 1189 60.26 -29.31 -14.45
C CYS A 1189 61.68 -29.83 -14.21
N VAL A 1190 62.65 -29.27 -14.92
CA VAL A 1190 64.02 -29.67 -14.70
C VAL A 1190 64.36 -29.42 -13.25
N GLU A 1191 63.97 -28.24 -12.76
CA GLU A 1191 64.31 -27.88 -11.37
C GLU A 1191 63.55 -28.67 -10.33
N TYR A 1192 62.56 -29.44 -10.76
CA TYR A 1192 61.85 -30.28 -9.81
C TYR A 1192 62.44 -31.65 -9.93
N ALA A 1193 63.21 -31.87 -10.99
CA ALA A 1193 63.86 -33.15 -11.16
C ALA A 1193 65.20 -33.00 -10.52
N LEU A 1194 65.80 -31.86 -10.73
CA LEU A 1194 67.05 -31.58 -10.08
C LEU A 1194 66.62 -30.91 -8.81
N LYS A 1195 67.52 -30.71 -7.88
CA LYS A 1195 67.15 -29.96 -6.70
C LYS A 1195 65.84 -30.51 -6.15
N ALA A 1196 65.76 -31.80 -5.94
CA ALA A 1196 64.56 -32.41 -5.37
C ALA A 1196 64.99 -33.63 -4.63
N ARG A 1197 64.44 -33.85 -3.44
CA ARG A 1197 64.89 -34.98 -2.63
C ARG A 1197 63.76 -35.92 -2.30
N PRO A 1198 64.06 -37.22 -2.25
CA PRO A 1198 62.99 -38.19 -2.01
C PRO A 1198 62.57 -38.15 -0.55
N LEU A 1199 61.36 -38.60 -0.23
CA LEU A 1199 60.85 -38.53 1.13
C LEU A 1199 60.55 -39.92 1.70
N ARG A 1200 60.57 -40.04 3.02
CA ARG A 1200 60.27 -41.32 3.66
C ARG A 1200 58.84 -41.42 4.13
N ARG A 1201 58.57 -42.37 4.99
CA ARG A 1201 57.22 -42.54 5.49
C ARG A 1201 57.29 -43.27 6.81
N TYR A 1202 56.56 -42.80 7.80
CA TYR A 1202 56.65 -43.44 9.09
C TYR A 1202 56.20 -44.86 8.96
N ILE A 1203 56.99 -45.78 9.48
CA ILE A 1203 56.58 -47.16 9.47
C ILE A 1203 56.37 -47.51 10.93
N PRO A 1204 55.45 -48.43 11.22
CA PRO A 1204 55.34 -48.83 12.63
C PRO A 1204 56.52 -49.68 13.06
N LYS A 1205 57.14 -49.33 14.18
CA LYS A 1205 58.27 -50.10 14.68
C LYS A 1205 57.80 -51.19 15.64
N ASN A 1206 56.53 -51.16 16.00
CA ASN A 1206 55.98 -52.16 16.92
C ASN A 1206 54.84 -52.92 16.25
N GLN A 1207 54.62 -54.16 16.66
CA GLN A 1207 53.51 -54.93 16.13
C GLN A 1207 52.19 -54.23 16.44
N HIS A 1208 52.00 -53.86 17.71
CA HIS A 1208 50.78 -53.16 18.09
C HIS A 1208 50.71 -51.82 17.40
N GLN A 1209 51.83 -51.11 17.36
CA GLN A 1209 51.87 -49.82 16.68
C GLN A 1209 51.55 -50.01 15.22
N TYR A 1210 51.70 -51.24 14.74
CA TYR A 1210 51.47 -51.51 13.33
C TYR A 1210 50.04 -51.84 12.97
N LYS A 1211 49.37 -52.68 13.73
CA LYS A 1211 48.04 -53.08 13.32
C LYS A 1211 47.21 -51.84 13.21
N VAL A 1212 47.36 -51.01 14.21
CA VAL A 1212 46.58 -49.82 14.24
C VAL A 1212 46.97 -48.99 13.04
N TRP A 1213 48.23 -49.05 12.67
CA TRP A 1213 48.69 -48.24 11.55
C TRP A 1213 47.96 -48.72 10.33
N TYR A 1214 48.03 -50.00 10.05
CA TYR A 1214 47.41 -50.45 8.83
C TYR A 1214 46.03 -49.87 8.82
N VAL A 1215 45.32 -49.99 9.93
CA VAL A 1215 43.93 -49.54 9.97
C VAL A 1215 43.79 -48.05 9.81
N VAL A 1216 44.39 -47.28 10.71
CA VAL A 1216 44.19 -45.85 10.65
C VAL A 1216 44.46 -45.38 9.25
N ASN A 1217 45.43 -46.01 8.59
CA ASN A 1217 45.77 -45.61 7.24
C ASN A 1217 44.96 -46.40 6.22
N SER A 1218 44.31 -47.46 6.67
CA SER A 1218 43.49 -48.22 5.76
C SER A 1218 42.58 -47.24 5.07
N THR A 1219 42.55 -47.29 3.75
CA THR A 1219 41.75 -46.33 3.02
C THR A 1219 40.35 -46.32 3.59
N TYR A 1220 39.79 -47.50 3.82
CA TYR A 1220 38.43 -47.54 4.28
C TYR A 1220 38.25 -46.63 5.47
N PHE A 1221 39.20 -46.66 6.40
CA PHE A 1221 39.02 -45.88 7.62
C PHE A 1221 38.75 -44.45 7.26
N GLU A 1222 39.48 -43.95 6.28
CA GLU A 1222 39.24 -42.59 5.83
C GLU A 1222 37.86 -42.51 5.26
N TYR A 1223 37.49 -43.48 4.45
CA TYR A 1223 36.13 -43.48 3.96
C TYR A 1223 35.15 -43.30 5.11
N LEU A 1224 35.28 -44.08 6.17
CA LEU A 1224 34.35 -44.03 7.31
C LEU A 1224 34.37 -42.70 8.03
N MET A 1225 35.55 -42.16 8.25
CA MET A 1225 35.62 -40.88 8.89
C MET A 1225 34.76 -39.88 8.16
N PHE A 1226 34.84 -39.85 6.84
CA PHE A 1226 34.11 -38.82 6.10
C PHE A 1226 32.62 -39.05 6.22
N VAL A 1227 32.22 -40.30 6.23
CA VAL A 1227 30.83 -40.60 6.37
C VAL A 1227 30.33 -40.04 7.68
N LEU A 1228 31.07 -40.28 8.74
CA LEU A 1228 30.67 -39.78 10.05
C LEU A 1228 30.65 -38.27 10.08
N ILE A 1229 31.58 -37.63 9.40
CA ILE A 1229 31.55 -36.18 9.34
C ILE A 1229 30.27 -35.69 8.69
N LEU A 1230 29.91 -36.25 7.54
CA LEU A 1230 28.66 -35.84 6.94
C LEU A 1230 27.54 -36.01 7.95
N LEU A 1231 27.54 -37.10 8.68
CA LEU A 1231 26.45 -37.34 9.59
C LEU A 1231 26.34 -36.25 10.65
N ASN A 1232 27.45 -35.79 11.19
CA ASN A 1232 27.37 -34.81 12.27
C ASN A 1232 26.77 -33.53 11.73
N THR A 1233 27.13 -33.14 10.52
CA THR A 1233 26.63 -31.90 10.00
C THR A 1233 25.17 -32.08 9.65
N ILE A 1234 24.78 -33.28 9.26
CA ILE A 1234 23.38 -33.56 8.98
C ILE A 1234 22.65 -33.70 10.31
N CYS A 1235 23.34 -33.43 11.42
CA CYS A 1235 22.73 -33.55 12.74
C CYS A 1235 22.75 -32.22 13.43
N LEU A 1236 23.37 -31.23 12.80
CA LEU A 1236 23.39 -29.91 13.38
C LEU A 1236 22.64 -29.03 12.45
N ALA A 1237 22.32 -29.56 11.28
CA ALA A 1237 21.57 -28.78 10.33
C ALA A 1237 20.15 -28.72 10.81
N MET A 1238 19.60 -29.83 11.26
CA MET A 1238 18.22 -29.86 11.66
C MET A 1238 18.01 -29.23 13.01
N GLN A 1239 18.02 -27.92 13.08
CA GLN A 1239 17.75 -27.25 14.33
C GLN A 1239 16.76 -26.12 14.13
N HIS A 1240 15.47 -26.43 14.19
CA HIS A 1240 14.43 -25.44 13.94
C HIS A 1240 14.29 -24.42 15.02
N TYR A 1241 13.20 -23.66 15.01
CA TYR A 1241 12.97 -22.67 16.04
C TYR A 1241 12.29 -23.33 17.18
N GLY A 1242 11.27 -24.11 16.87
CA GLY A 1242 10.53 -24.80 17.91
C GLY A 1242 10.68 -26.27 17.73
N GLN A 1243 11.61 -26.87 18.47
CA GLN A 1243 11.86 -28.29 18.32
C GLN A 1243 11.44 -29.02 19.56
N SER A 1244 10.65 -30.08 19.41
CA SER A 1244 10.19 -30.83 20.56
C SER A 1244 11.35 -31.11 21.49
N CYS A 1245 11.15 -30.92 22.77
CA CYS A 1245 12.23 -31.10 23.71
C CYS A 1245 12.85 -32.46 23.52
N LEU A 1246 12.03 -33.48 23.35
CA LEU A 1246 12.59 -34.77 23.07
C LEU A 1246 13.64 -34.60 22.03
N PHE A 1247 13.34 -33.80 21.01
CA PHE A 1247 14.28 -33.64 19.89
C PHE A 1247 15.60 -33.02 20.30
N LYS A 1248 15.60 -32.04 21.19
CA LYS A 1248 16.85 -31.41 21.53
C LYS A 1248 17.70 -32.40 22.29
N ILE A 1249 17.05 -33.20 23.12
CA ILE A 1249 17.78 -34.16 23.90
C ILE A 1249 18.40 -35.12 22.93
N ALA A 1250 17.63 -35.54 21.94
CA ALA A 1250 18.15 -36.47 20.97
C ALA A 1250 19.37 -35.87 20.32
N MET A 1251 19.29 -34.62 19.90
CA MET A 1251 20.41 -33.98 19.24
C MET A 1251 21.66 -33.93 20.12
N ASN A 1252 21.50 -33.54 21.38
CA ASN A 1252 22.65 -33.51 22.27
C ASN A 1252 23.27 -34.90 22.43
N ILE A 1253 22.45 -35.92 22.57
CA ILE A 1253 22.99 -37.26 22.76
C ILE A 1253 23.74 -37.66 21.49
N LEU A 1254 23.23 -37.22 20.36
CA LEU A 1254 23.87 -37.57 19.12
C LEU A 1254 25.22 -36.89 19.01
N ASN A 1255 25.29 -35.64 19.44
CA ASN A 1255 26.55 -34.95 19.40
C ASN A 1255 27.55 -35.65 20.28
N MET A 1256 27.10 -36.18 21.41
CA MET A 1256 27.99 -36.92 22.29
C MET A 1256 28.53 -38.13 21.58
N LEU A 1257 27.64 -38.92 21.01
CA LEU A 1257 28.13 -40.05 20.25
C LEU A 1257 29.21 -39.62 19.28
N PHE A 1258 28.96 -38.54 18.55
CA PHE A 1258 29.92 -38.12 17.54
C PHE A 1258 31.27 -37.68 18.09
N THR A 1259 31.25 -36.89 19.14
CA THR A 1259 32.49 -36.45 19.73
C THR A 1259 33.24 -37.67 20.21
N GLY A 1260 32.54 -38.65 20.74
CA GLY A 1260 33.19 -39.84 21.24
C GLY A 1260 33.86 -40.61 20.14
N LEU A 1261 33.16 -40.73 19.02
CA LEU A 1261 33.77 -41.39 17.87
C LEU A 1261 35.02 -40.65 17.43
N PHE A 1262 35.06 -39.33 17.52
CA PHE A 1262 36.28 -38.68 17.06
C PHE A 1262 37.42 -38.89 18.06
N THR A 1263 37.06 -39.08 19.31
CA THR A 1263 38.08 -39.34 20.29
C THR A 1263 38.75 -40.64 19.91
N VAL A 1264 37.95 -41.60 19.49
CA VAL A 1264 38.50 -42.88 19.15
C VAL A 1264 39.58 -42.65 18.14
N GLU A 1265 39.27 -41.95 17.07
CA GLU A 1265 40.26 -41.78 16.01
C GLU A 1265 41.51 -41.05 16.51
N MET A 1266 41.34 -39.95 17.24
CA MET A 1266 42.53 -39.29 17.74
C MET A 1266 43.42 -40.25 18.49
N ILE A 1267 42.83 -41.02 19.39
CA ILE A 1267 43.66 -41.92 20.20
C ILE A 1267 44.28 -43.03 19.36
N LEU A 1268 43.51 -43.62 18.45
CA LEU A 1268 44.05 -44.64 17.60
C LEU A 1268 45.21 -44.09 16.79
N LYS A 1269 45.00 -42.96 16.14
CA LYS A 1269 46.05 -42.42 15.30
C LYS A 1269 47.31 -42.18 16.11
N LEU A 1270 47.15 -41.63 17.32
CA LEU A 1270 48.31 -41.38 18.17
C LEU A 1270 48.96 -42.68 18.59
N ILE A 1271 48.28 -43.80 18.38
CA ILE A 1271 48.89 -45.10 18.68
C ILE A 1271 49.30 -45.80 17.39
N ALA A 1272 49.13 -45.14 16.25
CA ALA A 1272 49.60 -45.70 15.00
C ALA A 1272 50.73 -44.83 14.55
N PHE A 1273 50.74 -43.58 15.00
CA PHE A 1273 51.84 -42.67 14.71
C PHE A 1273 52.22 -42.14 16.06
N LYS A 1274 53.51 -42.00 16.31
CA LYS A 1274 53.92 -41.54 17.61
C LYS A 1274 53.41 -40.13 17.80
N PRO A 1275 53.46 -39.64 19.04
CA PRO A 1275 52.91 -38.32 19.29
C PRO A 1275 53.43 -37.33 18.30
N LYS A 1276 54.74 -37.26 18.15
CA LYS A 1276 55.31 -36.25 17.27
C LYS A 1276 54.72 -36.40 15.89
N GLY A 1277 54.66 -37.63 15.38
CA GLY A 1277 54.16 -37.87 14.04
C GLY A 1277 52.76 -37.36 13.79
N TYR A 1278 51.84 -37.65 14.68
CA TYR A 1278 50.49 -37.15 14.54
C TYR A 1278 50.56 -35.67 14.57
N PHE A 1279 51.22 -35.12 15.56
CA PHE A 1279 51.24 -33.68 15.71
C PHE A 1279 52.11 -33.00 14.68
N SER A 1280 52.84 -33.76 13.88
CA SER A 1280 53.75 -33.13 12.94
C SER A 1280 53.05 -32.76 11.67
N ASP A 1281 51.72 -32.79 11.69
CA ASP A 1281 50.95 -32.52 10.48
C ASP A 1281 49.85 -31.51 10.76
N PRO A 1282 49.81 -30.42 9.98
CA PRO A 1282 48.81 -29.41 10.30
C PRO A 1282 47.41 -29.96 10.46
N TRP A 1283 46.97 -30.82 9.56
CA TRP A 1283 45.59 -31.27 9.63
C TRP A 1283 45.36 -32.07 10.91
N ASN A 1284 46.36 -32.85 11.30
CA ASN A 1284 46.23 -33.61 12.51
C ASN A 1284 46.09 -32.69 13.73
N VAL A 1285 46.88 -31.62 13.79
CA VAL A 1285 46.72 -30.67 14.89
C VAL A 1285 45.38 -29.96 14.86
N PHE A 1286 44.87 -29.67 13.67
CA PHE A 1286 43.57 -29.04 13.55
C PHE A 1286 42.56 -29.97 14.18
N ASP A 1287 42.66 -31.24 13.83
CA ASP A 1287 41.71 -32.19 14.36
C ASP A 1287 41.82 -32.25 15.86
N PHE A 1288 43.05 -32.25 16.36
CA PHE A 1288 43.24 -32.31 17.79
C PHE A 1288 42.49 -31.20 18.45
N LEU A 1289 42.71 -29.98 17.96
CA LEU A 1289 42.05 -28.84 18.58
C LEU A 1289 40.54 -29.01 18.51
N ILE A 1290 40.00 -29.33 17.35
CA ILE A 1290 38.56 -29.43 17.28
C ILE A 1290 38.10 -30.39 18.34
N VAL A 1291 38.75 -31.55 18.46
CA VAL A 1291 38.32 -32.56 19.43
C VAL A 1291 38.30 -32.07 20.87
N ILE A 1292 39.41 -31.49 21.34
CA ILE A 1292 39.49 -31.05 22.73
C ILE A 1292 38.43 -30.01 23.03
N GLY A 1293 38.29 -29.02 22.16
CA GLY A 1293 37.26 -28.02 22.35
C GLY A 1293 35.86 -28.62 22.35
N SER A 1294 35.59 -29.55 21.45
CA SER A 1294 34.30 -30.20 21.42
C SER A 1294 34.01 -30.94 22.73
N ILE A 1295 35.02 -31.60 23.28
CA ILE A 1295 34.84 -32.32 24.55
C ILE A 1295 34.61 -31.37 25.70
N ILE A 1296 35.28 -30.23 25.66
CA ILE A 1296 35.06 -29.26 26.70
C ILE A 1296 33.63 -28.75 26.59
N ASP A 1297 33.15 -28.60 25.37
CA ASP A 1297 31.76 -28.18 25.19
C ASP A 1297 30.86 -29.20 25.79
N VAL A 1298 31.15 -30.46 25.53
CA VAL A 1298 30.32 -31.52 26.06
C VAL A 1298 30.27 -31.44 27.56
N ILE A 1299 31.42 -31.25 28.19
CA ILE A 1299 31.45 -31.14 29.64
C ILE A 1299 30.58 -30.00 30.11
N LEU A 1300 30.79 -28.83 29.54
CA LEU A 1300 30.02 -27.68 29.95
C LEU A 1300 28.53 -27.97 29.85
N SER A 1301 28.11 -28.63 28.77
CA SER A 1301 26.70 -28.92 28.58
C SER A 1301 26.15 -29.92 29.58
N GLU A 1302 26.86 -31.01 29.79
CA GLU A 1302 26.41 -31.99 30.76
C GLU A 1302 26.30 -31.29 32.11
N THR A 1303 27.11 -30.26 32.32
CA THR A 1303 27.03 -29.49 33.57
C THR A 1303 25.58 -29.29 33.97
N SER A 1352 32.33 -17.71 24.66
CA SER A 1352 31.74 -18.39 25.81
C SER A 1352 31.36 -19.81 25.45
N ILE A 1353 30.33 -20.31 26.10
CA ILE A 1353 29.91 -21.66 25.84
C ILE A 1353 29.66 -21.80 24.37
N THR A 1354 29.05 -20.78 23.76
CA THR A 1354 28.69 -20.89 22.36
C THR A 1354 29.90 -21.07 21.47
N PHE A 1355 30.93 -20.28 21.70
CA PHE A 1355 32.15 -20.42 20.92
C PHE A 1355 32.68 -21.84 20.94
N PHE A 1356 32.66 -22.47 22.10
CA PHE A 1356 33.22 -23.80 22.18
C PHE A 1356 32.29 -24.78 21.52
N ARG A 1357 31.17 -24.28 21.02
CA ARG A 1357 30.20 -25.17 20.36
C ARG A 1357 30.34 -25.13 18.85
N LEU A 1358 30.43 -23.93 18.29
CA LEU A 1358 30.59 -23.78 16.85
C LEU A 1358 31.62 -24.74 16.37
N PHE A 1359 32.69 -24.90 17.13
CA PHE A 1359 33.78 -25.76 16.71
C PHE A 1359 33.36 -26.93 15.84
N ARG A 1360 32.51 -27.77 16.37
CA ARG A 1360 32.11 -28.96 15.63
C ARG A 1360 31.97 -28.69 14.16
N VAL A 1361 31.12 -27.74 13.81
CA VAL A 1361 30.84 -27.46 12.40
C VAL A 1361 32.10 -27.34 11.60
N MET A 1362 33.09 -26.66 12.14
CA MET A 1362 34.28 -26.41 11.36
C MET A 1362 34.81 -27.66 10.72
N ARG A 1363 34.82 -28.76 11.45
CA ARG A 1363 35.39 -30.00 10.94
C ARG A 1363 35.06 -30.23 9.51
N LEU A 1364 33.85 -29.86 9.13
CA LEU A 1364 33.41 -30.07 7.78
C LEU A 1364 34.47 -29.60 6.81
N VAL A 1365 35.25 -28.59 7.20
CA VAL A 1365 36.21 -28.04 6.25
C VAL A 1365 37.15 -29.12 5.83
N LYS A 1366 37.53 -29.98 6.77
CA LYS A 1366 38.51 -31.02 6.45
C LYS A 1366 38.07 -31.83 5.25
N LEU A 1367 36.80 -31.72 4.90
CA LEU A 1367 36.31 -32.47 3.77
C LEU A 1367 36.74 -31.74 2.52
N LEU A 1368 37.27 -30.54 2.70
CA LEU A 1368 37.79 -29.77 1.56
C LEU A 1368 39.23 -30.14 1.28
N SER A 1369 39.91 -30.62 2.30
CA SER A 1369 41.28 -31.05 2.12
C SER A 1369 41.28 -32.38 1.41
N ARG A 1370 40.50 -32.49 0.35
CA ARG A 1370 40.39 -33.75 -0.34
C ARG A 1370 40.69 -33.63 -1.82
N GLY A 1371 39.65 -33.43 -2.62
CA GLY A 1371 39.83 -33.37 -4.07
C GLY A 1371 40.97 -32.48 -4.49
N GLU A 1372 41.86 -33.02 -5.32
CA GLU A 1372 43.01 -32.25 -5.75
C GLU A 1372 42.55 -30.98 -6.40
N GLY A 1373 41.48 -31.06 -7.17
CA GLY A 1373 41.01 -29.90 -7.90
C GLY A 1373 40.73 -28.71 -7.00
N ILE A 1374 39.98 -28.93 -5.93
CA ILE A 1374 39.70 -27.84 -5.00
C ILE A 1374 40.92 -27.51 -4.15
N ARG A 1375 41.69 -28.52 -3.77
CA ARG A 1375 42.80 -28.27 -2.87
C ARG A 1375 43.76 -27.31 -3.51
N THR A 1376 44.14 -27.64 -4.74
CA THR A 1376 45.12 -26.84 -5.45
C THR A 1376 44.69 -25.43 -5.68
N LEU A 1377 43.48 -25.19 -6.16
CA LEU A 1377 43.10 -23.82 -6.49
C LEU A 1377 43.28 -22.91 -5.29
N LEU A 1378 42.69 -23.31 -4.19
CA LEU A 1378 42.76 -22.49 -3.00
C LEU A 1378 44.19 -22.33 -2.55
N TRP A 1379 44.91 -23.44 -2.52
CA TRP A 1379 46.26 -23.37 -2.05
C TRP A 1379 46.99 -22.37 -2.90
N THR A 1380 46.78 -22.41 -4.21
CA THR A 1380 47.53 -21.54 -5.09
C THR A 1380 47.26 -20.08 -4.81
N PHE A 1381 45.98 -19.72 -4.76
CA PHE A 1381 45.62 -18.33 -4.56
C PHE A 1381 45.98 -17.92 -3.17
N ILE A 1382 45.90 -18.85 -2.24
CA ILE A 1382 46.33 -18.53 -0.89
C ILE A 1382 47.82 -18.32 -0.91
N LYS A 1383 48.49 -19.07 -1.76
CA LYS A 1383 49.94 -18.94 -1.86
C LYS A 1383 50.29 -17.73 -2.70
N SER A 1384 49.32 -16.86 -2.92
CA SER A 1384 49.62 -15.65 -3.66
C SER A 1384 48.96 -14.51 -2.93
N PHE A 1385 48.24 -14.82 -1.86
CA PHE A 1385 47.65 -13.76 -1.07
C PHE A 1385 48.66 -13.22 -0.09
N GLN A 1386 49.91 -13.08 -0.54
CA GLN A 1386 50.95 -12.50 0.29
C GLN A 1386 51.72 -11.64 -0.65
N ALA A 1387 51.73 -12.03 -1.92
CA ALA A 1387 52.37 -11.22 -2.93
C ALA A 1387 51.42 -10.12 -3.35
N LEU A 1388 50.40 -9.82 -2.55
CA LEU A 1388 49.54 -8.69 -2.85
C LEU A 1388 49.70 -7.72 -1.71
N PRO A 1389 50.94 -7.42 -1.33
CA PRO A 1389 51.07 -6.57 -0.17
C PRO A 1389 50.80 -5.16 -0.56
N TYR A 1390 51.57 -4.66 -1.51
CA TYR A 1390 51.44 -3.28 -1.86
C TYR A 1390 50.06 -2.91 -2.33
N VAL A 1391 49.21 -3.88 -2.61
CA VAL A 1391 47.88 -3.48 -2.99
C VAL A 1391 46.98 -3.90 -1.87
N ALA A 1392 47.54 -3.98 -0.68
CA ALA A 1392 46.71 -4.31 0.47
C ALA A 1392 47.02 -3.38 1.61
N LEU A 1393 48.29 -3.08 1.81
CA LEU A 1393 48.63 -2.12 2.81
C LEU A 1393 47.99 -0.87 2.29
N LEU A 1394 48.04 -0.68 0.99
CA LEU A 1394 47.50 0.54 0.43
C LEU A 1394 46.03 0.67 0.81
N ILE A 1395 45.26 -0.41 0.72
CA ILE A 1395 43.82 -0.34 1.02
C ILE A 1395 43.50 -0.08 2.49
N VAL A 1396 44.23 -0.75 3.37
CA VAL A 1396 44.02 -0.53 4.79
C VAL A 1396 44.41 0.90 5.09
N MET A 1397 45.42 1.41 4.42
CA MET A 1397 45.85 2.75 4.67
C MET A 1397 44.69 3.63 4.35
N LEU A 1398 44.03 3.34 3.23
CA LEU A 1398 42.92 4.18 2.81
C LEU A 1398 41.87 4.20 3.88
N PHE A 1399 41.41 3.02 4.29
CA PHE A 1399 40.35 2.98 5.27
C PHE A 1399 40.82 3.82 6.43
N PHE A 1400 41.97 3.53 6.99
CA PHE A 1400 42.41 4.25 8.17
C PHE A 1400 42.32 5.75 8.00
N ILE A 1401 42.94 6.28 6.94
CA ILE A 1401 42.97 7.73 6.80
C ILE A 1401 41.59 8.30 6.69
N TYR A 1402 40.78 7.75 5.80
CA TYR A 1402 39.47 8.30 5.59
C TYR A 1402 38.70 8.28 6.88
N ALA A 1403 38.83 7.20 7.64
CA ALA A 1403 38.14 7.07 8.90
C ALA A 1403 38.56 8.16 9.89
N VAL A 1404 39.83 8.30 10.23
CA VAL A 1404 40.13 9.36 11.17
C VAL A 1404 39.54 10.67 10.66
N ILE A 1405 39.79 11.00 9.40
CA ILE A 1405 39.26 12.23 8.83
C ILE A 1405 37.78 12.29 9.09
N GLY A 1406 37.06 11.24 8.72
CA GLY A 1406 35.62 11.25 8.87
C GLY A 1406 35.19 11.43 10.29
N MET A 1407 35.76 10.64 11.18
CA MET A 1407 35.34 10.70 12.56
C MET A 1407 35.53 12.08 13.11
N GLN A 1408 36.30 12.91 12.43
CA GLN A 1408 36.60 14.23 12.96
C GLN A 1408 35.72 15.33 12.39
N VAL A 1409 35.28 15.18 11.15
CA VAL A 1409 34.36 16.15 10.57
C VAL A 1409 32.91 15.68 10.70
N PHE A 1410 32.54 14.59 10.03
CA PHE A 1410 31.20 14.05 10.13
C PHE A 1410 31.08 13.21 11.36
N GLY A 1411 31.36 13.74 12.53
CA GLY A 1411 31.39 12.89 13.70
C GLY A 1411 30.28 13.09 14.68
N LYS A 1412 30.10 14.31 15.12
CA LYS A 1412 29.09 14.59 16.12
C LYS A 1412 27.67 14.67 15.58
N ILE A 1413 27.49 14.49 14.29
CA ILE A 1413 26.16 14.54 13.74
C ILE A 1413 25.35 13.70 14.66
N ALA A 1414 24.28 14.26 15.20
CA ALA A 1414 23.49 13.54 16.18
C ALA A 1414 22.95 12.30 15.56
N LEU A 1415 22.65 11.29 16.38
CA LEU A 1415 22.11 10.04 15.86
C LEU A 1415 20.59 9.98 15.94
N ASN A 1416 19.92 9.75 14.82
CA ASN A 1416 18.47 9.65 14.79
C ASN A 1416 18.08 8.39 14.06
N ASP A 1417 17.47 7.44 14.76
CA ASP A 1417 17.20 6.15 14.12
C ASP A 1417 16.43 6.27 12.84
N THR A 1418 15.69 7.35 12.67
CA THR A 1418 14.88 7.52 11.47
C THR A 1418 15.74 7.87 10.27
N THR A 1419 16.98 8.29 10.50
CA THR A 1419 17.85 8.69 9.40
C THR A 1419 18.88 7.62 9.19
N GLU A 1420 19.90 7.91 8.40
CA GLU A 1420 20.92 6.92 8.11
C GLU A 1420 22.12 6.93 9.03
N ILE A 1421 22.26 7.95 9.86
CA ILE A 1421 23.36 7.95 10.82
C ILE A 1421 22.76 7.46 12.12
N ASN A 1422 22.30 6.22 12.13
CA ASN A 1422 21.71 5.64 13.32
C ASN A 1422 22.80 5.06 14.20
N ARG A 1423 22.40 4.55 15.36
CA ARG A 1423 23.37 3.98 16.29
C ARG A 1423 24.10 2.78 15.72
N ASN A 1424 23.65 2.26 14.58
CA ASN A 1424 24.30 1.08 14.08
C ASN A 1424 25.19 1.45 12.91
N ASN A 1425 25.12 2.69 12.45
CA ASN A 1425 25.99 3.17 11.37
C ASN A 1425 26.39 4.58 11.64
N ASN A 1426 27.03 4.81 12.77
CA ASN A 1426 27.42 6.15 13.12
C ASN A 1426 28.85 6.40 12.77
N PHE A 1427 29.39 7.49 13.28
CA PHE A 1427 30.76 7.87 13.01
C PHE A 1427 31.30 8.38 14.30
N GLN A 1428 31.44 7.55 15.31
CA GLN A 1428 31.85 8.05 16.62
C GLN A 1428 32.91 7.22 17.28
N THR A 1429 33.18 6.04 16.75
CA THR A 1429 34.24 5.24 17.28
C THR A 1429 34.99 4.62 16.14
N PHE A 1430 36.31 4.69 16.14
CA PHE A 1430 37.03 4.20 14.99
C PHE A 1430 36.38 2.95 14.45
N PRO A 1431 36.06 1.98 15.32
CA PRO A 1431 35.50 0.77 14.74
C PRO A 1431 34.23 0.99 13.92
N GLN A 1432 33.28 1.76 14.42
CA GLN A 1432 32.01 1.92 13.71
C GLN A 1432 32.22 2.68 12.41
N ALA A 1433 33.16 3.61 12.40
CA ALA A 1433 33.44 4.32 11.18
C ALA A 1433 34.07 3.39 10.17
N VAL A 1434 34.98 2.52 10.58
CA VAL A 1434 35.50 1.61 9.59
C VAL A 1434 34.35 0.75 9.10
N LEU A 1435 33.42 0.34 9.95
CA LEU A 1435 32.31 -0.45 9.39
C LEU A 1435 31.49 0.31 8.37
N LEU A 1436 31.20 1.58 8.63
CA LEU A 1436 30.45 2.40 7.67
C LEU A 1436 31.20 2.54 6.36
N LEU A 1437 32.50 2.70 6.43
CA LEU A 1437 33.29 2.80 5.21
C LEU A 1437 33.29 1.47 4.46
N PHE A 1438 33.25 0.37 5.18
CA PHE A 1438 33.21 -0.91 4.51
C PHE A 1438 31.89 -1.07 3.82
N ARG A 1439 30.82 -0.54 4.40
CA ARG A 1439 29.54 -0.63 3.72
C ARG A 1439 29.64 0.10 2.40
N CYS A 1440 30.07 1.36 2.43
CA CYS A 1440 30.19 2.13 1.21
C CYS A 1440 31.02 1.39 0.18
N ALA A 1441 32.13 0.82 0.61
CA ALA A 1441 32.99 0.07 -0.30
C ALA A 1441 32.23 -1.09 -0.90
N THR A 1442 31.47 -1.79 -0.06
CA THR A 1442 30.72 -2.95 -0.52
C THR A 1442 29.55 -2.47 -1.36
N GLY A 1443 29.54 -1.18 -1.67
CA GLY A 1443 28.47 -0.63 -2.49
C GLY A 1443 27.10 -0.92 -1.92
N GLU A 1444 26.86 -0.48 -0.69
CA GLU A 1444 25.55 -0.66 -0.08
C GLU A 1444 24.92 0.67 0.23
N ALA A 1445 24.22 1.23 -0.74
CA ALA A 1445 23.52 2.49 -0.51
C ALA A 1445 24.41 3.56 0.09
N TRP A 1446 25.66 3.61 -0.36
CA TRP A 1446 26.57 4.63 0.15
C TRP A 1446 25.91 5.99 -0.02
N GLN A 1447 25.18 6.16 -1.11
CA GLN A 1447 24.54 7.44 -1.38
C GLN A 1447 23.88 8.02 -0.15
N ASP A 1448 22.86 7.34 0.37
CA ASP A 1448 22.12 7.91 1.49
C ASP A 1448 23.00 8.28 2.69
N ILE A 1449 24.04 7.50 2.92
CA ILE A 1449 24.86 7.81 4.06
C ILE A 1449 25.38 9.19 3.74
N MET A 1450 25.74 9.41 2.48
CA MET A 1450 26.35 10.69 2.11
C MET A 1450 25.41 11.86 2.38
N LEU A 1451 24.17 11.74 1.94
CA LEU A 1451 23.20 12.80 2.15
C LEU A 1451 23.06 13.11 3.63
N ALA A 1452 23.19 12.09 4.47
CA ALA A 1452 23.05 12.29 5.91
C ALA A 1452 24.18 13.11 6.49
N CYS A 1453 25.24 13.32 5.69
CA CYS A 1453 26.40 14.05 6.20
C CYS A 1453 26.50 15.48 5.66
N MET A 1454 25.40 16.01 5.12
CA MET A 1454 25.45 17.36 4.57
C MET A 1454 25.14 18.34 5.67
N PRO A 1455 25.46 19.61 5.45
CA PRO A 1455 25.25 20.53 6.58
C PRO A 1455 23.82 20.58 7.05
N GLY A 1456 23.61 21.09 8.25
CA GLY A 1456 22.27 21.24 8.77
C GLY A 1456 21.80 20.21 9.79
N LYS A 1457 22.47 19.06 9.88
CA LYS A 1457 22.10 18.06 10.85
C LYS A 1457 22.41 18.56 12.24
N LYS A 1458 21.54 18.28 13.19
CA LYS A 1458 21.72 18.76 14.56
C LYS A 1458 22.86 18.06 15.25
N CYS A 1459 23.57 18.77 16.11
CA CYS A 1459 24.70 18.19 16.79
C CYS A 1459 24.20 17.35 17.94
N ALA A 1460 24.86 16.23 18.19
CA ALA A 1460 24.40 15.31 19.22
C ALA A 1460 24.33 15.93 20.61
N PRO A 1461 23.56 15.33 21.50
CA PRO A 1461 23.40 15.87 22.85
C PRO A 1461 24.70 15.94 23.62
N GLU A 1462 25.51 14.90 23.52
CA GLU A 1462 26.79 14.90 24.19
C GLU A 1462 27.69 15.91 23.51
N SER A 1463 27.50 16.07 22.21
CA SER A 1463 28.33 17.00 21.46
C SER A 1463 28.16 18.41 22.00
N GLU A 1464 26.93 18.77 22.35
CA GLU A 1464 26.68 20.10 22.90
C GLU A 1464 27.42 21.17 22.11
N THR A 1473 21.95 23.57 14.45
CA THR A 1473 22.39 22.49 13.60
C THR A 1473 23.77 22.77 13.09
N PRO A 1474 24.66 23.25 13.97
CA PRO A 1474 25.94 23.58 13.39
C PRO A 1474 26.77 22.32 13.20
N CYS A 1475 26.32 21.39 12.38
CA CYS A 1475 27.04 20.13 12.25
C CYS A 1475 26.89 19.46 10.90
N GLY A 1476 27.83 18.60 10.58
CA GLY A 1476 27.78 17.89 9.32
C GLY A 1476 28.31 18.68 8.14
N SER A 1477 29.60 18.95 8.10
CA SER A 1477 30.18 19.78 7.04
C SER A 1477 29.87 19.26 5.64
N SER A 1478 29.84 20.17 4.67
CA SER A 1478 29.47 19.80 3.31
C SER A 1478 30.48 18.94 2.59
N PHE A 1479 31.65 18.81 3.16
CA PHE A 1479 32.71 18.06 2.49
C PHE A 1479 32.19 16.73 2.04
N ALA A 1480 31.11 16.31 2.68
CA ALA A 1480 30.55 14.99 2.42
C ALA A 1480 30.70 14.50 1.02
N VAL A 1481 30.27 15.28 0.03
CA VAL A 1481 30.29 14.75 -1.33
C VAL A 1481 31.71 14.31 -1.66
N PHE A 1482 32.66 15.24 -1.57
CA PHE A 1482 34.02 14.90 -1.87
C PHE A 1482 34.44 13.64 -1.17
N TYR A 1483 34.15 13.55 0.12
CA TYR A 1483 34.56 12.39 0.89
C TYR A 1483 34.02 11.12 0.28
N PHE A 1484 32.73 10.89 0.41
CA PHE A 1484 32.19 9.61 -0.05
C PHE A 1484 32.49 9.33 -1.51
N ILE A 1485 32.38 10.30 -2.39
CA ILE A 1485 32.57 10.00 -3.80
C ILE A 1485 34.04 9.70 -4.04
N SER A 1486 34.91 10.52 -3.44
CA SER A 1486 36.31 10.26 -3.58
C SER A 1486 36.55 8.87 -3.06
N PHE A 1487 35.96 8.56 -1.91
CA PHE A 1487 36.23 7.26 -1.33
C PHE A 1487 35.79 6.18 -2.26
N TYR A 1488 34.57 6.24 -2.74
CA TYR A 1488 34.10 5.17 -3.56
C TYR A 1488 35.08 4.99 -4.69
N MET A 1489 35.47 6.06 -5.33
CA MET A 1489 36.35 5.93 -6.50
C MET A 1489 37.67 5.27 -6.15
N LEU A 1490 38.35 5.81 -5.16
CA LEU A 1490 39.64 5.29 -4.82
C LEU A 1490 39.49 3.85 -4.46
N CYS A 1491 38.42 3.50 -3.76
CA CYS A 1491 38.30 2.13 -3.30
C CYS A 1491 38.18 1.21 -4.47
N ALA A 1492 37.28 1.52 -5.38
CA ALA A 1492 37.12 0.71 -6.57
C ALA A 1492 38.46 0.53 -7.26
N PHE A 1493 39.21 1.58 -7.39
CA PHE A 1493 40.42 1.33 -8.08
C PHE A 1493 41.24 0.38 -7.29
N LEU A 1494 41.62 0.77 -6.11
CA LEU A 1494 42.59 -0.07 -5.42
C LEU A 1494 42.14 -1.51 -5.50
N ILE A 1495 40.84 -1.74 -5.55
CA ILE A 1495 40.34 -3.13 -5.54
C ILE A 1495 40.50 -3.84 -6.86
N ILE A 1496 40.33 -3.12 -7.96
CA ILE A 1496 40.55 -3.74 -9.25
C ILE A 1496 42.02 -4.06 -9.34
N ASN A 1497 42.84 -3.18 -8.79
CA ASN A 1497 44.27 -3.43 -8.80
C ASN A 1497 44.54 -4.71 -8.06
N LEU A 1498 43.87 -4.92 -6.93
CA LEU A 1498 44.04 -6.14 -6.16
C LEU A 1498 43.72 -7.36 -6.97
N PHE A 1499 42.53 -7.41 -7.54
CA PHE A 1499 42.12 -8.59 -8.29
C PHE A 1499 43.08 -8.83 -9.43
N VAL A 1500 43.35 -7.79 -10.20
CA VAL A 1500 44.21 -7.97 -11.35
C VAL A 1500 45.55 -8.46 -10.86
N ALA A 1501 46.09 -7.84 -9.83
CA ALA A 1501 47.37 -8.25 -9.31
C ALA A 1501 47.34 -9.72 -9.07
N VAL A 1502 46.45 -10.17 -8.21
CA VAL A 1502 46.39 -11.58 -7.87
C VAL A 1502 46.37 -12.48 -9.09
N ILE A 1503 45.40 -12.31 -9.96
CA ILE A 1503 45.28 -13.19 -11.11
C ILE A 1503 46.53 -13.16 -11.95
N MET A 1504 47.04 -11.97 -12.25
CA MET A 1504 48.20 -11.91 -13.11
C MET A 1504 49.32 -12.69 -12.47
N ASP A 1505 49.57 -12.42 -11.20
CA ASP A 1505 50.66 -13.09 -10.54
C ASP A 1505 50.48 -14.57 -10.62
N ASN A 1506 49.25 -15.03 -10.62
CA ASN A 1506 48.99 -16.45 -10.63
C ASN A 1506 48.51 -16.89 -11.99
N PHE A 1507 48.99 -16.24 -13.04
CA PHE A 1507 48.46 -16.56 -14.37
C PHE A 1507 49.07 -17.80 -15.00
N ASP A 1508 49.81 -18.57 -14.22
CA ASP A 1508 50.34 -19.81 -14.75
C ASP A 1508 49.38 -20.94 -14.48
N TYR A 1509 48.93 -21.05 -13.25
CA TYR A 1509 47.97 -22.07 -12.92
C TYR A 1509 46.70 -21.76 -13.65
N LEU A 1510 46.32 -20.49 -13.70
CA LEU A 1510 45.06 -20.12 -14.32
C LEU A 1510 44.99 -20.54 -15.78
N THR A 1511 46.11 -20.95 -16.36
CA THR A 1511 46.12 -21.42 -17.73
C THR A 1511 47.26 -22.38 -17.97
N ARG A 1512 46.94 -23.66 -18.05
CA ARG A 1512 47.97 -24.67 -18.24
C ARG A 1512 47.48 -25.84 -19.05
N ASP A 1513 48.29 -26.29 -20.00
CA ASP A 1513 47.91 -27.47 -20.76
C ASP A 1513 48.20 -28.66 -19.87
N TRP A 1514 47.24 -29.03 -19.05
CA TRP A 1514 47.47 -30.11 -18.10
C TRP A 1514 47.93 -31.36 -18.84
N SER A 1515 47.63 -31.44 -20.14
CA SER A 1515 48.10 -32.56 -20.93
C SER A 1515 49.61 -32.69 -20.76
N ILE A 1516 50.34 -31.68 -21.19
CA ILE A 1516 51.79 -31.72 -21.07
C ILE A 1516 52.20 -31.71 -19.59
N LEU A 1517 53.47 -31.98 -19.33
CA LEU A 1517 53.96 -32.17 -17.96
C LEU A 1517 54.03 -30.86 -17.20
N GLY A 1518 53.51 -30.87 -15.98
CA GLY A 1518 53.71 -29.81 -15.02
C GLY A 1518 54.25 -30.37 -13.72
N PRO A 1519 54.41 -29.52 -12.70
CA PRO A 1519 54.87 -30.01 -11.40
C PRO A 1519 53.87 -30.93 -10.71
N HIS A 1520 52.59 -30.56 -10.72
CA HIS A 1520 51.56 -31.35 -10.06
C HIS A 1520 51.44 -32.73 -10.70
N HIS A 1521 51.72 -32.83 -12.00
CA HIS A 1521 51.79 -34.13 -12.65
C HIS A 1521 53.07 -34.87 -12.23
N LEU A 1522 53.95 -34.19 -11.51
CA LEU A 1522 55.26 -34.74 -11.16
C LEU A 1522 55.35 -35.19 -9.70
N ASP A 1523 54.59 -34.58 -8.78
CA ASP A 1523 54.71 -35.00 -7.38
C ASP A 1523 54.27 -36.44 -7.16
N GLU A 1524 53.42 -36.97 -8.04
CA GLU A 1524 52.92 -38.33 -7.91
C GLU A 1524 54.07 -39.33 -7.83
N PHE A 1525 55.17 -39.02 -8.52
CA PHE A 1525 56.31 -39.92 -8.53
C PHE A 1525 56.89 -40.08 -7.13
N LYS A 1526 56.96 -39.00 -6.35
CA LYS A 1526 57.47 -39.13 -4.99
C LYS A 1526 56.58 -40.01 -4.13
N ARG A 1527 55.27 -39.84 -4.25
CA ARG A 1527 54.35 -40.63 -3.43
C ARG A 1527 54.31 -42.08 -3.85
N ILE A 1528 54.70 -42.39 -5.09
CA ILE A 1528 54.81 -43.80 -5.49
C ILE A 1528 56.15 -44.36 -5.02
N TRP A 1529 57.22 -43.60 -5.27
CA TRP A 1529 58.58 -44.00 -4.97
C TRP A 1529 58.75 -44.28 -3.49
N ALA A 1530 58.28 -43.36 -2.64
CA ALA A 1530 58.34 -43.52 -1.19
C ALA A 1530 57.48 -44.69 -0.75
N GLU A 1531 56.37 -44.92 -1.46
CA GLU A 1531 55.56 -46.10 -1.17
C GLU A 1531 56.38 -47.37 -1.36
N TYR A 1532 57.20 -47.41 -2.40
CA TYR A 1532 58.22 -48.46 -2.50
C TYR A 1532 59.58 -48.03 -1.97
N ASP A 1533 59.63 -47.52 -0.73
CA ASP A 1533 60.90 -47.07 -0.17
C ASP A 1533 60.82 -46.97 1.34
N PRO A 1534 61.63 -47.72 2.08
CA PRO A 1534 61.45 -47.79 3.53
C PRO A 1534 61.67 -46.47 4.28
N GLU A 1535 62.92 -46.01 4.34
CA GLU A 1535 63.27 -44.83 5.14
C GLU A 1535 63.42 -43.59 4.27
N ALA A 1536 63.97 -42.53 4.87
CA ALA A 1536 64.52 -41.42 4.09
C ALA A 1536 65.75 -41.93 3.37
N LYS A 1537 65.64 -42.14 2.05
CA LYS A 1537 66.58 -42.99 1.33
C LYS A 1537 66.75 -42.41 -0.07
N GLY A 1538 67.30 -43.18 -1.00
CA GLY A 1538 67.47 -42.87 -2.40
C GLY A 1538 67.90 -44.20 -2.97
N ARG A 1539 68.99 -44.20 -3.75
CA ARG A 1539 69.86 -45.37 -3.85
C ARG A 1539 69.08 -46.66 -4.03
N ILE A 1540 68.03 -46.61 -4.84
CA ILE A 1540 67.07 -47.69 -4.98
C ILE A 1540 67.74 -48.95 -5.52
N LYS A 1541 67.11 -50.09 -5.27
CA LYS A 1541 67.60 -51.37 -5.76
C LYS A 1541 67.25 -51.53 -7.24
N HIS A 1542 67.95 -52.45 -7.92
CA HIS A 1542 67.69 -52.73 -9.33
C HIS A 1542 66.30 -53.33 -9.53
N LEU A 1543 65.67 -53.82 -8.46
CA LEU A 1543 64.34 -54.43 -8.55
C LEU A 1543 63.28 -53.37 -8.85
N ASP A 1544 63.72 -52.16 -9.15
CA ASP A 1544 62.85 -51.11 -9.69
C ASP A 1544 62.23 -51.53 -11.01
N VAL A 1545 62.76 -52.60 -11.62
CA VAL A 1545 62.32 -53.08 -12.93
C VAL A 1545 60.80 -53.19 -13.01
N VAL A 1546 60.15 -53.37 -11.86
CA VAL A 1546 58.69 -53.42 -11.80
C VAL A 1546 58.09 -52.03 -11.65
N THR A 1547 58.55 -51.29 -10.65
CA THR A 1547 57.98 -49.98 -10.37
C THR A 1547 58.31 -48.94 -11.42
N LEU A 1548 59.35 -49.17 -12.21
CA LEU A 1548 59.76 -48.17 -13.17
C LEU A 1548 58.55 -47.68 -13.96
N LEU A 1549 57.67 -48.61 -14.35
CA LEU A 1549 56.46 -48.23 -15.05
C LEU A 1549 55.28 -48.83 -14.33
N ARG A 1550 55.50 -49.29 -13.10
CA ARG A 1550 54.44 -49.95 -12.37
C ARG A 1550 53.18 -49.12 -12.42
N ARG A 1551 53.31 -47.83 -12.10
CA ARG A 1551 52.15 -46.98 -12.08
C ARG A 1551 52.54 -45.60 -12.55
N ILE A 1552 52.67 -45.44 -13.86
CA ILE A 1552 53.07 -44.15 -14.41
C ILE A 1552 51.92 -43.44 -15.11
N GLN A 1553 51.63 -42.22 -14.68
CA GLN A 1553 50.58 -41.45 -15.35
C GLN A 1553 50.82 -41.43 -16.84
N PRO A 1554 49.81 -41.80 -17.62
CA PRO A 1554 50.03 -41.92 -19.08
C PRO A 1554 50.51 -40.62 -19.70
N PRO A 1555 50.13 -39.43 -19.18
CA PRO A 1555 50.79 -38.20 -19.66
C PRO A 1555 52.30 -38.23 -19.47
N LEU A 1556 52.78 -38.93 -18.45
CA LEU A 1556 54.21 -38.96 -18.17
C LEU A 1556 54.91 -40.01 -19.03
N GLY A 1557 54.51 -41.27 -18.88
CA GLY A 1557 55.09 -42.35 -19.66
C GLY A 1557 54.05 -43.09 -20.49
N PHE A 1558 54.17 -44.42 -20.57
CA PHE A 1558 53.15 -45.22 -21.22
C PHE A 1558 52.05 -45.55 -20.21
N GLY A 1559 50.92 -46.05 -20.67
CA GLY A 1559 49.84 -46.36 -19.74
C GLY A 1559 49.43 -47.82 -19.70
N LYS A 1560 49.50 -48.50 -20.85
CA LYS A 1560 49.17 -49.91 -20.92
C LYS A 1560 50.21 -50.67 -21.73
N LEU A 1561 50.95 -49.95 -22.56
CA LEU A 1561 51.98 -50.58 -23.38
C LEU A 1561 52.81 -51.54 -22.54
N CYS A 1562 53.16 -52.68 -23.12
CA CYS A 1562 53.95 -53.67 -22.39
C CYS A 1562 55.06 -53.00 -21.61
N PRO A 1563 55.01 -53.11 -20.27
CA PRO A 1563 56.13 -52.56 -19.50
C PRO A 1563 57.44 -53.21 -19.89
N HIS A 1564 57.45 -54.54 -20.00
CA HIS A 1564 58.67 -55.25 -20.34
C HIS A 1564 58.97 -55.07 -21.81
N ARG A 1565 59.27 -53.84 -22.19
CA ARG A 1565 59.55 -53.54 -23.58
C ARG A 1565 60.91 -52.88 -23.65
N VAL A 1566 61.20 -52.19 -24.76
CA VAL A 1566 62.46 -51.47 -24.85
C VAL A 1566 62.47 -50.49 -23.71
N ALA A 1567 61.30 -50.20 -23.15
CA ALA A 1567 61.23 -49.33 -22.00
C ALA A 1567 62.45 -49.54 -21.13
N CYS A 1568 62.83 -50.79 -20.90
CA CYS A 1568 64.01 -51.08 -20.10
C CYS A 1568 65.29 -50.87 -20.89
N LYS A 1569 65.31 -51.32 -22.15
CA LYS A 1569 66.51 -51.19 -22.98
C LYS A 1569 66.85 -49.73 -23.23
N ARG A 1570 65.84 -48.88 -23.41
CA ARG A 1570 66.10 -47.46 -23.62
C ARG A 1570 66.52 -46.79 -22.32
N LEU A 1571 65.90 -47.17 -21.19
CA LEU A 1571 66.31 -46.60 -19.91
C LEU A 1571 67.76 -46.94 -19.60
N VAL A 1572 68.22 -48.11 -20.05
CA VAL A 1572 69.64 -48.43 -19.93
C VAL A 1572 70.43 -47.86 -21.10
N SER A 1573 69.77 -47.40 -22.15
CA SER A 1573 70.47 -46.97 -23.36
C SER A 1573 71.27 -45.69 -23.12
N MET A 1574 70.66 -44.69 -22.51
CA MET A 1574 71.46 -43.53 -22.14
C MET A 1574 72.43 -43.94 -21.03
N ASN A 1575 73.58 -43.29 -21.02
CA ASN A 1575 74.61 -43.59 -20.03
C ASN A 1575 74.04 -43.30 -18.65
N MET A 1576 74.47 -44.07 -17.65
CA MET A 1576 74.06 -43.84 -16.28
C MET A 1576 75.20 -43.22 -15.49
N PRO A 1577 74.90 -42.47 -14.43
CA PRO A 1577 75.97 -41.86 -13.63
C PRO A 1577 76.92 -42.91 -13.08
N LEU A 1578 78.19 -42.55 -13.03
CA LEU A 1578 79.26 -43.50 -12.68
C LEU A 1578 79.24 -43.76 -11.18
N ASN A 1579 78.12 -44.31 -10.71
CA ASN A 1579 77.93 -44.72 -9.34
C ASN A 1579 78.08 -46.25 -9.25
N SER A 1580 77.80 -46.80 -8.08
CA SER A 1580 77.88 -48.24 -7.88
C SER A 1580 76.62 -48.90 -8.43
N ASP A 1581 76.43 -50.18 -8.12
CA ASP A 1581 75.28 -50.92 -8.64
C ASP A 1581 73.97 -50.34 -8.13
N GLY A 1582 73.90 -50.01 -6.84
CA GLY A 1582 72.67 -49.50 -6.26
C GLY A 1582 72.84 -48.16 -5.58
N THR A 1583 73.71 -47.31 -6.12
CA THR A 1583 73.95 -45.98 -5.56
C THR A 1583 73.53 -44.88 -6.52
N VAL A 1584 72.36 -45.04 -7.13
CA VAL A 1584 71.82 -44.06 -8.07
C VAL A 1584 70.55 -43.45 -7.45
N MET A 1585 70.47 -42.13 -7.46
CA MET A 1585 69.41 -41.41 -6.77
C MET A 1585 68.10 -41.52 -7.54
N PHE A 1586 67.00 -41.11 -6.91
CA PHE A 1586 65.72 -41.05 -7.60
C PHE A 1586 65.72 -39.92 -8.63
N ASN A 1587 66.61 -38.94 -8.46
CA ASN A 1587 66.72 -37.84 -9.40
C ASN A 1587 67.03 -38.36 -10.80
N ALA A 1588 67.83 -39.43 -10.88
CA ALA A 1588 68.17 -40.00 -12.19
C ALA A 1588 66.92 -40.47 -12.92
N THR A 1589 66.14 -41.35 -12.27
CA THR A 1589 64.93 -41.85 -12.93
C THR A 1589 63.95 -40.72 -13.22
N LEU A 1590 63.77 -39.81 -12.25
CA LEU A 1590 62.86 -38.69 -12.42
C LEU A 1590 63.22 -37.80 -13.61
N PHE A 1591 64.46 -37.32 -13.65
CA PHE A 1591 64.91 -36.42 -14.70
C PHE A 1591 64.95 -37.13 -16.04
N ALA A 1592 65.34 -38.40 -16.07
CA ALA A 1592 65.34 -39.16 -17.32
C ALA A 1592 63.92 -39.28 -17.86
N LEU A 1593 62.96 -39.58 -16.98
CA LEU A 1593 61.57 -39.70 -17.40
C LEU A 1593 61.05 -38.35 -17.91
N VAL A 1594 61.46 -37.27 -17.24
CA VAL A 1594 61.06 -35.92 -17.64
C VAL A 1594 61.61 -35.63 -19.03
N ARG A 1595 62.87 -35.99 -19.26
CA ARG A 1595 63.53 -35.79 -20.53
C ARG A 1595 62.82 -36.55 -21.65
N THR A 1596 62.46 -37.81 -21.36
CA THR A 1596 61.73 -38.57 -22.35
C THR A 1596 60.38 -37.90 -22.53
N ALA A 1597 59.87 -37.30 -21.46
CA ALA A 1597 58.58 -36.65 -21.53
C ALA A 1597 58.69 -35.28 -22.17
N LEU A 1598 59.91 -34.81 -22.36
CA LEU A 1598 60.11 -33.49 -22.94
C LEU A 1598 61.06 -33.49 -24.12
N ARG A 1599 61.57 -32.31 -24.47
CA ARG A 1599 62.51 -32.19 -25.59
C ARG A 1599 63.48 -33.36 -25.67
N ILE A 1600 63.64 -33.90 -26.87
CA ILE A 1600 64.53 -35.06 -27.05
C ILE A 1600 65.87 -34.67 -27.69
N LYS A 1601 66.93 -35.39 -27.35
CA LYS A 1601 68.27 -35.11 -27.86
C LYS A 1601 68.96 -36.43 -28.15
N THR A 1602 70.05 -36.35 -28.92
CA THR A 1602 70.82 -37.52 -29.33
C THR A 1602 72.21 -37.47 -28.70
N GLU A 1603 73.05 -38.43 -29.12
CA GLU A 1603 74.44 -38.48 -28.65
C GLU A 1603 75.21 -37.27 -29.15
N GLY A 1604 76.28 -36.91 -28.45
CA GLY A 1604 76.97 -35.67 -28.76
C GLY A 1604 76.24 -34.49 -28.14
N ASN A 1605 74.92 -34.43 -28.39
CA ASN A 1605 74.07 -33.49 -27.67
C ASN A 1605 73.98 -33.84 -26.19
N LEU A 1606 74.45 -35.03 -25.81
CA LEU A 1606 74.67 -35.40 -24.41
C LEU A 1606 75.38 -34.26 -23.68
N GLU A 1607 76.53 -33.86 -24.19
CA GLU A 1607 77.25 -32.74 -23.58
C GLU A 1607 76.54 -31.41 -23.80
N GLN A 1608 75.80 -31.27 -24.90
CA GLN A 1608 74.99 -30.07 -25.10
C GLN A 1608 73.94 -29.95 -23.99
N ALA A 1609 73.28 -31.07 -23.69
CA ALA A 1609 72.31 -31.12 -22.60
C ALA A 1609 73.00 -30.81 -21.28
N ASN A 1610 74.12 -31.49 -21.01
CA ASN A 1610 74.87 -31.30 -19.77
C ASN A 1610 75.23 -29.84 -19.53
N GLU A 1611 75.94 -29.24 -20.48
CA GLU A 1611 76.31 -27.84 -20.34
C GLU A 1611 75.07 -26.96 -20.27
N GLU A 1612 74.02 -27.33 -21.00
CA GLU A 1612 72.78 -26.56 -20.97
C GLU A 1612 72.19 -26.55 -19.56
N LEU A 1613 72.19 -27.70 -18.88
CA LEU A 1613 71.72 -27.74 -17.50
C LEU A 1613 72.60 -26.88 -16.60
N ARG A 1614 73.91 -27.09 -16.64
CA ARG A 1614 74.78 -26.27 -15.81
C ARG A 1614 75.25 -25.03 -16.55
N ALA A 1615 74.33 -24.34 -17.22
CA ALA A 1615 74.57 -22.95 -17.61
C ALA A 1615 73.29 -22.12 -17.52
N ILE A 1616 72.13 -22.77 -17.49
CA ILE A 1616 70.88 -22.07 -17.71
C ILE A 1616 69.87 -22.29 -16.59
N ILE A 1617 69.50 -23.55 -16.34
CA ILE A 1617 68.42 -23.82 -15.39
C ILE A 1617 68.89 -23.45 -13.99
N LYS A 1618 68.34 -22.35 -13.46
CA LYS A 1618 68.90 -21.69 -12.28
C LYS A 1618 70.39 -21.45 -12.51
N LYS A 1619 70.69 -20.87 -13.67
CA LYS A 1619 72.05 -20.72 -14.24
C LYS A 1619 72.80 -22.04 -14.02
N ILE A 1620 74.09 -21.96 -13.73
CA ILE A 1620 74.87 -23.16 -13.48
C ILE A 1620 74.83 -23.48 -12.00
N TRP A 1621 73.64 -23.64 -11.45
CA TRP A 1621 73.55 -24.03 -10.06
C TRP A 1621 74.44 -25.26 -9.95
N LYS A 1622 75.57 -25.14 -9.25
CA LYS A 1622 76.49 -26.25 -9.17
C LYS A 1622 75.79 -27.50 -8.70
N ARG A 1623 75.86 -28.57 -9.48
CA ARG A 1623 75.26 -29.82 -9.06
C ARG A 1623 76.18 -30.98 -9.37
N THR A 1624 76.32 -31.91 -8.43
CA THR A 1624 77.14 -33.07 -8.67
C THR A 1624 76.34 -34.08 -9.47
N SER A 1625 75.81 -33.64 -10.60
CA SER A 1625 75.05 -34.54 -11.45
C SER A 1625 76.00 -35.32 -12.34
N MET A 1626 76.71 -36.26 -11.75
CA MET A 1626 77.64 -37.06 -12.54
C MET A 1626 76.89 -37.71 -13.68
N LYS A 1627 77.42 -37.59 -14.88
CA LYS A 1627 76.78 -38.17 -16.06
C LYS A 1627 75.38 -37.61 -16.26
N LEU A 1628 74.55 -38.31 -17.04
CA LEU A 1628 73.22 -37.81 -17.34
C LEU A 1628 72.34 -37.66 -16.11
N LEU A 1629 71.37 -36.77 -16.17
CA LEU A 1629 70.43 -36.57 -15.07
C LEU A 1629 71.15 -36.17 -13.80
N PHE B 27 -53.84 -23.33 50.32
CA PHE B 27 -54.40 -22.31 49.45
C PHE B 27 -55.85 -22.01 49.83
N PRO B 28 -56.11 -20.79 50.30
CA PRO B 28 -57.46 -20.46 50.76
C PRO B 28 -58.50 -20.47 49.66
N SER B 29 -59.77 -20.42 50.04
CA SER B 29 -60.88 -20.44 49.09
C SER B 29 -61.09 -19.07 48.46
N ALA B 30 -61.99 -19.03 47.48
CA ALA B 30 -62.20 -17.80 46.72
C ALA B 30 -62.99 -16.76 47.51
N VAL B 31 -63.93 -17.21 48.36
CA VAL B 31 -64.83 -16.27 49.01
C VAL B 31 -64.07 -15.31 49.92
N THR B 32 -63.10 -15.83 50.68
CA THR B 32 -62.29 -14.95 51.51
C THR B 32 -61.36 -14.08 50.68
N ILE B 33 -60.89 -14.59 49.54
CA ILE B 33 -60.00 -13.82 48.68
C ILE B 33 -60.72 -12.61 48.10
N LYS B 34 -61.93 -12.82 47.56
CA LYS B 34 -62.68 -11.70 47.03
C LYS B 34 -63.05 -10.72 48.14
N SER B 35 -63.35 -11.25 49.34
CA SER B 35 -63.51 -10.37 50.50
C SER B 35 -62.22 -9.62 50.80
N TRP B 36 -61.08 -10.32 50.71
CA TRP B 36 -59.79 -9.64 50.80
C TRP B 36 -59.58 -8.70 49.62
N VAL B 37 -60.12 -9.03 48.46
CA VAL B 37 -60.08 -8.13 47.32
C VAL B 37 -60.98 -6.92 47.55
N ASP B 38 -62.19 -7.15 48.07
CA ASP B 38 -63.13 -6.05 48.28
C ASP B 38 -62.67 -5.09 49.36
N LYS B 39 -61.91 -5.54 50.35
CA LYS B 39 -61.44 -4.63 51.39
C LYS B 39 -60.47 -3.59 50.84
N MET B 40 -59.56 -3.99 49.95
CA MET B 40 -58.77 -3.01 49.22
C MET B 40 -59.43 -2.64 47.90
N GLN B 41 -60.73 -2.36 47.96
CA GLN B 41 -61.47 -1.71 46.89
C GLN B 41 -62.38 -0.61 47.39
N GLU B 42 -62.90 -0.70 48.62
CA GLU B 42 -63.57 0.40 49.27
C GLU B 42 -62.65 1.24 50.13
N ASP B 43 -61.65 0.63 50.76
CA ASP B 43 -60.67 1.37 51.57
C ASP B 43 -59.58 2.02 50.73
N LEU B 44 -59.52 1.72 49.43
CA LEU B 44 -58.55 2.33 48.54
C LEU B 44 -59.11 3.46 47.71
N VAL B 45 -60.21 3.23 46.99
CA VAL B 45 -60.77 4.27 46.14
C VAL B 45 -61.30 5.42 46.98
N THR B 46 -61.83 5.10 48.15
CA THR B 46 -62.32 6.17 49.02
C THR B 46 -61.18 7.11 49.33
N LEU B 47 -60.08 6.56 49.83
CA LEU B 47 -58.92 7.39 50.16
C LEU B 47 -58.52 8.24 48.96
N ALA B 48 -58.49 7.64 47.77
CA ALA B 48 -58.24 8.42 46.56
C ALA B 48 -59.39 9.38 46.27
N LYS B 49 -60.62 9.02 46.64
CA LYS B 49 -61.76 9.89 46.46
C LYS B 49 -61.85 10.99 47.50
N THR B 50 -61.13 10.85 48.62
CA THR B 50 -61.18 11.84 49.69
C THR B 50 -59.89 12.63 49.86
N ALA B 51 -58.73 12.02 49.61
CA ALA B 51 -57.47 12.73 49.71
C ALA B 51 -57.17 13.57 48.48
N SER B 52 -57.90 13.36 47.38
CA SER B 52 -57.73 14.13 46.16
C SER B 52 -58.91 15.04 45.84
N GLY B 53 -60.08 14.75 46.37
CA GLY B 53 -61.25 15.58 46.11
C GLY B 53 -61.72 15.53 44.67
N VAL B 54 -61.75 14.34 44.06
CA VAL B 54 -62.24 14.22 42.70
C VAL B 54 -63.70 14.64 42.61
N ASN B 55 -64.53 14.20 43.57
CA ASN B 55 -65.90 14.65 43.64
C ASN B 55 -66.03 16.08 44.15
N GLN B 56 -65.00 16.59 44.82
CA GLN B 56 -65.00 17.97 45.30
C GLN B 56 -64.46 18.96 44.29
N LEU B 57 -64.03 18.49 43.12
CA LEU B 57 -63.59 19.42 42.08
C LEU B 57 -64.69 19.65 41.04
N VAL B 58 -65.55 18.65 40.83
CA VAL B 58 -66.59 18.78 39.81
C VAL B 58 -67.60 19.86 40.17
N ASP B 59 -67.89 20.04 41.47
CA ASP B 59 -68.85 21.05 41.87
C ASP B 59 -68.27 22.47 41.82
N ILE B 60 -66.94 22.60 41.87
CA ILE B 60 -66.34 23.92 41.65
C ILE B 60 -66.58 24.37 40.22
N TYR B 61 -66.58 23.43 39.28
CA TYR B 61 -66.90 23.76 37.90
C TYR B 61 -68.37 24.11 37.73
N GLU B 62 -69.19 23.90 38.76
CA GLU B 62 -70.62 24.11 38.64
C GLU B 62 -71.09 25.44 39.22
N LYS B 63 -70.60 25.82 40.39
CA LYS B 63 -71.03 27.08 41.00
C LYS B 63 -70.43 28.30 40.31
N TYR B 64 -69.43 28.11 39.45
CA TYR B 64 -68.92 29.20 38.63
C TYR B 64 -69.17 28.89 37.17
N GLN B 65 -70.35 28.31 36.88
CA GLN B 65 -70.68 27.93 35.51
C GLN B 65 -70.82 29.15 34.61
N ASP B 66 -71.45 30.22 35.10
CA ASP B 66 -71.66 31.41 34.28
C ASP B 66 -70.36 32.14 34.01
N LEU B 67 -69.30 31.81 34.74
CA LEU B 67 -68.01 32.48 34.61
C LEU B 67 -67.21 32.01 33.40
N TYR B 68 -67.65 30.95 32.72
CA TYR B 68 -67.02 30.50 31.48
C TYR B 68 -68.11 30.03 30.54
N THR B 69 -67.71 29.68 29.32
CA THR B 69 -68.67 29.14 28.37
C THR B 69 -68.08 27.85 27.82
N VAL B 70 -68.94 26.91 27.46
CA VAL B 70 -68.45 25.67 26.88
C VAL B 70 -68.43 25.75 25.36
N GLU B 71 -67.24 25.74 24.79
CA GLU B 71 -67.11 25.79 23.34
C GLU B 71 -66.97 24.37 22.81
N PRO B 72 -66.99 24.19 21.48
CA PRO B 72 -66.81 22.86 20.92
C PRO B 72 -65.76 22.81 19.81
N ASN B 73 -65.31 21.60 19.45
CA ASN B 73 -64.28 21.45 18.42
C ASN B 73 -64.79 20.69 17.22
N ASN B 74 -65.56 21.34 16.36
CA ASN B 74 -66.07 20.69 15.16
C ASN B 74 -64.92 20.09 14.37
N ALA B 75 -64.91 18.78 14.18
CA ALA B 75 -63.73 18.22 13.52
C ALA B 75 -63.67 18.58 12.04
N ARG B 76 -64.84 18.66 11.39
CA ARG B 76 -64.87 18.96 9.96
C ARG B 76 -64.28 20.34 9.67
N GLN B 77 -64.69 21.35 10.44
CA GLN B 77 -64.24 22.72 10.15
C GLN B 77 -62.75 22.88 10.40
N LEU B 78 -62.25 22.39 11.55
CA LEU B 78 -60.87 22.65 11.93
C LEU B 78 -59.88 22.13 10.91
N VAL B 79 -60.18 20.98 10.31
CA VAL B 79 -59.29 20.43 9.28
C VAL B 79 -59.26 21.35 8.07
N GLU B 80 -60.43 21.85 7.66
CA GLU B 80 -60.48 22.73 6.49
C GLU B 80 -59.77 24.05 6.75
N ILE B 81 -59.98 24.65 7.92
CA ILE B 81 -59.27 25.90 8.24
C ILE B 81 -57.77 25.64 8.30
N ALA B 82 -57.35 24.52 8.89
CA ALA B 82 -55.94 24.21 8.96
C ALA B 82 -55.38 23.80 7.61
N ALA B 83 -56.18 23.14 6.77
CA ALA B 83 -55.69 22.74 5.45
C ALA B 83 -55.64 23.92 4.49
N ARG B 84 -56.47 24.94 4.71
CA ARG B 84 -56.38 26.14 3.88
C ARG B 84 -55.18 27.00 4.28
N ASP B 85 -54.81 26.99 5.56
CA ASP B 85 -53.69 27.79 6.02
C ASP B 85 -52.35 27.25 5.52
N ILE B 86 -52.19 25.93 5.52
CA ILE B 86 -50.94 25.34 5.03
C ILE B 86 -50.82 25.55 3.52
N GLU B 87 -51.93 25.50 2.80
CA GLU B 87 -51.91 25.75 1.37
C GLU B 87 -51.40 27.16 1.07
N LYS B 88 -51.86 28.15 1.82
CA LYS B 88 -51.38 29.52 1.64
C LYS B 88 -49.90 29.63 1.97
N LEU B 89 -49.45 28.92 3.00
CA LEU B 89 -48.03 28.97 3.37
C LEU B 89 -47.15 28.43 2.25
N LEU B 90 -47.53 27.30 1.66
CA LEU B 90 -46.76 26.76 0.55
C LEU B 90 -46.97 27.55 -0.73
N SER B 91 -48.07 28.31 -0.83
CA SER B 91 -48.25 29.25 -1.93
C SER B 91 -47.44 30.53 -1.74
N ASN B 92 -47.19 30.94 -0.50
CA ASN B 92 -46.28 32.05 -0.26
C ASN B 92 -44.88 31.73 -0.78
N ARG B 93 -44.41 30.50 -0.54
CA ARG B 93 -43.08 30.10 -0.96
C ARG B 93 -43.04 29.67 -2.42
N SER B 94 -44.19 29.40 -3.03
CA SER B 94 -44.20 29.13 -4.46
C SER B 94 -44.04 30.42 -5.27
N LYS B 95 -44.62 31.52 -4.79
CA LYS B 95 -44.41 32.80 -5.44
C LYS B 95 -42.97 33.26 -5.31
N ALA B 96 -42.31 32.95 -4.19
CA ALA B 96 -40.91 33.33 -4.03
C ALA B 96 -40.00 32.58 -4.99
N LEU B 97 -40.31 31.32 -5.29
CA LEU B 97 -39.49 30.55 -6.21
C LEU B 97 -39.64 31.06 -7.63
N VAL B 98 -40.87 31.41 -8.03
CA VAL B 98 -41.08 31.95 -9.38
C VAL B 98 -40.37 33.28 -9.55
N ARG B 99 -40.47 34.16 -8.56
CA ARG B 99 -39.74 35.43 -8.61
C ARG B 99 -38.24 35.20 -8.63
N LEU B 100 -37.79 34.07 -8.08
CA LEU B 100 -36.36 33.81 -7.95
C LEU B 100 -35.78 33.12 -9.18
N ALA B 101 -36.62 32.51 -10.02
CA ALA B 101 -36.15 31.84 -11.22
C ALA B 101 -36.28 32.72 -12.47
N LEU B 102 -37.32 33.54 -12.55
CA LEU B 102 -37.48 34.44 -13.68
C LEU B 102 -36.38 35.49 -13.76
N GLU B 103 -35.94 36.02 -12.61
CA GLU B 103 -34.85 36.98 -12.56
C GLU B 103 -33.48 36.34 -12.68
N ALA B 104 -33.40 35.01 -12.60
CA ALA B 104 -32.15 34.31 -12.81
C ALA B 104 -31.89 33.98 -14.26
N GLU B 105 -32.92 33.71 -15.04
CA GLU B 105 -32.76 33.47 -16.47
C GLU B 105 -32.51 34.77 -17.23
N LYS B 106 -33.16 35.85 -16.81
CA LYS B 106 -33.00 37.13 -17.50
C LYS B 106 -31.60 37.70 -17.30
N VAL B 107 -31.09 37.66 -16.07
CA VAL B 107 -29.77 38.21 -15.80
C VAL B 107 -28.68 37.39 -16.45
N GLN B 108 -28.82 36.06 -16.42
CA GLN B 108 -27.80 35.19 -17.01
C GLN B 108 -27.70 35.38 -18.51
N ALA B 109 -28.84 35.56 -19.18
CA ALA B 109 -28.81 35.75 -20.63
C ALA B 109 -28.06 37.03 -21.00
N ALA B 110 -28.27 38.10 -20.23
CA ALA B 110 -27.59 39.36 -20.49
C ALA B 110 -26.11 39.34 -20.10
N HIS B 111 -25.66 38.31 -19.40
CA HIS B 111 -24.27 38.24 -18.97
C HIS B 111 -23.35 38.06 -20.18
N GLN B 112 -22.24 38.78 -20.16
CA GLN B 112 -21.22 38.71 -21.21
C GLN B 112 -20.03 37.92 -20.68
N TRP B 113 -19.71 36.82 -21.36
CA TRP B 113 -18.62 35.96 -20.93
C TRP B 113 -17.29 36.66 -21.15
N ARG B 114 -16.60 36.97 -20.05
CA ARG B 114 -15.28 37.59 -20.07
C ARG B 114 -14.30 36.75 -19.25
N GLU B 115 -13.05 36.74 -19.69
CA GLU B 115 -12.02 35.87 -19.13
C GLU B 115 -10.99 36.62 -18.30
N ASP B 116 -11.08 37.95 -18.21
CA ASP B 116 -10.14 38.77 -17.45
C ASP B 116 -10.84 39.26 -16.20
N PHE B 117 -10.26 38.94 -15.03
CA PHE B 117 -10.88 39.26 -13.75
C PHE B 117 -10.00 40.12 -12.87
N ALA B 118 -8.71 40.24 -13.18
CA ALA B 118 -7.80 41.00 -12.34
C ALA B 118 -8.10 42.49 -12.38
N SER B 119 -8.28 43.04 -13.58
CA SER B 119 -8.55 44.46 -13.70
C SER B 119 -9.92 44.86 -13.15
N ASN B 120 -10.86 43.92 -13.10
CA ASN B 120 -12.21 44.17 -12.60
C ASN B 120 -12.57 43.03 -11.65
N GLU B 121 -12.34 43.24 -10.36
CA GLU B 121 -12.52 42.20 -9.37
C GLU B 121 -14.01 41.94 -9.10
N VAL B 122 -14.29 40.75 -8.57
CA VAL B 122 -15.62 40.37 -8.14
C VAL B 122 -15.68 40.48 -6.62
N VAL B 123 -16.83 40.89 -6.10
CA VAL B 123 -17.00 41.08 -4.66
C VAL B 123 -18.09 40.14 -4.18
N TYR B 124 -17.77 39.35 -3.15
CA TYR B 124 -18.70 38.38 -2.61
C TYR B 124 -18.17 37.88 -1.27
N TYR B 125 -19.05 37.25 -0.50
CA TYR B 125 -18.70 36.71 0.81
C TYR B 125 -18.60 35.19 0.71
N ASN B 126 -17.42 34.66 1.02
CA ASN B 126 -17.24 33.22 1.08
C ASN B 126 -17.71 32.71 2.44
N ALA B 127 -18.52 31.65 2.43
CA ALA B 127 -19.12 31.16 3.67
C ALA B 127 -18.07 30.65 4.64
N LYS B 128 -17.09 29.89 4.16
CA LYS B 128 -16.11 29.22 5.01
C LYS B 128 -14.82 30.03 5.01
N ASP B 129 -14.83 31.12 5.78
CA ASP B 129 -13.64 31.95 5.95
C ASP B 129 -13.71 32.64 7.30
N ASP B 130 -12.56 33.11 7.75
CA ASP B 130 -12.47 33.79 9.05
C ASP B 130 -12.77 35.27 8.91
N GLU B 139 -6.83 37.94 -1.91
CA GLU B 139 -6.89 37.14 -3.12
C GLU B 139 -7.20 38.02 -4.34
N PRO B 140 -6.21 38.20 -5.20
CA PRO B 140 -6.43 39.02 -6.41
C PRO B 140 -7.49 38.41 -7.32
N GLY B 141 -8.27 39.28 -7.94
CA GLY B 141 -9.35 38.86 -8.82
C GLY B 141 -10.67 38.60 -8.12
N SER B 142 -10.72 38.65 -6.80
CA SER B 142 -11.96 38.40 -6.07
C SER B 142 -11.85 39.05 -4.70
N GLN B 143 -12.63 40.11 -4.46
CA GLN B 143 -12.66 40.78 -3.19
C GLN B 143 -13.64 40.08 -2.25
N ARG B 144 -13.35 40.15 -0.96
CA ARG B 144 -14.16 39.50 0.06
C ARG B 144 -14.81 40.54 0.97
N ILE B 145 -16.00 40.22 1.48
CA ILE B 145 -16.77 41.12 2.31
C ILE B 145 -16.68 40.68 3.76
N LYS B 146 -16.66 41.65 4.65
CA LYS B 146 -16.72 41.40 6.09
C LYS B 146 -18.09 41.79 6.60
N PRO B 147 -18.95 40.85 6.98
CA PRO B 147 -20.30 41.20 7.43
C PRO B 147 -20.34 41.54 8.91
N VAL B 148 -21.48 42.09 9.33
CA VAL B 148 -21.67 42.49 10.72
C VAL B 148 -22.14 41.31 11.57
N PHE B 149 -22.97 40.42 10.99
CA PHE B 149 -23.42 39.19 11.66
C PHE B 149 -24.14 39.50 12.96
N ILE B 150 -25.27 40.18 12.83
CA ILE B 150 -26.12 40.47 13.98
C ILE B 150 -26.93 39.24 14.32
N GLU B 151 -27.08 38.96 15.62
CA GLU B 151 -27.85 37.81 16.06
C GLU B 151 -29.33 38.05 15.85
N ASP B 152 -30.04 37.03 15.37
CA ASP B 152 -31.45 37.16 15.05
C ASP B 152 -32.16 35.86 15.38
N ALA B 153 -33.45 35.97 15.68
CA ALA B 153 -34.27 34.84 16.06
C ALA B 153 -34.65 34.03 14.82
N ASN B 154 -35.63 33.13 14.96
CA ASN B 154 -36.04 32.21 13.91
C ASN B 154 -34.88 31.26 13.58
N PHE B 155 -33.83 31.80 12.97
CA PHE B 155 -32.60 31.04 12.82
C PHE B 155 -31.92 30.88 14.17
N GLY B 156 -31.06 29.88 14.26
CA GLY B 156 -30.33 29.63 15.49
C GLY B 156 -28.85 29.94 15.39
N ARG B 157 -28.52 31.01 14.68
CA ARG B 157 -27.13 31.38 14.44
C ARG B 157 -27.07 32.88 14.19
N GLN B 158 -25.91 33.35 13.75
CA GLN B 158 -25.70 34.76 13.43
C GLN B 158 -25.79 34.94 11.92
N ILE B 159 -26.65 35.85 11.48
CA ILE B 159 -26.91 36.07 10.07
C ILE B 159 -26.79 37.55 9.75
N SER B 160 -26.58 37.84 8.47
CA SER B 160 -26.56 39.21 7.96
C SER B 160 -27.57 39.31 6.83
N TYR B 161 -28.45 40.30 6.90
CA TYR B 161 -29.49 40.51 5.90
C TYR B 161 -29.05 41.41 4.76
N GLN B 162 -27.77 41.79 4.72
CA GLN B 162 -27.28 42.75 3.75
C GLN B 162 -26.79 42.11 2.46
N HIS B 163 -26.34 40.85 2.50
CA HIS B 163 -25.82 40.20 1.31
C HIS B 163 -25.99 38.69 1.47
N ALA B 164 -25.77 37.98 0.37
CA ALA B 164 -25.91 36.52 0.33
C ALA B 164 -24.54 35.86 0.36
N ALA B 165 -24.43 34.78 1.13
CA ALA B 165 -23.19 34.05 1.24
C ALA B 165 -23.05 33.07 0.08
N VAL B 166 -21.81 32.65 -0.16
CA VAL B 166 -21.48 31.71 -1.23
C VAL B 166 -20.67 30.58 -0.64
N HIS B 167 -21.05 29.34 -0.95
CA HIS B 167 -20.32 28.17 -0.52
C HIS B 167 -19.69 27.50 -1.73
N ILE B 168 -18.37 27.29 -1.67
CA ILE B 168 -17.62 26.67 -2.75
C ILE B 168 -16.97 25.41 -2.19
N PRO B 169 -17.14 24.25 -2.82
CA PRO B 169 -16.57 23.02 -2.26
C PRO B 169 -15.06 23.09 -2.22
N THR B 170 -14.48 22.33 -1.26
CA THR B 170 -13.03 22.34 -1.10
C THR B 170 -12.32 21.86 -2.35
N ASP B 171 -12.97 21.04 -3.16
CA ASP B 171 -12.35 20.58 -4.40
C ASP B 171 -12.43 21.62 -5.52
N ILE B 172 -13.55 22.32 -5.63
CA ILE B 172 -13.71 23.34 -6.66
C ILE B 172 -12.83 24.52 -6.31
N TYR B 173 -12.45 25.31 -7.30
CA TYR B 173 -11.54 26.43 -7.05
C TYR B 173 -12.07 27.78 -7.49
N GLU B 174 -12.21 28.70 -6.55
CA GLU B 174 -12.63 30.04 -6.92
C GLU B 174 -11.50 30.65 -7.73
N GLY B 175 -11.84 31.40 -8.76
CA GLY B 175 -10.81 31.95 -9.62
C GLY B 175 -10.89 31.36 -11.01
N SER B 176 -11.40 30.15 -11.12
CA SER B 176 -11.57 29.54 -12.43
C SER B 176 -12.48 30.45 -13.23
N THR B 177 -12.28 30.52 -14.53
CA THR B 177 -13.08 31.39 -15.35
C THR B 177 -14.52 31.04 -15.12
N ILE B 178 -14.80 29.75 -14.97
CA ILE B 178 -16.16 29.31 -14.69
C ILE B 178 -16.64 29.85 -13.36
N VAL B 179 -15.93 29.56 -12.27
CA VAL B 179 -16.44 30.00 -10.98
C VAL B 179 -16.59 31.52 -10.95
N LEU B 180 -15.56 32.23 -11.43
CA LEU B 180 -15.60 33.69 -11.38
C LEU B 180 -16.69 34.26 -12.27
N ASN B 181 -16.93 33.63 -13.42
CA ASN B 181 -18.06 34.04 -14.26
C ASN B 181 -19.38 33.80 -13.56
N GLU B 182 -19.50 32.68 -12.85
CA GLU B 182 -20.74 32.40 -12.13
C GLU B 182 -20.94 33.33 -10.94
N LEU B 183 -19.91 34.07 -10.53
CA LEU B 183 -20.03 34.96 -9.38
C LEU B 183 -20.44 36.38 -9.75
N ASN B 184 -20.61 36.69 -11.04
CA ASN B 184 -21.16 37.99 -11.41
C ASN B 184 -22.64 37.89 -11.75
N TRP B 185 -22.99 37.02 -12.70
CA TRP B 185 -24.40 36.92 -13.07
C TRP B 185 -25.26 36.43 -11.91
N THR B 186 -24.68 35.75 -10.94
CA THR B 186 -25.37 35.46 -9.69
C THR B 186 -25.07 36.53 -8.64
N SER B 187 -25.27 37.79 -9.01
CA SER B 187 -25.19 38.90 -8.06
C SER B 187 -26.43 39.78 -8.06
N ALA B 188 -27.24 39.75 -9.12
CA ALA B 188 -28.56 40.37 -9.07
C ALA B 188 -29.53 39.56 -8.24
N LEU B 189 -29.16 38.33 -7.86
CA LEU B 189 -30.01 37.52 -6.98
C LEU B 189 -30.15 38.15 -5.60
N ASP B 190 -29.14 38.86 -5.13
CA ASP B 190 -29.20 39.46 -3.80
C ASP B 190 -30.33 40.49 -3.73
N GLU B 191 -30.62 41.17 -4.83
CA GLU B 191 -31.72 42.13 -4.84
C GLU B 191 -33.06 41.42 -4.69
N VAL B 192 -33.24 40.28 -5.36
CA VAL B 192 -34.51 39.56 -5.24
C VAL B 192 -34.50 38.66 -4.00
N PHE B 193 -33.32 38.22 -3.56
CA PHE B 193 -33.24 37.54 -2.26
C PHE B 193 -33.77 38.43 -1.15
N LYS B 194 -33.36 39.70 -1.13
CA LYS B 194 -33.88 40.62 -0.13
C LYS B 194 -35.34 40.95 -0.37
N LYS B 195 -35.73 41.22 -1.62
CA LYS B 195 -37.11 41.61 -1.92
C LYS B 195 -38.10 40.56 -1.47
N ASN B 196 -37.69 39.29 -1.50
CA ASN B 196 -38.53 38.24 -0.93
C ASN B 196 -38.67 38.39 0.58
N ARG B 197 -37.63 38.90 1.24
CA ARG B 197 -37.59 38.88 2.70
C ARG B 197 -38.54 39.92 3.31
N GLU B 198 -38.54 41.14 2.77
CA GLU B 198 -39.39 42.17 3.38
C GLU B 198 -40.87 41.86 3.18
N GLU B 199 -41.23 41.28 2.03
CA GLU B 199 -42.62 40.93 1.80
C GLU B 199 -43.09 39.85 2.76
N ASP B 200 -42.24 38.85 3.03
CA ASP B 200 -42.53 37.79 3.98
C ASP B 200 -41.40 37.69 4.99
N PRO B 201 -41.49 38.36 6.13
CA PRO B 201 -40.37 38.35 7.10
C PRO B 201 -40.09 36.97 7.68
N SER B 202 -41.04 36.03 7.60
CA SER B 202 -40.84 34.68 8.11
C SER B 202 -40.16 33.76 7.12
N LEU B 203 -39.50 34.31 6.10
CA LEU B 203 -38.85 33.49 5.08
C LEU B 203 -37.56 32.88 5.62
N LEU B 204 -37.40 31.59 5.40
CA LEU B 204 -36.19 30.87 5.80
C LEU B 204 -35.19 30.86 4.65
N TRP B 205 -34.20 29.97 4.71
CA TRP B 205 -33.14 29.91 3.72
C TRP B 205 -33.69 29.90 2.29
N GLN B 206 -33.16 30.80 1.47
CA GLN B 206 -33.33 30.76 0.03
C GLN B 206 -31.98 30.46 -0.60
N VAL B 207 -31.92 29.43 -1.44
CA VAL B 207 -30.66 28.93 -1.97
C VAL B 207 -30.79 28.71 -3.47
N PHE B 208 -29.72 29.04 -4.19
CA PHE B 208 -29.59 28.75 -5.61
C PHE B 208 -28.40 27.79 -5.77
N GLY B 209 -28.70 26.53 -6.04
CA GLY B 209 -27.65 25.54 -6.23
C GLY B 209 -27.19 25.46 -7.66
N SER B 210 -26.06 26.10 -7.97
CA SER B 210 -25.56 26.18 -9.33
C SER B 210 -24.97 24.84 -9.77
N ALA B 211 -24.97 24.62 -11.08
CA ALA B 211 -24.40 23.40 -11.63
C ALA B 211 -22.88 23.39 -11.59
N THR B 212 -22.26 24.56 -11.42
CA THR B 212 -20.81 24.61 -11.27
C THR B 212 -20.37 23.92 -9.98
N GLY B 213 -21.11 24.11 -8.91
CA GLY B 213 -20.80 23.49 -7.64
C GLY B 213 -20.97 24.44 -6.47
N LEU B 214 -21.14 25.72 -6.77
CA LEU B 214 -21.25 26.75 -5.74
C LEU B 214 -22.72 27.06 -5.45
N ALA B 215 -23.05 27.14 -4.18
CA ALA B 215 -24.40 27.46 -3.72
C ALA B 215 -24.39 28.84 -3.10
N ARG B 216 -25.30 29.70 -3.55
CA ARG B 216 -25.45 31.04 -3.02
C ARG B 216 -26.77 31.12 -2.27
N TYR B 217 -26.70 31.28 -0.95
CA TYR B 217 -27.89 31.26 -0.11
C TYR B 217 -28.02 32.55 0.68
N TYR B 218 -29.25 32.86 1.07
CA TYR B 218 -29.60 34.07 1.79
C TYR B 218 -30.48 33.71 2.98
N PRO B 219 -30.28 34.33 4.15
CA PRO B 219 -29.31 35.37 4.49
C PRO B 219 -27.90 34.82 4.65
N ALA B 220 -26.89 35.67 4.65
CA ALA B 220 -25.51 35.22 4.79
C ALA B 220 -25.28 34.70 6.20
N SER B 221 -24.65 33.52 6.31
CA SER B 221 -24.33 32.92 7.59
C SER B 221 -23.08 32.08 7.39
N PRO B 222 -22.13 32.11 8.35
CA PRO B 222 -20.91 31.35 8.17
C PRO B 222 -21.19 29.85 8.09
N TRP B 223 -20.41 29.16 7.28
CA TRP B 223 -20.60 27.73 7.10
C TRP B 223 -20.33 26.97 8.38
N VAL B 224 -21.08 25.89 8.58
CA VAL B 224 -20.95 25.07 9.78
C VAL B 224 -19.57 24.41 9.84
N LYS B 232 -14.92 19.54 10.90
CA LYS B 232 -13.75 18.78 10.48
C LYS B 232 -13.47 18.95 8.98
N ILE B 233 -13.99 18.03 8.19
CA ILE B 233 -13.81 18.02 6.75
C ILE B 233 -15.13 18.37 6.09
N ASP B 234 -15.14 19.41 5.27
CA ASP B 234 -16.36 19.86 4.60
C ASP B 234 -16.54 19.10 3.30
N LEU B 235 -17.44 18.11 3.31
CA LEU B 235 -17.72 17.31 2.13
C LEU B 235 -19.01 17.72 1.43
N TYR B 236 -19.61 18.83 1.84
CA TYR B 236 -20.86 19.28 1.25
C TYR B 236 -20.67 19.63 -0.22
N ASP B 237 -21.61 19.16 -1.05
CA ASP B 237 -21.63 19.51 -2.47
C ASP B 237 -23.08 19.69 -2.88
N VAL B 238 -23.41 20.87 -3.41
CA VAL B 238 -24.80 21.20 -3.66
C VAL B 238 -25.43 20.33 -4.74
N ARG B 239 -24.61 19.68 -5.56
CA ARG B 239 -25.14 18.88 -6.66
C ARG B 239 -25.51 17.46 -6.23
N ARG B 240 -25.29 17.10 -4.97
CA ARG B 240 -25.64 15.79 -4.47
C ARG B 240 -26.81 15.81 -3.49
N ARG B 241 -27.26 16.99 -3.09
CA ARG B 241 -28.32 17.09 -2.08
C ARG B 241 -29.64 16.58 -2.64
N PRO B 242 -30.50 16.01 -1.78
CA PRO B 242 -31.78 15.48 -2.28
C PRO B 242 -32.66 16.54 -2.94
N TRP B 243 -32.64 17.78 -2.44
CA TRP B 243 -33.48 18.81 -3.03
C TRP B 243 -32.96 19.23 -4.39
N TYR B 244 -31.66 19.12 -4.62
CA TYR B 244 -31.11 19.45 -5.93
C TYR B 244 -31.45 18.39 -6.96
N ILE B 245 -31.33 17.11 -6.61
CA ILE B 245 -31.52 16.04 -7.56
C ILE B 245 -32.98 15.93 -7.97
N GLN B 246 -33.90 16.11 -7.02
CA GLN B 246 -35.31 15.98 -7.34
C GLN B 246 -35.80 17.08 -8.27
N GLY B 247 -35.10 18.21 -8.35
CA GLY B 247 -35.49 19.26 -9.26
C GLY B 247 -34.67 19.28 -10.52
N ALA B 248 -33.60 18.50 -10.56
CA ALA B 248 -32.72 18.46 -11.72
C ALA B 248 -33.11 17.41 -12.74
N ALA B 249 -34.01 16.48 -12.40
CA ALA B 249 -34.42 15.46 -13.33
C ALA B 249 -35.70 14.80 -12.81
N SER B 250 -36.39 14.11 -13.72
CA SER B 250 -37.58 13.34 -13.38
C SER B 250 -37.18 12.05 -12.68
N PRO B 251 -38.13 11.38 -12.01
CA PRO B 251 -37.81 10.08 -11.41
C PRO B 251 -37.31 9.08 -12.44
N LYS B 252 -36.50 8.15 -12.00
CA LYS B 252 -35.84 7.20 -12.88
C LYS B 252 -36.11 5.77 -12.44
N ASP B 253 -35.68 4.84 -13.28
CA ASP B 253 -35.82 3.40 -13.06
C ASP B 253 -34.48 2.72 -13.26
N MET B 254 -33.43 3.28 -12.66
CA MET B 254 -32.07 2.84 -12.91
C MET B 254 -31.87 1.39 -12.47
N LEU B 255 -31.16 0.63 -13.31
CA LEU B 255 -30.68 -0.70 -12.96
C LEU B 255 -29.18 -0.70 -13.14
N ILE B 256 -28.45 -1.06 -12.09
CA ILE B 256 -26.99 -0.99 -12.09
C ILE B 256 -26.43 -2.35 -12.49
N LEU B 257 -25.60 -2.36 -13.52
CA LEU B 257 -24.90 -3.56 -13.98
C LEU B 257 -23.45 -3.48 -13.52
N VAL B 258 -23.02 -4.49 -12.77
CA VAL B 258 -21.68 -4.52 -12.19
C VAL B 258 -20.92 -5.67 -12.84
N ASP B 259 -19.74 -5.37 -13.37
CA ASP B 259 -18.88 -6.39 -13.96
C ASP B 259 -18.03 -7.01 -12.87
N VAL B 260 -18.27 -8.28 -12.58
CA VAL B 260 -17.55 -8.99 -11.53
C VAL B 260 -16.72 -10.10 -12.14
N SER B 261 -16.25 -9.89 -13.36
CA SER B 261 -15.41 -10.87 -14.03
C SER B 261 -14.02 -10.88 -13.40
N GLY B 262 -13.15 -11.72 -13.94
CA GLY B 262 -11.84 -11.91 -13.32
C GLY B 262 -10.95 -10.68 -13.41
N SER B 263 -10.96 -10.00 -14.56
CA SER B 263 -10.01 -8.92 -14.79
C SER B 263 -10.26 -7.70 -13.92
N VAL B 264 -11.42 -7.62 -13.26
CA VAL B 264 -11.71 -6.47 -12.41
C VAL B 264 -11.24 -6.66 -10.97
N SER B 265 -10.63 -7.81 -10.66
CA SER B 265 -10.13 -8.06 -9.32
C SER B 265 -8.95 -7.14 -9.02
N GLY B 266 -8.79 -6.81 -7.74
CA GLY B 266 -7.71 -5.94 -7.31
C GLY B 266 -8.19 -4.57 -6.91
N LEU B 267 -7.48 -3.53 -7.36
CA LEU B 267 -7.87 -2.16 -7.02
C LEU B 267 -9.17 -1.77 -7.69
N THR B 268 -9.37 -2.17 -8.95
CA THR B 268 -10.57 -1.78 -9.67
C THR B 268 -11.84 -2.36 -9.07
N LEU B 269 -11.75 -3.44 -8.30
CA LEU B 269 -12.93 -3.97 -7.63
C LEU B 269 -13.36 -3.08 -6.47
N LYS B 270 -12.40 -2.59 -5.68
CA LYS B 270 -12.75 -1.69 -4.58
C LYS B 270 -13.20 -0.33 -5.10
N LEU B 271 -12.80 0.04 -6.32
CA LEU B 271 -13.32 1.25 -6.94
C LEU B 271 -14.75 1.06 -7.42
N ILE B 272 -15.09 -0.15 -7.89
CA ILE B 272 -16.44 -0.42 -8.34
C ILE B 272 -17.40 -0.46 -7.16
N ARG B 273 -17.00 -1.12 -6.07
CA ARG B 273 -17.88 -1.22 -4.90
C ARG B 273 -18.16 0.15 -4.30
N THR B 274 -17.15 1.02 -4.25
CA THR B 274 -17.37 2.38 -3.79
C THR B 274 -18.25 3.16 -4.76
N SER B 275 -18.03 2.96 -6.07
CA SER B 275 -18.79 3.71 -7.07
C SER B 275 -20.28 3.34 -7.02
N VAL B 276 -20.59 2.06 -6.89
CA VAL B 276 -21.99 1.64 -6.77
C VAL B 276 -22.59 2.18 -5.48
N SER B 277 -21.84 2.11 -4.37
CA SER B 277 -22.32 2.64 -3.11
C SER B 277 -22.45 4.16 -3.11
N GLU B 278 -21.73 4.85 -3.99
CA GLU B 278 -21.79 6.31 -4.05
C GLU B 278 -22.90 6.84 -4.92
N MET B 279 -23.33 6.09 -5.95
CA MET B 279 -24.44 6.55 -6.76
C MET B 279 -25.79 6.19 -6.17
N LEU B 280 -25.86 5.12 -5.37
CA LEU B 280 -27.11 4.80 -4.68
C LEU B 280 -27.51 5.91 -3.71
N GLU B 281 -26.58 6.78 -3.32
CA GLU B 281 -26.91 7.93 -2.51
C GLU B 281 -27.57 9.05 -3.32
N THR B 282 -27.66 8.91 -4.63
CA THR B 282 -28.31 9.90 -5.49
C THR B 282 -29.75 9.54 -5.83
N LEU B 283 -30.32 8.56 -5.13
CA LEU B 283 -31.70 8.12 -5.36
C LEU B 283 -32.57 8.50 -4.18
N SER B 284 -33.73 9.09 -4.48
CA SER B 284 -34.74 9.38 -3.48
C SER B 284 -35.72 8.21 -3.42
N ASP B 285 -36.81 8.39 -2.68
CA ASP B 285 -37.79 7.32 -2.53
C ASP B 285 -38.73 7.21 -3.71
N ASP B 286 -38.72 8.19 -4.63
CA ASP B 286 -39.55 8.15 -5.81
C ASP B 286 -38.91 7.37 -6.96
N ASP B 287 -37.66 6.96 -6.82
CA ASP B 287 -36.94 6.22 -7.85
C ASP B 287 -36.84 4.75 -7.47
N PHE B 288 -36.79 3.90 -8.49
CA PHE B 288 -36.72 2.46 -8.31
C PHE B 288 -35.42 1.93 -8.89
N VAL B 289 -34.71 1.12 -8.09
CA VAL B 289 -33.36 0.66 -8.45
C VAL B 289 -33.25 -0.83 -8.18
N ASN B 290 -32.29 -1.46 -8.86
CA ASN B 290 -31.88 -2.82 -8.60
C ASN B 290 -30.48 -3.01 -9.16
N VAL B 291 -29.68 -3.81 -8.46
CA VAL B 291 -28.28 -4.01 -8.81
C VAL B 291 -28.08 -5.46 -9.21
N ALA B 292 -27.54 -5.67 -10.40
CA ALA B 292 -27.22 -6.99 -10.91
C ALA B 292 -25.72 -7.10 -11.18
N SER B 293 -25.27 -8.32 -11.46
CA SER B 293 -23.86 -8.56 -11.72
C SER B 293 -23.73 -9.73 -12.69
N PHE B 294 -22.75 -9.65 -13.59
CA PHE B 294 -22.52 -10.67 -14.60
C PHE B 294 -21.06 -11.08 -14.62
N ASN B 295 -20.82 -12.39 -14.64
CA ASN B 295 -19.48 -12.97 -14.65
C ASN B 295 -19.47 -14.20 -15.56
N SER B 296 -20.07 -14.04 -16.74
CA SER B 296 -20.50 -15.09 -17.69
C SER B 296 -21.82 -15.68 -17.22
N ASN B 297 -22.43 -15.12 -16.19
CA ASN B 297 -23.76 -15.50 -15.75
C ASN B 297 -24.32 -14.32 -14.97
N ALA B 298 -25.54 -13.91 -15.30
CA ALA B 298 -26.11 -12.72 -14.69
C ALA B 298 -27.07 -13.10 -13.57
N GLN B 299 -26.88 -12.48 -12.41
CA GLN B 299 -27.74 -12.71 -11.26
C GLN B 299 -27.78 -11.44 -10.43
N ASP B 300 -28.79 -11.34 -9.57
CA ASP B 300 -28.86 -10.25 -8.63
C ASP B 300 -27.83 -10.44 -7.52
N VAL B 301 -27.56 -9.36 -6.79
CA VAL B 301 -26.63 -9.43 -5.67
C VAL B 301 -27.35 -9.57 -4.33
N SER B 302 -28.67 -9.37 -4.30
CA SER B 302 -29.41 -9.39 -3.05
C SER B 302 -30.64 -10.27 -3.14
N CYS B 303 -31.53 -10.18 -2.14
CA CYS B 303 -32.73 -10.99 -2.05
C CYS B 303 -33.92 -10.36 -2.76
N PHE B 304 -33.70 -9.48 -3.73
CA PHE B 304 -34.76 -8.67 -4.31
C PHE B 304 -35.34 -9.27 -5.59
N GLN B 305 -34.49 -9.49 -6.60
CA GLN B 305 -34.82 -10.08 -7.88
C GLN B 305 -35.67 -9.17 -8.77
N HIS B 306 -36.01 -7.97 -8.33
CA HIS B 306 -36.74 -7.02 -9.16
C HIS B 306 -36.52 -5.62 -8.59
N LEU B 307 -37.04 -4.62 -9.30
CA LEU B 307 -36.85 -3.23 -8.88
C LEU B 307 -37.57 -2.98 -7.56
N VAL B 308 -36.91 -2.21 -6.69
CA VAL B 308 -37.42 -1.90 -5.37
C VAL B 308 -37.51 -0.39 -5.22
N GLN B 309 -38.22 0.04 -4.16
CA GLN B 309 -38.53 1.45 -4.01
C GLN B 309 -37.31 2.31 -3.71
N ALA B 310 -36.16 1.71 -3.41
CA ALA B 310 -34.91 2.44 -3.16
C ALA B 310 -35.07 3.43 -2.01
N ASN B 311 -35.76 3.02 -0.96
CA ASN B 311 -35.88 3.84 0.24
C ASN B 311 -34.64 3.64 1.10
N VAL B 312 -34.68 4.14 2.34
CA VAL B 312 -33.50 4.08 3.21
C VAL B 312 -33.12 2.64 3.51
N ARG B 313 -34.12 1.76 3.63
CA ARG B 313 -33.83 0.38 4.03
C ARG B 313 -33.35 -0.43 2.82
N ASN B 314 -34.06 -0.35 1.70
CA ASN B 314 -33.73 -1.18 0.54
C ASN B 314 -32.35 -0.83 0.01
N LYS B 315 -31.98 0.45 0.00
CA LYS B 315 -30.64 0.82 -0.44
C LYS B 315 -29.56 0.25 0.47
N LYS B 316 -29.84 0.16 1.78
CA LYS B 316 -28.87 -0.40 2.70
C LYS B 316 -28.58 -1.87 2.39
N VAL B 317 -29.62 -2.62 2.02
CA VAL B 317 -29.41 -4.02 1.63
C VAL B 317 -28.54 -4.11 0.38
N LEU B 318 -28.82 -3.26 -0.62
CA LEU B 318 -28.03 -3.29 -1.84
C LEU B 318 -26.59 -2.86 -1.58
N LYS B 319 -26.39 -1.86 -0.74
CA LYS B 319 -25.03 -1.44 -0.38
C LYS B 319 -24.29 -2.56 0.34
N ASP B 320 -24.96 -3.23 1.28
CA ASP B 320 -24.33 -4.32 2.01
C ASP B 320 -24.02 -5.49 1.09
N ALA B 321 -24.93 -5.82 0.16
CA ALA B 321 -24.70 -6.93 -0.75
C ALA B 321 -23.62 -6.61 -1.78
N VAL B 322 -23.53 -5.35 -2.20
CA VAL B 322 -22.50 -4.97 -3.16
C VAL B 322 -21.11 -5.10 -2.54
N ASN B 323 -20.99 -4.74 -1.26
CA ASN B 323 -19.70 -4.81 -0.59
C ASN B 323 -19.20 -6.24 -0.41
N ASN B 324 -20.05 -7.24 -0.64
CA ASN B 324 -19.69 -8.64 -0.43
C ASN B 324 -19.47 -9.40 -1.73
N ILE B 325 -19.35 -8.70 -2.85
CA ILE B 325 -19.17 -9.37 -4.14
C ILE B 325 -17.69 -9.70 -4.32
N THR B 326 -17.44 -10.75 -5.10
CA THR B 326 -16.09 -11.21 -5.40
C THR B 326 -15.90 -11.29 -6.91
N ALA B 327 -14.69 -10.99 -7.37
CA ALA B 327 -14.39 -10.89 -8.80
C ALA B 327 -13.71 -12.18 -9.24
N LYS B 328 -14.42 -12.96 -10.07
CA LYS B 328 -13.88 -14.19 -10.63
C LYS B 328 -14.75 -14.70 -11.76
N GLY B 329 -14.15 -15.02 -12.90
CA GLY B 329 -14.89 -15.61 -14.01
C GLY B 329 -14.53 -14.94 -15.31
N ILE B 330 -15.40 -15.15 -16.30
CA ILE B 330 -15.21 -14.65 -17.67
C ILE B 330 -16.28 -13.63 -17.97
N THR B 331 -15.90 -12.49 -18.56
CA THR B 331 -16.87 -11.47 -18.88
C THR B 331 -17.76 -11.90 -20.04
N ASP B 332 -19.02 -11.47 -20.02
CA ASP B 332 -19.97 -11.79 -21.08
C ASP B 332 -21.03 -10.69 -21.10
N TYR B 333 -20.90 -9.76 -22.04
CA TYR B 333 -21.77 -8.59 -22.08
C TYR B 333 -23.17 -8.92 -22.59
N LYS B 334 -23.33 -10.01 -23.35
CA LYS B 334 -24.65 -10.34 -23.88
C LYS B 334 -25.56 -10.85 -22.79
N LYS B 335 -25.06 -11.75 -21.92
CA LYS B 335 -25.88 -12.25 -20.83
C LYS B 335 -26.14 -11.17 -19.79
N GLY B 336 -25.17 -10.29 -19.57
CA GLY B 336 -25.37 -9.20 -18.64
C GLY B 336 -26.42 -8.21 -19.09
N PHE B 337 -26.48 -7.94 -20.40
CA PHE B 337 -27.42 -6.95 -20.90
C PHE B 337 -28.81 -7.55 -21.10
N SER B 338 -28.90 -8.83 -21.41
CA SER B 338 -30.21 -9.48 -21.50
C SER B 338 -30.91 -9.46 -20.16
N PHE B 339 -30.17 -9.72 -19.08
CA PHE B 339 -30.73 -9.61 -17.74
C PHE B 339 -31.12 -8.17 -17.42
N ALA B 340 -30.31 -7.21 -17.87
CA ALA B 340 -30.61 -5.81 -17.60
C ALA B 340 -31.91 -5.37 -18.27
N PHE B 341 -32.12 -5.77 -19.52
CA PHE B 341 -33.31 -5.35 -20.24
C PHE B 341 -34.54 -6.11 -19.76
N GLU B 342 -34.38 -7.38 -19.37
CA GLU B 342 -35.52 -8.16 -18.90
C GLU B 342 -36.08 -7.61 -17.60
N GLN B 343 -35.22 -7.17 -16.69
CA GLN B 343 -35.67 -6.63 -15.42
C GLN B 343 -36.37 -5.30 -15.56
N LEU B 344 -36.12 -4.58 -16.66
CA LEU B 344 -36.75 -3.29 -16.90
C LEU B 344 -38.12 -3.42 -17.57
N LEU B 345 -38.54 -4.64 -17.90
CA LEU B 345 -39.83 -4.88 -18.55
C LEU B 345 -40.73 -5.74 -17.68
N ASN B 346 -40.73 -5.52 -16.36
CA ASN B 346 -41.55 -6.33 -15.47
C ASN B 346 -43.00 -5.90 -15.50
N TYR B 347 -43.29 -4.68 -15.06
CA TYR B 347 -44.62 -4.08 -15.02
C TYR B 347 -45.60 -4.84 -14.11
N ASN B 348 -45.15 -5.89 -13.44
CA ASN B 348 -45.96 -6.52 -12.40
C ASN B 348 -45.87 -5.78 -11.07
N VAL B 349 -44.73 -5.15 -10.79
CA VAL B 349 -44.49 -4.53 -9.51
C VAL B 349 -44.63 -3.02 -9.66
N SER B 350 -44.68 -2.34 -8.53
CA SER B 350 -44.71 -0.88 -8.54
C SER B 350 -43.41 -0.33 -9.13
N ARG B 351 -43.53 0.66 -10.00
CA ARG B 351 -42.39 1.24 -10.67
C ARG B 351 -42.65 2.74 -10.84
N ALA B 352 -41.70 3.44 -11.44
CA ALA B 352 -41.81 4.87 -11.68
C ALA B 352 -42.47 5.22 -13.00
N ASN B 353 -42.45 4.30 -13.97
CA ASN B 353 -42.97 4.55 -15.32
C ASN B 353 -42.36 5.82 -15.90
N CYS B 354 -41.04 5.90 -15.80
CA CYS B 354 -40.29 7.10 -16.14
C CYS B 354 -38.93 6.66 -16.66
N ASN B 355 -37.95 7.57 -16.61
CA ASN B 355 -36.61 7.35 -17.16
C ASN B 355 -36.10 5.95 -16.86
N LYS B 356 -35.88 5.17 -17.92
CA LYS B 356 -35.34 3.82 -17.82
C LYS B 356 -33.90 3.86 -18.28
N ILE B 357 -32.97 3.74 -17.34
CA ILE B 357 -31.55 3.87 -17.63
C ILE B 357 -30.81 2.65 -17.09
N ILE B 358 -29.67 2.36 -17.71
CA ILE B 358 -28.82 1.23 -17.32
C ILE B 358 -27.42 1.76 -17.10
N MET B 359 -26.83 1.42 -15.95
CA MET B 359 -25.46 1.81 -15.63
C MET B 359 -24.58 0.57 -15.67
N LEU B 360 -23.56 0.58 -16.52
CA LEU B 360 -22.65 -0.55 -16.69
C LEU B 360 -21.31 -0.18 -16.06
N PHE B 361 -20.91 -0.94 -15.04
CA PHE B 361 -19.67 -0.68 -14.31
C PHE B 361 -18.66 -1.75 -14.70
N THR B 362 -17.85 -1.45 -15.71
CA THR B 362 -16.81 -2.36 -16.18
C THR B 362 -15.51 -1.58 -16.29
N ASP B 363 -14.48 -2.25 -16.80
CA ASP B 363 -13.19 -1.61 -17.06
C ASP B 363 -12.91 -1.46 -18.54
N GLY B 364 -12.99 -2.55 -19.30
CA GLY B 364 -12.77 -2.50 -20.73
C GLY B 364 -13.17 -3.83 -21.34
N GLY B 365 -13.13 -3.86 -22.66
CA GLY B 365 -13.49 -5.08 -23.36
C GLY B 365 -13.40 -4.88 -24.86
N GLU B 366 -13.87 -5.91 -25.58
CA GLU B 366 -13.87 -5.90 -27.04
C GLU B 366 -15.23 -6.29 -27.61
N GLU B 367 -16.26 -6.40 -26.77
CA GLU B 367 -17.57 -6.85 -27.20
C GLU B 367 -18.50 -5.67 -27.30
N ARG B 368 -19.21 -5.57 -28.43
CA ARG B 368 -20.17 -4.49 -28.64
C ARG B 368 -21.60 -4.90 -28.27
N ALA B 369 -21.93 -6.18 -28.40
CA ALA B 369 -23.25 -6.71 -28.07
C ALA B 369 -24.36 -5.97 -28.83
N GLN B 370 -24.10 -5.66 -30.10
CA GLN B 370 -25.07 -4.91 -30.88
C GLN B 370 -26.34 -5.69 -31.15
N GLU B 371 -26.29 -7.03 -31.12
CA GLU B 371 -27.51 -7.81 -31.29
C GLU B 371 -28.47 -7.59 -30.15
N ILE B 372 -27.96 -7.49 -28.92
CA ILE B 372 -28.82 -7.24 -27.76
C ILE B 372 -29.49 -5.88 -27.87
N PHE B 373 -28.73 -4.86 -28.26
CA PHE B 373 -29.31 -3.53 -28.41
C PHE B 373 -30.31 -3.48 -29.56
N ASN B 374 -30.15 -4.33 -30.57
CA ASN B 374 -31.07 -4.36 -31.69
C ASN B 374 -32.31 -5.20 -31.39
N LYS B 375 -32.29 -6.00 -30.32
CA LYS B 375 -33.42 -6.85 -29.99
C LYS B 375 -34.34 -6.23 -28.94
N TYR B 376 -33.77 -5.51 -27.97
CA TYR B 376 -34.53 -5.07 -26.81
C TYR B 376 -34.98 -3.61 -26.90
N ASN B 377 -34.15 -2.71 -27.46
CA ASN B 377 -34.56 -1.32 -27.66
C ASN B 377 -34.17 -0.88 -29.06
N LYS B 378 -35.08 -1.11 -30.02
CA LYS B 378 -34.92 -0.54 -31.35
C LYS B 378 -35.26 0.94 -31.38
N ASP B 379 -36.31 1.35 -30.67
CA ASP B 379 -36.71 2.75 -30.63
C ASP B 379 -35.95 3.54 -29.57
N LYS B 380 -35.05 2.91 -28.82
CA LYS B 380 -34.17 3.58 -27.87
C LYS B 380 -34.96 4.28 -26.76
N LYS B 381 -35.74 3.50 -26.02
CA LYS B 381 -36.42 3.99 -24.83
C LYS B 381 -35.60 3.75 -23.56
N VAL B 382 -34.42 3.16 -23.68
CA VAL B 382 -33.57 2.84 -22.54
C VAL B 382 -32.22 3.50 -22.76
N ARG B 383 -31.86 4.43 -21.87
CA ARG B 383 -30.55 5.04 -21.90
C ARG B 383 -29.51 4.11 -21.26
N VAL B 384 -28.32 4.07 -21.83
CA VAL B 384 -27.24 3.24 -21.33
C VAL B 384 -26.05 4.14 -21.01
N PHE B 385 -25.70 4.24 -19.74
CA PHE B 385 -24.53 4.97 -19.28
C PHE B 385 -23.44 3.99 -18.93
N THR B 386 -22.26 4.16 -19.51
CA THR B 386 -21.15 3.24 -19.34
C THR B 386 -20.02 3.91 -18.58
N PHE B 387 -19.53 3.24 -17.54
CA PHE B 387 -18.45 3.73 -16.70
C PHE B 387 -17.24 2.82 -16.86
N SER B 388 -16.09 3.41 -17.16
CA SER B 388 -14.82 2.69 -17.22
C SER B 388 -14.06 2.97 -15.94
N VAL B 389 -13.93 1.96 -15.09
CA VAL B 389 -13.46 2.12 -13.72
C VAL B 389 -12.06 1.53 -13.59
N GLY B 390 -11.16 2.28 -12.98
CA GLY B 390 -9.84 1.80 -12.67
C GLY B 390 -8.79 2.19 -13.71
N GLN B 391 -7.53 1.96 -13.34
CA GLN B 391 -6.39 2.23 -14.20
C GLN B 391 -5.95 0.93 -14.86
N HIS B 392 -6.13 0.84 -16.17
CA HIS B 392 -5.84 -0.37 -16.91
C HIS B 392 -5.45 0.01 -18.33
N ASN B 393 -5.30 -1.00 -19.18
CA ASN B 393 -4.90 -0.81 -20.57
C ASN B 393 -5.81 -1.56 -21.53
N TYR B 394 -7.01 -1.92 -21.09
CA TYR B 394 -7.98 -2.59 -21.92
C TYR B 394 -8.65 -1.61 -22.88
N ASP B 395 -9.24 -2.15 -23.94
CA ASP B 395 -9.88 -1.32 -24.95
C ASP B 395 -11.15 -0.69 -24.39
N ARG B 396 -11.28 0.63 -24.54
CA ARG B 396 -12.46 1.37 -24.14
C ARG B 396 -13.31 1.80 -25.34
N GLY B 397 -13.04 1.24 -26.51
CA GLY B 397 -13.79 1.56 -27.70
C GLY B 397 -15.24 1.14 -27.62
N PRO B 398 -15.49 -0.16 -27.44
CA PRO B 398 -16.88 -0.62 -27.33
C PRO B 398 -17.64 0.02 -26.17
N ILE B 399 -16.95 0.33 -25.07
CA ILE B 399 -17.61 0.96 -23.93
C ILE B 399 -18.17 2.32 -24.33
N GLN B 400 -17.43 3.07 -25.15
CA GLN B 400 -17.93 4.35 -25.63
C GLN B 400 -19.01 4.20 -26.69
N TRP B 401 -19.03 3.08 -27.42
CA TRP B 401 -20.01 2.90 -28.46
C TRP B 401 -21.42 2.71 -27.89
N MET B 402 -21.53 1.93 -26.80
CA MET B 402 -22.84 1.72 -26.19
C MET B 402 -23.40 3.01 -25.62
N ALA B 403 -22.53 3.90 -25.16
CA ALA B 403 -22.96 5.17 -24.60
C ALA B 403 -23.43 6.17 -25.64
N CYS B 404 -22.98 6.04 -26.90
CA CYS B 404 -23.39 6.95 -27.96
C CYS B 404 -24.58 6.46 -28.74
N GLU B 405 -24.62 5.18 -29.10
CA GLU B 405 -25.80 4.63 -29.79
C GLU B 405 -27.03 4.78 -28.91
N ASN B 406 -27.03 4.12 -27.76
CA ASN B 406 -28.04 4.38 -26.75
C ASN B 406 -27.87 5.78 -26.18
N LYS B 407 -28.98 6.41 -25.82
CA LYS B 407 -29.01 7.83 -25.48
C LYS B 407 -28.33 8.10 -24.14
N GLY B 408 -27.04 7.80 -24.08
CA GLY B 408 -26.33 7.88 -22.81
C GLY B 408 -25.08 8.76 -22.77
N TYR B 409 -24.15 8.41 -21.88
CA TYR B 409 -22.92 9.17 -21.71
C TYR B 409 -21.85 8.19 -21.27
N TYR B 410 -20.59 8.57 -21.49
CA TYR B 410 -19.45 7.74 -21.14
C TYR B 410 -18.61 8.45 -20.09
N TYR B 411 -18.35 7.77 -18.98
CA TYR B 411 -17.61 8.34 -17.86
C TYR B 411 -16.43 7.45 -17.53
N GLU B 412 -15.42 8.04 -16.90
CA GLU B 412 -14.21 7.34 -16.51
C GLU B 412 -13.92 7.61 -15.05
N ILE B 413 -13.66 6.55 -14.28
CA ILE B 413 -13.37 6.67 -12.86
C ILE B 413 -12.04 6.00 -12.57
N PRO B 414 -10.92 6.73 -12.62
CA PRO B 414 -9.61 6.11 -12.43
C PRO B 414 -9.12 6.03 -10.98
N SER B 415 -9.77 6.71 -10.04
CA SER B 415 -9.30 6.71 -8.65
C SER B 415 -10.46 7.05 -7.73
N ILE B 416 -10.17 7.07 -6.43
CA ILE B 416 -11.19 7.40 -5.44
C ILE B 416 -11.64 8.85 -5.58
N GLY B 417 -10.71 9.74 -5.93
CA GLY B 417 -11.04 11.15 -6.07
C GLY B 417 -12.05 11.44 -7.16
N ALA B 418 -12.08 10.62 -8.21
CA ALA B 418 -13.02 10.82 -9.31
C ALA B 418 -14.34 10.09 -9.11
N ILE B 419 -14.48 9.32 -8.02
CA ILE B 419 -15.72 8.61 -7.78
C ILE B 419 -16.86 9.58 -7.52
N ARG B 420 -16.62 10.61 -6.71
CA ARG B 420 -17.71 11.47 -6.26
C ARG B 420 -18.31 12.25 -7.41
N ILE B 421 -17.48 12.94 -8.20
CA ILE B 421 -18.01 13.83 -9.22
C ILE B 421 -18.67 13.05 -10.35
N ASN B 422 -18.07 11.94 -10.76
CA ASN B 422 -18.54 11.22 -11.93
C ASN B 422 -19.87 10.49 -11.70
N THR B 423 -20.34 10.41 -10.46
CA THR B 423 -21.56 9.68 -10.15
C THR B 423 -22.80 10.56 -10.08
N GLN B 424 -22.67 11.87 -10.19
CA GLN B 424 -23.84 12.74 -10.28
C GLN B 424 -23.96 13.44 -11.62
N GLU B 425 -23.00 13.26 -12.51
CA GLU B 425 -23.03 13.91 -13.82
C GLU B 425 -23.96 13.21 -14.80
N TYR B 426 -24.53 12.07 -14.44
CA TYR B 426 -25.51 11.43 -15.30
C TYR B 426 -26.86 12.12 -15.26
N LEU B 427 -27.04 13.09 -14.36
CA LEU B 427 -28.33 13.76 -14.21
C LEU B 427 -28.52 14.91 -15.20
N ASP B 428 -27.44 15.47 -15.74
CA ASP B 428 -27.59 16.51 -16.75
C ASP B 428 -28.04 15.93 -18.07
N VAL B 429 -27.74 14.65 -18.31
CA VAL B 429 -28.28 13.96 -19.48
C VAL B 429 -29.78 13.72 -19.31
N LEU B 430 -30.19 13.31 -18.11
CA LEU B 430 -31.61 13.05 -17.86
C LEU B 430 -32.44 14.33 -17.88
N GLY B 431 -31.82 15.48 -17.69
CA GLY B 431 -32.52 16.75 -17.69
C GLY B 431 -32.72 17.37 -19.05
N ARG B 432 -32.20 16.75 -20.12
CA ARG B 432 -32.38 17.30 -21.46
C ARG B 432 -33.84 17.36 -21.88
N PRO B 433 -34.65 16.30 -21.76
CA PRO B 433 -36.07 16.44 -22.10
C PRO B 433 -36.81 17.43 -21.20
N MET B 434 -36.36 17.60 -19.95
CA MET B 434 -37.02 18.53 -19.05
C MET B 434 -36.82 19.97 -19.51
N VAL B 435 -35.64 20.27 -20.05
CA VAL B 435 -35.38 21.63 -20.54
C VAL B 435 -36.27 21.96 -21.72
N LEU B 436 -36.38 21.04 -22.67
CA LEU B 436 -37.15 21.31 -23.89
C LEU B 436 -38.64 21.40 -23.64
N ALA B 437 -39.11 21.01 -22.45
CA ALA B 437 -40.52 21.15 -22.13
C ALA B 437 -40.93 22.62 -22.05
N GLY B 438 -40.08 23.45 -21.48
CA GLY B 438 -40.36 24.88 -21.40
C GLY B 438 -41.04 25.24 -20.09
N ASP B 439 -42.07 26.06 -20.17
CA ASP B 439 -42.80 26.48 -18.97
C ASP B 439 -43.60 25.35 -18.33
N LYS B 440 -43.80 24.24 -19.04
CA LYS B 440 -44.53 23.11 -18.46
C LYS B 440 -43.68 22.33 -17.46
N ALA B 441 -42.36 22.50 -17.49
CA ALA B 441 -41.46 21.82 -16.58
C ALA B 441 -41.18 22.62 -15.31
N LYS B 442 -41.77 23.81 -15.17
CA LYS B 442 -41.53 24.66 -14.01
C LYS B 442 -42.69 24.50 -13.03
N GLN B 443 -42.60 23.45 -12.22
CA GLN B 443 -43.56 23.19 -11.15
C GLN B 443 -42.81 22.97 -9.85
N VAL B 444 -43.26 23.64 -8.79
CA VAL B 444 -42.58 23.54 -7.50
C VAL B 444 -42.81 22.17 -6.90
N GLN B 445 -41.73 21.52 -6.49
CA GLN B 445 -41.78 20.21 -5.86
C GLN B 445 -41.20 20.32 -4.45
N TRP B 446 -41.76 19.56 -3.52
CA TRP B 446 -41.34 19.56 -2.13
C TRP B 446 -40.78 18.21 -1.76
N THR B 447 -39.59 18.21 -1.15
CA THR B 447 -38.90 16.97 -0.80
C THR B 447 -39.45 16.40 0.50
N ASN B 448 -38.89 15.27 0.91
CA ASN B 448 -39.21 14.69 2.21
C ASN B 448 -38.57 15.53 3.31
N VAL B 449 -39.03 15.32 4.54
CA VAL B 449 -38.45 16.03 5.67
C VAL B 449 -37.05 15.51 5.91
N TYR B 450 -36.12 16.42 6.18
CA TYR B 450 -34.74 16.08 6.44
C TYR B 450 -34.11 17.15 7.31
N LEU B 451 -32.88 16.90 7.75
CA LEU B 451 -32.18 17.84 8.61
C LEU B 451 -31.33 18.79 7.77
N ASP B 452 -31.48 20.08 8.03
CA ASP B 452 -30.77 21.09 7.27
C ASP B 452 -29.27 20.98 7.50
N ALA B 453 -28.49 21.24 6.46
CA ALA B 453 -27.03 21.26 6.60
C ALA B 453 -26.60 22.36 7.56
N LEU B 454 -27.17 23.55 7.40
CA LEU B 454 -27.04 24.61 8.39
C LEU B 454 -28.10 24.36 9.45
N GLU B 455 -27.67 23.89 10.62
CA GLU B 455 -28.58 23.31 11.63
C GLU B 455 -29.80 24.18 11.89
N LEU B 456 -30.96 23.72 11.46
CA LEU B 456 -32.21 24.42 11.69
C LEU B 456 -33.36 23.49 12.09
N GLY B 457 -33.09 22.20 12.27
CA GLY B 457 -34.14 21.26 12.63
C GLY B 457 -34.59 20.42 11.45
N LEU B 458 -35.86 20.04 11.44
CA LEU B 458 -36.45 19.29 10.34
C LEU B 458 -37.09 20.27 9.38
N VAL B 459 -36.67 20.25 8.11
CA VAL B 459 -37.15 21.18 7.11
C VAL B 459 -37.50 20.42 5.84
N ILE B 460 -38.40 21.01 5.06
CA ILE B 460 -38.68 20.56 3.70
C ILE B 460 -38.30 21.70 2.76
N THR B 461 -37.95 21.34 1.53
CA THR B 461 -37.39 22.29 0.58
C THR B 461 -38.20 22.30 -0.71
N GLY B 462 -38.72 23.47 -1.08
CA GLY B 462 -39.25 23.65 -2.41
C GLY B 462 -38.15 23.72 -3.44
N THR B 463 -38.51 23.49 -4.70
CA THR B 463 -37.50 23.40 -5.74
C THR B 463 -38.08 23.90 -7.06
N LEU B 464 -37.21 24.50 -7.87
CA LEU B 464 -37.57 24.96 -9.21
C LEU B 464 -36.33 25.07 -10.08
N PRO B 465 -36.20 24.24 -11.11
CA PRO B 465 -35.03 24.33 -11.98
C PRO B 465 -35.03 25.61 -12.81
N VAL B 466 -33.83 26.08 -13.14
CA VAL B 466 -33.64 27.25 -13.98
C VAL B 466 -32.91 26.82 -15.24
N PHE B 467 -33.32 27.36 -16.38
CA PHE B 467 -32.82 26.94 -17.68
C PHE B 467 -31.85 27.97 -18.26
N ASN B 468 -31.06 27.52 -19.21
CA ASN B 468 -30.15 28.40 -19.96
C ASN B 468 -30.90 28.89 -21.20
N ILE B 469 -31.22 30.18 -21.25
CA ILE B 469 -32.04 30.71 -22.32
C ILE B 469 -31.31 31.84 -23.05
N THR B 470 -29.98 31.80 -23.06
CA THR B 470 -29.25 32.77 -23.87
C THR B 470 -29.55 32.56 -25.34
N GLY B 471 -29.80 33.66 -26.05
CA GLY B 471 -30.16 33.57 -27.44
C GLY B 471 -31.55 33.03 -27.69
N GLN B 472 -32.41 33.02 -26.67
CA GLN B 472 -33.78 32.54 -26.86
C GLN B 472 -34.54 33.42 -27.84
N PHE B 473 -34.37 34.73 -27.73
CA PHE B 473 -35.02 35.65 -28.67
C PHE B 473 -34.49 35.46 -30.09
N GLU B 474 -33.21 35.11 -30.25
CA GLU B 474 -32.67 34.75 -31.54
C GLU B 474 -33.07 33.35 -31.97
N ASN B 475 -33.47 32.50 -31.02
CA ASN B 475 -34.11 31.20 -31.24
C ASN B 475 -33.15 30.12 -31.74
N LYS B 476 -31.87 30.44 -31.98
CA LYS B 476 -30.92 29.42 -32.43
C LYS B 476 -29.63 29.48 -31.59
N THR B 477 -29.66 28.82 -30.43
CA THR B 477 -28.43 28.49 -29.71
C THR B 477 -28.27 26.99 -29.53
N ASN B 478 -29.21 26.34 -28.83
CA ASN B 478 -29.33 24.89 -28.71
C ASN B 478 -27.99 24.16 -28.58
N LEU B 479 -27.02 24.73 -27.87
CA LEU B 479 -25.71 24.12 -27.71
C LEU B 479 -25.47 23.70 -26.27
N LYS B 480 -25.52 24.64 -25.33
CA LYS B 480 -25.50 24.33 -23.92
C LYS B 480 -26.84 24.68 -23.26
N ASN B 481 -27.79 25.18 -24.03
CA ASN B 481 -29.11 25.53 -23.51
C ASN B 481 -29.94 24.30 -23.15
N GLN B 482 -29.49 23.11 -23.53
CA GLN B 482 -30.18 21.89 -23.14
C GLN B 482 -29.89 21.48 -21.71
N LEU B 483 -28.93 22.12 -21.05
CA LEU B 483 -28.62 21.86 -19.65
C LEU B 483 -29.20 22.96 -18.77
N ILE B 484 -29.35 22.64 -17.49
CA ILE B 484 -29.88 23.58 -16.52
C ILE B 484 -28.73 24.32 -15.87
N LEU B 485 -28.95 25.61 -15.61
CA LEU B 485 -27.96 26.41 -14.90
C LEU B 485 -27.84 25.96 -13.44
N GLY B 486 -28.97 25.66 -12.82
CA GLY B 486 -28.98 25.27 -11.42
C GLY B 486 -30.40 24.99 -10.97
N VAL B 487 -30.54 24.77 -9.67
CA VAL B 487 -31.83 24.46 -9.07
C VAL B 487 -32.05 25.42 -7.92
N MET B 488 -33.22 26.07 -7.91
CA MET B 488 -33.55 26.98 -6.83
C MET B 488 -34.03 26.19 -5.60
N GLY B 489 -34.16 26.90 -4.48
CA GLY B 489 -34.64 26.25 -3.28
C GLY B 489 -35.01 27.18 -2.14
N VAL B 490 -36.13 26.89 -1.48
CA VAL B 490 -36.56 27.61 -0.30
C VAL B 490 -37.02 26.60 0.73
N ASP B 491 -36.65 26.79 1.99
CA ASP B 491 -36.90 25.83 3.04
C ASP B 491 -38.10 26.27 3.90
N VAL B 492 -38.89 25.29 4.33
CA VAL B 492 -39.99 25.50 5.25
C VAL B 492 -39.77 24.60 6.45
N SER B 493 -39.54 25.19 7.62
CA SER B 493 -39.35 24.42 8.84
C SER B 493 -40.67 23.86 9.31
N LEU B 494 -40.60 22.67 9.94
CA LEU B 494 -41.81 22.04 10.46
C LEU B 494 -42.44 22.85 11.59
N GLU B 495 -41.68 23.74 12.23
CA GLU B 495 -42.26 24.62 13.23
C GLU B 495 -43.24 25.60 12.62
N ASP B 496 -42.96 26.09 11.40
CA ASP B 496 -43.88 26.99 10.74
C ASP B 496 -45.21 26.28 10.44
N ILE B 497 -45.14 25.02 10.04
CA ILE B 497 -46.38 24.28 9.73
C ILE B 497 -47.16 24.01 11.02
N LYS B 498 -46.47 23.65 12.10
CA LYS B 498 -47.15 23.36 13.36
C LYS B 498 -47.81 24.59 13.96
N ARG B 499 -47.39 25.79 13.58
CA ARG B 499 -48.06 27.00 14.05
C ARG B 499 -49.40 27.23 13.37
N LEU B 500 -49.66 26.58 12.24
CA LEU B 500 -50.93 26.70 11.54
C LEU B 500 -51.97 25.70 12.04
N THR B 501 -51.62 24.84 13.00
CA THR B 501 -52.51 23.83 13.54
C THR B 501 -52.55 24.01 15.05
N PRO B 502 -53.38 24.92 15.57
CA PRO B 502 -53.49 25.07 17.03
C PRO B 502 -53.95 23.77 17.68
N ARG B 503 -53.39 23.49 18.84
CA ARG B 503 -53.58 22.22 19.52
C ARG B 503 -54.21 22.35 20.90
N PHE B 504 -53.95 23.42 21.63
CA PHE B 504 -54.39 23.53 23.01
C PHE B 504 -55.90 23.67 23.15
N THR B 505 -56.60 24.01 22.07
CA THR B 505 -58.06 24.00 22.13
C THR B 505 -58.61 22.57 22.12
N LEU B 506 -57.77 21.60 21.81
CA LEU B 506 -58.15 20.20 21.81
C LEU B 506 -57.77 19.54 23.13
N CYS B 507 -58.21 18.29 23.29
CA CYS B 507 -57.79 17.48 24.42
C CYS B 507 -56.36 17.01 24.19
N PRO B 508 -55.65 16.62 25.27
CA PRO B 508 -54.26 16.17 25.09
C PRO B 508 -54.14 14.82 24.39
N ASN B 509 -55.24 14.24 23.93
CA ASN B 509 -55.22 12.98 23.20
C ASN B 509 -55.49 13.16 21.71
N GLY B 510 -55.87 14.35 21.28
CA GLY B 510 -56.11 14.63 19.87
C GLY B 510 -54.97 15.41 19.25
N TYR B 511 -54.79 15.23 17.95
CA TYR B 511 -53.67 15.85 17.25
C TYR B 511 -53.93 15.83 15.76
N TYR B 512 -53.15 16.64 15.04
CA TYR B 512 -53.11 16.64 13.59
C TYR B 512 -51.92 15.83 13.09
N PHE B 513 -52.08 15.28 11.89
CA PHE B 513 -50.96 14.66 11.20
C PHE B 513 -51.26 14.62 9.71
N ALA B 514 -50.21 14.85 8.91
CA ALA B 514 -50.32 14.83 7.46
C ALA B 514 -49.21 13.98 6.89
N ILE B 515 -49.48 13.30 5.79
CA ILE B 515 -48.51 12.40 5.18
C ILE B 515 -48.31 12.75 3.71
N ASP B 516 -47.19 12.26 3.17
CA ASP B 516 -46.74 12.40 1.80
C ASP B 516 -47.69 11.55 0.96
N PRO B 517 -47.63 11.55 -0.41
CA PRO B 517 -48.27 10.49 -1.18
C PRO B 517 -47.39 9.25 -1.31
N ASN B 518 -46.67 8.94 -0.23
CA ASN B 518 -45.87 7.73 -0.10
C ASN B 518 -46.09 7.04 1.23
N GLY B 519 -46.80 7.65 2.17
CA GLY B 519 -46.97 7.12 3.50
C GLY B 519 -46.11 7.81 4.55
N TYR B 520 -45.17 8.64 4.13
CA TYR B 520 -44.27 9.29 5.08
C TYR B 520 -44.96 10.50 5.70
N VAL B 521 -44.84 10.62 7.03
CA VAL B 521 -45.54 11.68 7.74
C VAL B 521 -44.78 12.99 7.57
N LEU B 522 -45.49 14.02 7.10
CA LEU B 522 -44.90 15.36 7.08
C LEU B 522 -44.83 15.94 8.48
N LEU B 523 -45.91 15.79 9.26
CA LEU B 523 -45.91 16.21 10.65
C LEU B 523 -46.62 15.16 11.48
N HIS B 524 -46.06 14.86 12.65
CA HIS B 524 -46.61 13.84 13.52
C HIS B 524 -46.05 14.01 14.93
N PRO B 525 -46.83 13.73 15.98
CA PRO B 525 -46.29 13.82 17.34
C PRO B 525 -45.13 12.87 17.58
N ASN B 526 -45.02 11.81 16.80
CA ASN B 526 -43.97 10.81 16.97
C ASN B 526 -42.72 11.15 16.16
N LEU B 527 -42.86 11.93 15.09
CA LEU B 527 -41.73 12.29 14.24
C LEU B 527 -40.80 13.21 15.04
N GLN B 528 -39.57 12.74 15.29
CA GLN B 528 -38.60 13.43 16.10
C GLN B 528 -37.43 13.95 15.25
N PRO B 529 -36.77 15.03 15.67
CA PRO B 529 -35.66 15.57 14.87
C PRO B 529 -34.39 14.74 15.03
N LYS B 530 -34.46 13.48 14.61
CA LYS B 530 -33.36 12.54 14.73
C LYS B 530 -33.41 11.58 13.55
N PRO B 531 -32.27 11.26 12.95
CA PRO B 531 -32.27 10.36 11.80
C PRO B 531 -32.77 8.97 12.19
N ILE B 532 -33.45 8.33 11.25
CA ILE B 532 -34.03 7.01 11.50
C ILE B 532 -32.94 5.95 11.39
N GLY B 533 -33.09 4.89 12.18
CA GLY B 533 -32.15 3.79 12.15
C GLY B 533 -32.49 2.80 11.04
N VAL B 534 -31.47 2.02 10.64
CA VAL B 534 -31.63 1.06 9.56
C VAL B 534 -31.12 -0.30 10.01
N GLY B 535 -30.55 -0.36 11.19
CA GLY B 535 -30.02 -1.61 11.71
C GLY B 535 -29.25 -1.38 13.00
N ILE B 536 -28.59 -2.44 13.44
CA ILE B 536 -27.81 -2.40 14.68
C ILE B 536 -26.50 -1.67 14.41
N PRO B 537 -26.14 -0.67 15.22
CA PRO B 537 -24.88 0.05 14.99
C PRO B 537 -23.68 -0.81 15.36
N THR B 538 -22.66 -0.74 14.51
CA THR B 538 -21.45 -1.53 14.71
C THR B 538 -20.24 -0.60 14.64
N ILE B 539 -19.20 -0.98 15.37
CA ILE B 539 -17.92 -0.27 15.35
C ILE B 539 -16.81 -1.31 15.20
N ASN B 540 -15.87 -1.02 14.31
CA ASN B 540 -14.77 -1.95 14.04
C ASN B 540 -13.51 -1.57 14.82
N SER B 553 -28.31 14.62 8.45
CA SER B 553 -28.55 15.65 7.44
C SER B 553 -28.43 15.08 6.03
N GLN B 554 -27.61 14.04 5.90
CA GLN B 554 -27.38 13.43 4.59
C GLN B 554 -28.60 12.65 4.12
N GLU B 555 -29.28 11.96 5.04
CA GLU B 555 -30.42 11.14 4.67
C GLU B 555 -31.71 11.75 5.22
N PRO B 556 -32.80 11.64 4.47
CA PRO B 556 -34.07 12.18 4.96
C PRO B 556 -34.66 11.33 6.08
N VAL B 557 -35.47 11.96 6.91
CA VAL B 557 -36.15 11.26 8.01
C VAL B 557 -37.48 10.79 7.44
N THR B 558 -37.47 9.59 6.87
CA THR B 558 -38.63 9.02 6.21
C THR B 558 -39.26 8.00 7.15
N LEU B 559 -40.26 8.44 7.91
CA LEU B 559 -41.00 7.57 8.82
C LEU B 559 -42.40 7.37 8.25
N ASP B 560 -42.78 6.12 8.03
CA ASP B 560 -44.09 5.83 7.47
C ASP B 560 -45.19 6.09 8.51
N PHE B 561 -46.40 6.30 8.00
CA PHE B 561 -47.53 6.53 8.90
C PHE B 561 -47.82 5.30 9.75
N LEU B 562 -47.73 4.11 9.15
CA LEU B 562 -48.01 2.89 9.90
C LEU B 562 -46.93 2.59 10.93
N ASP B 563 -45.79 3.28 10.87
CA ASP B 563 -44.74 3.12 11.86
C ASP B 563 -44.73 4.24 12.88
N ALA B 564 -45.38 5.37 12.59
CA ALA B 564 -45.46 6.46 13.56
C ALA B 564 -46.28 6.06 14.78
N GLU B 565 -47.35 5.32 14.56
CA GLU B 565 -48.20 4.82 15.64
C GLU B 565 -48.45 3.33 15.45
N LEU B 566 -49.28 2.76 16.33
CA LEU B 566 -49.62 1.34 16.21
C LEU B 566 -50.39 1.10 14.92
N GLU B 567 -50.27 -0.12 14.41
CA GLU B 567 -50.84 -0.48 13.11
C GLU B 567 -52.10 -1.31 13.31
N ASN B 568 -53.21 -0.84 12.75
CA ASN B 568 -54.49 -1.52 12.76
C ASN B 568 -54.94 -1.73 11.31
N ASP B 569 -55.93 -2.59 11.13
CA ASP B 569 -56.48 -2.81 9.79
C ASP B 569 -57.31 -1.63 9.30
N ILE B 570 -58.07 -1.00 10.19
CA ILE B 570 -58.88 0.15 9.78
C ILE B 570 -57.98 1.32 9.41
N LYS B 571 -56.87 1.48 10.11
CA LYS B 571 -55.95 2.58 9.86
C LYS B 571 -55.13 2.40 8.60
N VAL B 572 -55.22 1.24 7.95
CA VAL B 572 -54.58 1.07 6.64
C VAL B 572 -55.45 1.64 5.54
N GLU B 573 -56.75 1.32 5.56
CA GLU B 573 -57.68 1.92 4.62
C GLU B 573 -57.77 3.43 4.80
N ILE B 574 -57.63 3.90 6.04
CA ILE B 574 -57.57 5.33 6.28
C ILE B 574 -56.34 5.93 5.60
N ARG B 575 -55.20 5.24 5.70
CA ARG B 575 -53.98 5.72 5.07
C ARG B 575 -54.11 5.75 3.55
N ASN B 576 -54.66 4.68 2.96
CA ASN B 576 -54.81 4.65 1.51
C ASN B 576 -55.78 5.72 1.02
N LYS B 577 -56.88 5.92 1.74
CA LYS B 577 -57.84 6.95 1.36
C LYS B 577 -57.24 8.35 1.44
N MET B 578 -56.19 8.54 2.24
CA MET B 578 -55.54 9.84 2.33
C MET B 578 -54.49 10.04 1.24
N ILE B 579 -53.89 8.96 0.75
CA ILE B 579 -52.97 9.05 -0.38
C ILE B 579 -53.71 9.44 -1.66
N ASP B 580 -54.94 8.96 -1.83
CA ASP B 580 -55.72 9.23 -3.03
C ASP B 580 -56.35 10.62 -3.03
N GLY B 581 -56.10 11.43 -2.01
CA GLY B 581 -56.67 12.76 -1.95
C GLY B 581 -58.18 12.79 -1.80
N GLU B 582 -58.72 11.94 -0.94
CA GLU B 582 -60.15 11.91 -0.68
C GLU B 582 -60.44 12.64 0.63
N SER B 583 -61.73 12.74 0.95
CA SER B 583 -62.17 13.41 2.17
C SER B 583 -63.25 12.58 2.82
N GLY B 584 -62.98 12.07 4.01
CA GLY B 584 -63.96 11.27 4.72
C GLY B 584 -63.69 11.24 6.20
N GLU B 585 -64.74 10.93 6.96
CA GLU B 585 -64.64 10.83 8.40
C GLU B 585 -64.90 9.38 8.80
N LYS B 586 -64.30 8.96 9.90
CA LYS B 586 -64.49 7.61 10.39
C LYS B 586 -64.27 7.57 11.90
N THR B 587 -65.22 6.99 12.62
CA THR B 587 -65.11 6.81 14.06
C THR B 587 -65.09 5.32 14.38
N PHE B 588 -64.16 4.92 15.24
CA PHE B 588 -64.00 3.52 15.61
C PHE B 588 -63.14 3.45 16.86
N ARG B 589 -62.96 2.23 17.36
CA ARG B 589 -62.12 1.99 18.52
C ARG B 589 -60.78 1.42 18.07
N THR B 590 -59.71 1.88 18.69
CA THR B 590 -58.35 1.50 18.31
C THR B 590 -57.49 1.37 19.56
N LEU B 591 -56.27 0.90 19.36
CA LEU B 591 -55.31 0.70 20.45
C LEU B 591 -54.29 1.83 20.41
N VAL B 592 -54.28 2.65 21.45
CA VAL B 592 -53.35 3.76 21.57
C VAL B 592 -52.27 3.37 22.58
N LYS B 593 -51.12 4.04 22.48
CA LYS B 593 -50.00 3.79 23.37
C LYS B 593 -49.69 5.05 24.17
N SER B 594 -49.35 4.87 25.44
CA SER B 594 -49.10 5.99 26.32
C SER B 594 -47.85 6.76 25.87
N GLN B 595 -47.67 7.95 26.45
CA GLN B 595 -46.52 8.79 26.10
C GLN B 595 -45.22 8.06 26.38
N ASP B 596 -45.12 7.41 27.54
CA ASP B 596 -44.05 6.47 27.80
C ASP B 596 -44.41 5.14 27.16
N GLU B 597 -43.40 4.45 26.61
CA GLU B 597 -43.66 3.24 25.85
C GLU B 597 -43.74 2.03 26.76
N ARG B 598 -44.76 1.99 27.61
CA ARG B 598 -44.94 0.89 28.57
C ARG B 598 -46.35 0.36 28.64
N TYR B 599 -47.37 1.12 28.25
CA TYR B 599 -48.75 0.74 28.46
C TYR B 599 -49.51 0.79 27.14
N ILE B 600 -50.69 0.19 27.14
CA ILE B 600 -51.59 0.20 25.99
C ILE B 600 -53.01 0.48 26.47
N ASP B 601 -53.71 1.39 25.80
CA ASP B 601 -55.06 1.76 26.16
C ASP B 601 -55.98 1.63 24.95
N LYS B 602 -57.26 1.43 25.21
CA LYS B 602 -58.28 1.32 24.17
C LYS B 602 -59.26 2.48 24.30
N GLY B 603 -59.50 3.17 23.19
CA GLY B 603 -60.40 4.30 23.21
C GLY B 603 -61.05 4.51 21.86
N ASN B 604 -61.97 5.47 21.82
CA ASN B 604 -62.70 5.81 20.61
C ASN B 604 -62.02 6.98 19.93
N ARG B 605 -61.75 6.84 18.63
CA ARG B 605 -61.09 7.87 17.85
C ARG B 605 -61.88 8.14 16.58
N THR B 606 -61.95 9.42 16.21
CA THR B 606 -62.64 9.87 15.00
C THR B 606 -61.60 10.48 14.06
N TYR B 607 -61.31 9.78 12.96
CA TYR B 607 -60.34 10.27 11.99
C TYR B 607 -61.07 11.08 10.91
N THR B 608 -60.72 12.35 10.80
CA THR B 608 -61.28 13.25 9.79
C THR B 608 -60.12 13.84 8.99
N TRP B 609 -60.19 13.71 7.67
CA TRP B 609 -59.11 14.16 6.80
C TRP B 609 -59.66 14.77 5.53
N THR B 610 -58.90 15.72 4.98
CA THR B 610 -59.16 16.31 3.68
C THR B 610 -57.81 16.50 3.00
N PRO B 611 -57.79 16.55 1.67
CA PRO B 611 -56.52 16.83 0.98
C PRO B 611 -56.28 18.33 0.84
N VAL B 612 -55.03 18.72 1.06
CA VAL B 612 -54.61 20.10 0.83
C VAL B 612 -54.82 20.43 -0.64
N ASN B 613 -55.12 21.70 -0.93
CA ASN B 613 -55.75 22.03 -2.19
C ASN B 613 -54.74 21.97 -3.33
N GLY B 614 -53.65 22.73 -3.20
CA GLY B 614 -52.70 22.82 -4.30
C GLY B 614 -51.68 21.69 -4.29
N THR B 615 -50.93 21.56 -3.20
CA THR B 615 -49.90 20.54 -3.08
C THR B 615 -50.55 19.18 -2.85
N ASP B 616 -49.73 18.15 -2.60
CA ASP B 616 -50.18 16.76 -2.61
C ASP B 616 -50.05 16.10 -1.24
N TYR B 617 -50.43 16.80 -0.18
CA TYR B 617 -50.45 16.23 1.16
C TYR B 617 -51.89 15.93 1.57
N SER B 618 -52.05 15.40 2.79
CA SER B 618 -53.37 15.06 3.30
C SER B 618 -53.36 15.26 4.80
N LEU B 619 -53.95 16.36 5.27
CA LEU B 619 -54.01 16.67 6.69
C LEU B 619 -55.16 15.92 7.34
N ALA B 620 -54.86 15.25 8.44
CA ALA B 620 -55.86 14.48 9.19
C ALA B 620 -55.84 14.90 10.65
N LEU B 621 -57.03 14.95 11.25
CA LEU B 621 -57.18 15.30 12.67
C LEU B 621 -57.83 14.13 13.39
N VAL B 622 -57.16 13.65 14.43
CA VAL B 622 -57.66 12.52 15.22
C VAL B 622 -58.32 13.10 16.47
N LEU B 623 -59.65 13.13 16.48
CA LEU B 623 -60.38 13.72 17.59
C LEU B 623 -61.15 12.64 18.33
N PRO B 624 -60.70 12.21 19.51
CA PRO B 624 -61.45 11.22 20.28
C PRO B 624 -62.74 11.81 20.81
N THR B 625 -63.51 10.95 21.49
CA THR B 625 -64.71 11.42 22.16
C THR B 625 -64.31 12.31 23.33
N TYR B 626 -65.31 12.85 24.04
CA TYR B 626 -65.14 13.77 25.16
C TYR B 626 -64.24 14.96 24.82
N SER B 627 -64.00 15.19 23.52
CA SER B 627 -63.18 16.29 23.06
C SER B 627 -63.88 17.15 22.02
N PHE B 628 -65.14 16.88 21.71
CA PHE B 628 -65.87 17.69 20.75
C PHE B 628 -66.31 19.01 21.33
N TYR B 629 -66.12 19.22 22.63
CA TYR B 629 -66.40 20.50 23.28
C TYR B 629 -65.23 20.88 24.17
N TYR B 630 -64.86 22.15 24.14
CA TYR B 630 -63.74 22.66 24.92
C TYR B 630 -64.20 23.90 25.69
N ILE B 631 -63.34 24.36 26.59
CA ILE B 631 -63.69 25.40 27.54
C ILE B 631 -63.13 26.72 27.06
N LYS B 632 -64.00 27.72 26.93
CA LYS B 632 -63.58 29.08 26.61
C LYS B 632 -63.73 29.97 27.84
N ALA B 633 -62.68 30.70 28.17
CA ALA B 633 -62.66 31.52 29.38
C ALA B 633 -63.08 32.94 29.03
N LYS B 634 -64.19 33.40 29.61
CA LYS B 634 -64.65 34.76 29.46
C LYS B 634 -64.61 35.47 30.82
N LEU B 635 -63.93 36.60 30.88
CA LEU B 635 -63.84 37.38 32.11
C LEU B 635 -63.41 38.79 31.76
N GLU B 636 -64.28 39.77 32.02
CA GLU B 636 -64.02 41.17 31.72
C GLU B 636 -64.01 41.93 33.04
N GLU B 637 -62.86 41.96 33.71
CA GLU B 637 -62.72 42.63 34.99
C GLU B 637 -61.24 42.72 35.33
N THR B 638 -60.85 43.80 36.00
CA THR B 638 -59.46 44.03 36.37
C THR B 638 -59.14 43.68 37.81
N ILE B 639 -60.15 43.45 38.65
CA ILE B 639 -59.93 43.12 40.05
C ILE B 639 -60.17 41.64 40.32
N THR B 640 -61.24 41.06 39.76
CA THR B 640 -61.44 39.63 39.89
C THR B 640 -60.36 38.85 39.14
N GLN B 641 -59.96 39.32 37.96
CA GLN B 641 -58.83 38.72 37.28
C GLN B 641 -57.54 38.93 38.06
N ALA B 642 -57.41 40.08 38.74
CA ALA B 642 -56.27 40.29 39.62
C ALA B 642 -56.27 39.27 40.76
N ARG B 643 -57.45 38.97 41.32
CA ARG B 643 -57.55 37.93 42.33
C ARG B 643 -57.04 36.60 41.82
N TYR B 644 -57.26 36.31 40.53
CA TYR B 644 -56.71 35.11 39.93
C TYR B 644 -55.19 35.20 39.77
N SER B 645 -54.67 36.41 39.55
CA SER B 645 -53.25 36.56 39.26
C SER B 645 -52.39 36.32 40.49
N GLU B 646 -52.80 36.84 41.65
CA GLU B 646 -51.99 36.74 42.86
C GLU B 646 -51.83 35.30 43.35
N THR B 647 -52.65 34.37 42.86
CA THR B 647 -52.53 32.98 43.29
C THR B 647 -51.22 32.36 42.81
N LEU B 648 -50.78 32.72 41.61
CA LEU B 648 -49.58 32.16 41.01
C LEU B 648 -48.29 32.66 41.66
N LYS B 649 -48.37 33.59 42.60
CA LYS B 649 -47.18 34.20 43.18
C LYS B 649 -46.37 33.16 43.93
N PRO B 650 -45.09 32.96 43.58
CA PRO B 650 -44.27 31.97 44.32
C PRO B 650 -44.13 32.30 45.80
N ASP B 651 -44.13 33.59 46.17
CA ASP B 651 -44.04 33.95 47.57
C ASP B 651 -45.27 33.53 48.37
N ASN B 652 -46.39 33.30 47.69
CA ASN B 652 -47.63 32.84 48.33
C ASN B 652 -47.77 31.32 48.32
N PHE B 653 -46.73 30.61 47.87
CA PHE B 653 -46.82 29.17 47.68
C PHE B 653 -47.12 28.42 48.98
N GLU B 654 -46.65 28.95 50.11
CA GLU B 654 -46.76 28.23 51.38
C GLU B 654 -48.21 27.92 51.72
N GLU B 655 -49.14 28.75 51.27
CA GLU B 655 -50.56 28.56 51.52
C GLU B 655 -51.31 28.04 50.29
N SER B 656 -50.64 27.93 49.14
CA SER B 656 -51.30 27.58 47.90
C SER B 656 -50.86 26.25 47.30
N GLY B 657 -49.72 25.70 47.70
CA GLY B 657 -49.21 24.49 47.09
C GLY B 657 -48.25 24.78 45.94
N TYR B 658 -47.41 23.79 45.64
CA TYR B 658 -46.40 23.94 44.60
C TYR B 658 -47.09 23.98 43.24
N THR B 659 -47.23 25.18 42.69
CA THR B 659 -47.96 25.38 41.44
C THR B 659 -46.99 25.42 40.28
N PHE B 660 -47.33 24.71 39.19
CA PHE B 660 -46.52 24.67 37.99
C PHE B 660 -47.20 25.49 36.89
N ILE B 661 -46.55 25.54 35.73
CA ILE B 661 -47.04 26.30 34.58
C ILE B 661 -46.60 25.60 33.31
N ALA B 662 -47.41 25.72 32.26
CA ALA B 662 -47.12 25.07 31.00
C ALA B 662 -46.33 26.00 30.08
N PRO B 663 -45.18 25.58 29.57
CA PRO B 663 -44.38 26.48 28.72
C PRO B 663 -44.97 26.67 27.33
N ARG B 664 -46.07 27.40 27.24
CA ARG B 664 -46.68 27.67 25.94
C ARG B 664 -46.38 29.09 25.49
N ASP B 665 -46.79 29.43 24.27
CA ASP B 665 -46.57 30.76 23.71
C ASP B 665 -47.76 31.65 24.02
N TYR B 666 -47.86 32.04 25.29
CA TYR B 666 -48.91 32.96 25.71
C TYR B 666 -48.75 34.32 25.02
N CYS B 667 -47.53 34.82 24.94
CA CYS B 667 -47.24 36.06 24.25
C CYS B 667 -45.94 35.95 23.48
N ASN B 668 -45.84 36.69 22.38
CA ASN B 668 -44.67 36.66 21.51
C ASN B 668 -43.44 37.28 22.16
N ASP B 669 -43.62 38.14 23.16
CA ASP B 669 -42.50 38.73 23.88
C ASP B 669 -42.07 37.93 25.11
N LEU B 670 -42.89 37.00 25.57
CA LEU B 670 -42.54 36.15 26.70
C LEU B 670 -41.67 35.00 26.20
N LYS B 671 -40.43 34.95 26.66
CA LYS B 671 -39.48 33.95 26.20
C LYS B 671 -39.59 32.70 27.05
N ILE B 672 -39.92 31.58 26.41
CA ILE B 672 -40.11 30.34 27.16
C ILE B 672 -38.91 30.00 28.01
N SER B 673 -39.15 29.29 29.10
CA SER B 673 -38.08 28.91 30.00
C SER B 673 -38.27 27.50 30.52
N ASP B 674 -37.37 26.60 30.16
CA ASP B 674 -37.45 25.23 30.66
C ASP B 674 -37.55 25.26 32.16
N ASN B 675 -36.54 25.84 32.81
CA ASN B 675 -36.58 25.96 34.26
C ASN B 675 -37.92 26.54 34.61
N ASN B 676 -38.85 25.70 35.03
CA ASN B 676 -40.19 26.21 35.26
C ASN B 676 -40.24 27.33 36.29
N THR B 677 -39.24 27.40 37.19
CA THR B 677 -39.28 28.43 38.21
C THR B 677 -39.12 29.82 37.60
N GLU B 678 -38.11 30.02 36.75
CA GLU B 678 -37.89 31.34 36.18
C GLU B 678 -39.01 31.71 35.20
N PHE B 679 -39.55 30.70 34.50
CA PHE B 679 -40.70 30.97 33.63
C PHE B 679 -41.88 31.48 34.42
N LEU B 680 -42.09 30.94 35.62
CA LEU B 680 -43.17 31.42 36.48
C LEU B 680 -42.91 32.87 36.91
N LEU B 681 -41.66 33.21 37.21
CA LEU B 681 -41.34 34.59 37.56
C LEU B 681 -41.59 35.53 36.40
N ASN B 682 -41.19 35.13 35.19
CA ASN B 682 -41.45 35.98 34.03
C ASN B 682 -42.94 36.10 33.76
N PHE B 683 -43.69 35.02 34.03
CA PHE B 683 -45.14 35.07 33.83
C PHE B 683 -45.80 36.05 34.79
N ASN B 684 -45.37 36.08 36.05
CA ASN B 684 -45.99 36.92 37.05
C ASN B 684 -45.49 38.37 37.03
N GLU B 685 -44.46 38.67 36.25
CA GLU B 685 -43.99 40.05 36.11
C GLU B 685 -44.53 40.66 34.82
N PHE B 686 -45.48 39.97 34.17
CA PHE B 686 -46.06 40.45 32.92
C PHE B 686 -47.52 40.84 33.04
N ILE B 687 -48.33 40.09 33.80
CA ILE B 687 -49.76 40.41 33.92
C ILE B 687 -49.95 41.76 34.59
N ASP B 688 -49.13 42.08 35.59
CA ASP B 688 -49.29 43.33 36.32
C ASP B 688 -48.67 44.50 35.56
N ARG B 689 -47.46 44.31 35.03
CA ARG B 689 -46.74 45.42 34.40
C ARG B 689 -47.40 45.88 33.11
N LYS B 690 -48.12 45.01 32.42
CA LYS B 690 -48.77 45.36 31.17
C LYS B 690 -50.24 44.99 31.27
N THR B 691 -51.11 45.90 30.84
CA THR B 691 -52.55 45.70 31.00
C THR B 691 -53.02 44.48 30.20
N PRO B 692 -54.00 43.74 30.74
CA PRO B 692 -54.54 42.59 30.00
C PRO B 692 -55.21 42.97 28.69
N ASN B 693 -55.52 44.25 28.49
CA ASN B 693 -56.10 44.74 27.25
C ASN B 693 -55.06 44.89 26.13
N ASN B 694 -53.89 44.28 26.30
CA ASN B 694 -52.81 44.45 25.33
C ASN B 694 -53.20 43.82 24.00
N PRO B 695 -53.13 44.55 22.89
CA PRO B 695 -53.32 43.95 21.57
C PRO B 695 -52.10 43.21 21.06
N SER B 696 -51.06 43.06 21.88
CA SER B 696 -49.80 42.52 21.41
C SER B 696 -49.82 41.01 21.20
N CYS B 697 -50.60 40.28 21.99
CA CYS B 697 -50.48 38.83 21.99
C CYS B 697 -51.85 38.21 22.26
N ASN B 698 -51.85 36.93 22.62
CA ASN B 698 -53.06 36.14 22.72
C ASN B 698 -53.99 36.67 23.82
N ALA B 699 -55.21 36.15 23.83
CA ALA B 699 -56.20 36.46 24.84
C ALA B 699 -56.79 35.23 25.51
N ASP B 700 -57.05 34.16 24.75
CA ASP B 700 -57.71 32.99 25.30
C ASP B 700 -56.76 32.16 26.17
N LEU B 701 -55.50 31.99 25.74
CA LEU B 701 -54.58 31.14 26.48
C LEU B 701 -54.32 31.69 27.88
N ILE B 702 -54.02 32.99 27.98
CA ILE B 702 -53.76 33.58 29.29
C ILE B 702 -55.04 33.65 30.12
N ASN B 703 -56.18 33.99 29.50
CA ASN B 703 -57.44 34.04 30.22
C ASN B 703 -57.86 32.68 30.75
N ARG B 704 -57.36 31.60 30.15
CA ARG B 704 -57.72 30.26 30.62
C ARG B 704 -56.88 29.83 31.80
N VAL B 705 -55.55 30.01 31.72
CA VAL B 705 -54.68 29.63 32.84
C VAL B 705 -55.01 30.47 34.07
N LEU B 706 -55.27 31.76 33.88
CA LEU B 706 -55.69 32.61 34.99
C LEU B 706 -57.00 32.13 35.59
N LEU B 707 -57.96 31.75 34.72
CA LEU B 707 -59.23 31.22 35.22
C LEU B 707 -59.01 29.91 35.97
N ASP B 708 -58.14 29.05 35.44
CA ASP B 708 -57.94 27.74 36.05
C ASP B 708 -57.24 27.85 37.40
N ALA B 709 -56.57 28.98 37.65
CA ALA B 709 -55.85 29.15 38.90
C ALA B 709 -56.79 29.09 40.09
N GLY B 710 -57.72 30.05 40.18
CA GLY B 710 -58.65 30.05 41.30
C GLY B 710 -59.54 28.83 41.33
N PHE B 711 -59.80 28.24 40.16
CA PHE B 711 -60.57 27.00 40.10
C PHE B 711 -59.85 25.88 40.82
N THR B 712 -58.52 25.82 40.69
CA THR B 712 -57.77 24.76 41.37
C THR B 712 -57.27 25.22 42.72
N ASN B 713 -56.90 26.50 42.86
CA ASN B 713 -56.40 26.99 44.13
C ASN B 713 -57.45 26.93 45.23
N GLU B 714 -58.71 27.27 44.92
CA GLU B 714 -59.73 27.24 45.95
C GLU B 714 -59.99 25.80 46.42
N LEU B 715 -59.69 24.82 45.56
CA LEU B 715 -59.70 23.43 46.01
C LEU B 715 -58.68 23.20 47.10
N VAL B 716 -57.48 23.78 46.96
CA VAL B 716 -56.48 23.70 48.01
C VAL B 716 -56.97 24.43 49.27
N GLN B 717 -57.50 25.65 49.11
CA GLN B 717 -57.91 26.44 50.25
C GLN B 717 -59.15 25.86 50.93
N ASN B 718 -60.18 25.53 50.16
CA ASN B 718 -61.44 25.06 50.73
C ASN B 718 -61.35 23.62 51.20
N TYR B 719 -60.60 22.78 50.49
CA TYR B 719 -60.62 21.35 50.82
C TYR B 719 -59.27 20.82 51.26
N TRP B 720 -58.18 21.16 50.56
CA TRP B 720 -56.88 20.60 50.90
C TRP B 720 -56.17 21.35 52.02
N SER B 721 -56.69 22.50 52.44
CA SER B 721 -56.13 23.23 53.56
C SER B 721 -56.79 22.90 54.88
N LYS B 722 -58.02 22.36 54.86
CA LYS B 722 -58.67 21.95 56.10
C LYS B 722 -57.97 20.77 56.74
N GLN B 723 -57.31 19.94 55.95
CA GLN B 723 -56.55 18.81 56.44
C GLN B 723 -55.13 18.87 55.88
N LYS B 724 -54.18 18.32 56.63
CA LYS B 724 -52.79 18.35 56.20
C LYS B 724 -52.19 16.95 56.16
N ASN B 725 -52.57 16.10 57.11
CA ASN B 725 -52.06 14.74 57.21
C ASN B 725 -53.24 13.77 57.32
N ILE B 726 -53.50 13.03 56.25
CA ILE B 726 -54.55 12.02 56.21
C ILE B 726 -53.90 10.68 55.93
N LYS B 727 -53.88 9.80 56.93
CA LYS B 727 -53.23 8.50 56.85
C LYS B 727 -51.81 8.65 56.29
N GLY B 728 -51.57 8.07 55.12
CA GLY B 728 -50.33 8.34 54.41
C GLY B 728 -50.53 8.75 52.98
N VAL B 729 -50.23 10.01 52.65
CA VAL B 729 -50.25 10.51 51.28
C VAL B 729 -49.16 11.55 51.14
N LYS B 730 -48.14 11.27 50.33
CA LYS B 730 -47.04 12.23 50.19
C LYS B 730 -47.40 13.44 49.34
N ALA B 731 -48.27 13.30 48.35
CA ALA B 731 -48.56 14.41 47.46
C ALA B 731 -50.03 14.41 47.06
N ARG B 732 -50.60 15.61 46.98
CA ARG B 732 -51.97 15.82 46.50
C ARG B 732 -51.86 16.75 45.30
N PHE B 733 -52.09 16.23 44.11
CA PHE B 733 -51.86 17.00 42.88
C PHE B 733 -53.10 17.02 42.01
N VAL B 734 -53.23 18.13 41.27
CA VAL B 734 -54.25 18.27 40.24
C VAL B 734 -53.57 18.78 38.98
N VAL B 735 -53.83 18.13 37.85
CA VAL B 735 -53.28 18.51 36.56
C VAL B 735 -54.45 18.87 35.65
N THR B 736 -54.37 20.03 35.01
CA THR B 736 -55.50 20.60 34.29
C THR B 736 -55.13 20.91 32.86
N ASP B 737 -56.17 21.21 32.07
CA ASP B 737 -55.98 21.55 30.66
C ASP B 737 -55.24 22.88 30.49
N GLY B 738 -55.49 23.83 31.39
CA GLY B 738 -54.86 25.14 31.25
C GLY B 738 -53.34 25.08 31.31
N GLY B 739 -52.80 24.27 32.22
CA GLY B 739 -51.36 24.09 32.27
C GLY B 739 -50.75 24.22 33.65
N ILE B 740 -51.58 24.23 34.70
CA ILE B 740 -51.10 24.41 36.06
C ILE B 740 -51.21 23.09 36.81
N THR B 741 -50.11 22.69 37.45
CA THR B 741 -50.06 21.55 38.35
C THR B 741 -49.86 22.08 39.76
N ARG B 742 -50.74 21.69 40.68
CA ARG B 742 -50.90 22.36 41.96
C ARG B 742 -50.73 21.39 43.13
N VAL B 743 -49.63 20.65 43.12
CA VAL B 743 -49.27 19.77 44.23
C VAL B 743 -49.29 20.56 45.53
N TYR B 744 -49.97 20.04 46.55
CA TYR B 744 -50.22 20.79 47.78
C TYR B 744 -48.99 20.90 48.67
N PRO B 745 -48.32 19.81 49.06
CA PRO B 745 -47.19 19.95 49.98
C PRO B 745 -45.97 20.52 49.27
N LYS B 746 -45.48 21.64 49.78
CA LYS B 746 -44.37 22.35 49.14
C LYS B 746 -43.11 21.49 49.12
N GLU B 747 -42.81 20.82 50.24
CA GLU B 747 -41.61 19.99 50.30
C GLU B 747 -41.71 18.79 49.38
N ALA B 748 -42.93 18.30 49.14
CA ALA B 748 -43.12 17.16 48.25
C ALA B 748 -43.14 17.57 46.78
N GLY B 749 -43.15 18.87 46.47
CA GLY B 749 -43.11 19.30 45.10
C GLY B 749 -41.80 19.00 44.39
N GLU B 750 -40.71 18.81 45.15
CA GLU B 750 -39.45 18.43 44.54
C GLU B 750 -39.52 17.03 43.94
N ASN B 751 -40.32 16.15 44.53
CA ASN B 751 -40.45 14.79 44.00
C ASN B 751 -41.08 14.78 42.62
N TRP B 752 -41.89 15.79 42.29
CA TRP B 752 -42.52 15.89 40.97
C TRP B 752 -41.46 15.98 39.88
N GLN B 753 -41.53 15.09 38.91
CA GLN B 753 -40.53 15.00 37.85
C GLN B 753 -41.18 14.96 36.47
N GLU B 754 -42.45 15.35 36.39
CA GLU B 754 -43.19 15.33 35.14
C GLU B 754 -42.98 16.63 34.39
N ASN B 755 -43.35 16.61 33.11
CA ASN B 755 -43.18 17.78 32.27
C ASN B 755 -44.09 18.91 32.75
N PRO B 756 -43.63 20.16 32.75
CA PRO B 756 -44.53 21.27 33.07
C PRO B 756 -45.71 21.36 32.13
N GLU B 757 -45.55 20.93 30.88
CA GLU B 757 -46.65 20.93 29.93
C GLU B 757 -47.54 19.73 30.17
N THR B 758 -48.79 19.97 30.56
CA THR B 758 -49.71 18.89 30.88
C THR B 758 -50.10 18.07 29.66
N TYR B 759 -50.02 18.64 28.45
CA TYR B 759 -50.37 17.89 27.25
C TYR B 759 -49.35 16.80 26.93
N GLU B 760 -48.20 16.80 27.59
CA GLU B 760 -47.16 15.82 27.35
C GLU B 760 -46.95 14.93 28.56
N ASP B 761 -47.94 14.86 29.44
CA ASP B 761 -47.88 14.05 30.65
C ASP B 761 -48.54 12.71 30.37
N SER B 762 -47.77 11.62 30.57
CA SER B 762 -48.27 10.29 30.21
C SER B 762 -49.49 9.90 31.05
N PHE B 763 -49.45 10.19 32.35
CA PHE B 763 -50.58 9.79 33.20
C PHE B 763 -51.82 10.61 32.89
N TYR B 764 -51.67 11.87 32.47
CA TYR B 764 -52.82 12.69 32.12
C TYR B 764 -53.58 12.09 30.95
N LYS B 765 -52.87 11.66 29.91
CA LYS B 765 -53.54 11.10 28.74
C LYS B 765 -54.02 9.68 29.02
N ARG B 766 -53.33 8.94 29.88
CA ARG B 766 -53.78 7.60 30.23
C ARG B 766 -55.06 7.63 31.05
N SER B 767 -55.09 8.45 32.09
CA SER B 767 -56.27 8.55 32.94
C SER B 767 -57.43 9.24 32.24
N LEU B 768 -57.15 10.05 31.22
CA LEU B 768 -58.22 10.74 30.49
C LEU B 768 -59.10 9.74 29.76
N ASP B 769 -58.50 8.69 29.20
CA ASP B 769 -59.25 7.73 28.41
C ASP B 769 -60.15 6.87 29.29
N ASN B 770 -59.63 6.39 30.43
CA ASN B 770 -60.37 5.51 31.30
C ASN B 770 -61.34 6.30 32.18
N ASP B 771 -62.41 5.63 32.60
CA ASP B 771 -63.41 6.21 33.48
C ASP B 771 -63.17 5.88 34.94
N ASN B 772 -62.08 5.19 35.26
CA ASN B 772 -61.80 4.73 36.61
C ASN B 772 -60.41 5.19 37.04
N TYR B 773 -59.96 4.68 38.19
CA TYR B 773 -58.65 5.03 38.71
C TYR B 773 -57.56 4.26 37.98
N VAL B 774 -56.44 4.94 37.71
CA VAL B 774 -55.30 4.35 37.02
C VAL B 774 -54.07 4.63 37.85
N PHE B 775 -53.28 3.58 38.11
CA PHE B 775 -52.08 3.69 38.93
C PHE B 775 -50.85 3.61 38.05
N THR B 776 -50.00 4.63 38.13
CA THR B 776 -48.78 4.70 37.32
C THR B 776 -47.63 4.08 38.12
N ALA B 777 -47.06 3.01 37.59
CA ALA B 777 -45.98 2.32 38.29
C ALA B 777 -44.72 3.18 38.29
N PRO B 778 -43.92 3.12 39.36
CA PRO B 778 -42.65 3.88 39.38
C PRO B 778 -41.60 3.25 38.48
N TYR B 779 -40.44 3.91 38.36
CA TYR B 779 -39.39 3.47 37.47
C TYR B 779 -38.40 2.59 38.23
N PHE B 780 -37.25 2.30 37.62
CA PHE B 780 -36.25 1.42 38.21
C PHE B 780 -34.89 1.85 37.67
N ASN B 781 -33.82 1.53 38.39
CA ASN B 781 -32.53 2.18 38.19
C ASN B 781 -32.65 3.71 38.26
N LYS B 782 -33.07 4.19 39.43
CA LYS B 782 -32.99 5.58 39.86
C LYS B 782 -33.27 6.59 38.76
N SER B 783 -34.23 6.30 37.89
CA SER B 783 -34.59 7.25 36.84
C SER B 783 -35.15 8.53 37.43
N GLY B 784 -35.97 8.40 38.48
CA GLY B 784 -36.50 9.55 39.18
C GLY B 784 -36.09 9.55 40.63
N PRO B 785 -36.09 10.72 41.26
CA PRO B 785 -35.66 10.81 42.66
C PRO B 785 -36.75 10.39 43.62
N GLY B 786 -36.59 9.22 44.23
CA GLY B 786 -37.52 8.77 45.24
C GLY B 786 -38.42 7.63 44.83
N ALA B 787 -38.15 6.42 45.32
CA ALA B 787 -39.06 5.30 45.16
C ALA B 787 -40.07 5.26 46.30
N TYR B 788 -39.57 5.17 47.54
CA TYR B 788 -40.39 5.35 48.72
C TYR B 788 -40.42 6.80 49.18
N GLU B 789 -39.69 7.69 48.50
CA GLU B 789 -39.65 9.10 48.85
C GLU B 789 -40.58 9.95 47.99
N SER B 790 -41.26 9.34 47.02
CA SER B 790 -42.19 10.05 46.15
C SER B 790 -43.62 9.54 46.24
N GLY B 791 -43.81 8.22 46.29
CA GLY B 791 -45.12 7.63 46.41
C GLY B 791 -45.52 6.87 45.15
N ILE B 792 -46.77 6.43 45.16
CA ILE B 792 -47.37 5.69 44.04
C ILE B 792 -48.52 6.53 43.49
N MET B 793 -48.45 6.84 42.20
CA MET B 793 -49.44 7.73 41.60
C MET B 793 -50.78 7.01 41.41
N VAL B 794 -51.86 7.75 41.68
CA VAL B 794 -53.23 7.23 41.54
C VAL B 794 -54.01 8.30 40.77
N SER B 795 -54.08 8.14 39.45
CA SER B 795 -54.72 9.16 38.62
C SER B 795 -56.20 8.89 38.43
N LYS B 796 -56.97 9.96 38.27
CA LYS B 796 -58.41 9.87 38.06
C LYS B 796 -58.89 11.18 37.46
N ALA B 797 -59.57 11.11 36.32
CA ALA B 797 -60.03 12.30 35.61
C ALA B 797 -61.41 12.71 36.08
N VAL B 798 -61.66 14.01 36.07
CA VAL B 798 -62.95 14.56 36.45
C VAL B 798 -63.86 14.64 35.22
N GLU B 799 -65.16 14.65 35.46
CA GLU B 799 -66.14 14.76 34.39
C GLU B 799 -67.29 15.66 34.86
N ILE B 800 -67.76 16.54 33.98
CA ILE B 800 -68.80 17.49 34.31
C ILE B 800 -69.84 17.53 33.21
N TYR B 801 -71.01 18.08 33.55
CA TYR B 801 -72.10 18.28 32.61
C TYR B 801 -72.63 19.69 32.84
N ILE B 802 -72.56 20.55 31.80
CA ILE B 802 -72.85 21.95 32.01
C ILE B 802 -74.18 22.30 31.33
N GLN B 803 -74.35 21.89 30.07
CA GLN B 803 -75.68 21.78 29.45
C GLN B 803 -75.89 20.38 28.92
N GLY B 804 -75.56 19.37 29.73
CA GLY B 804 -75.66 17.99 29.29
C GLY B 804 -74.58 17.57 28.33
N LYS B 805 -73.44 18.27 28.34
CA LYS B 805 -72.29 17.93 27.51
C LYS B 805 -71.16 17.47 28.41
N LEU B 806 -70.51 16.36 28.03
CA LEU B 806 -69.46 15.77 28.85
C LEU B 806 -68.13 16.46 28.59
N LEU B 807 -67.46 16.87 29.66
CA LEU B 807 -66.17 17.54 29.57
C LEU B 807 -65.22 16.91 30.58
N LYS B 808 -63.94 16.90 30.22
CA LYS B 808 -62.88 16.35 31.07
C LYS B 808 -61.74 17.36 31.15
N PRO B 809 -61.93 18.46 31.86
CA PRO B 809 -60.91 19.53 31.86
C PRO B 809 -59.62 19.16 32.56
N ALA B 810 -59.72 18.53 33.72
CA ALA B 810 -58.57 18.31 34.58
C ALA B 810 -58.51 16.87 35.05
N VAL B 811 -57.36 16.51 35.64
CA VAL B 811 -57.16 15.22 36.27
C VAL B 811 -56.65 15.46 37.68
N VAL B 812 -57.01 14.55 38.59
CA VAL B 812 -56.63 14.66 40.00
C VAL B 812 -56.03 13.32 40.43
N GLY B 813 -55.33 13.35 41.55
CA GLY B 813 -54.77 12.11 42.06
C GLY B 813 -53.96 12.33 43.32
N ILE B 814 -53.49 11.22 43.87
CA ILE B 814 -52.67 11.18 45.07
C ILE B 814 -51.40 10.38 44.76
N LYS B 815 -50.45 10.45 45.69
CA LYS B 815 -49.16 9.76 45.58
C LYS B 815 -48.92 8.91 46.81
N ILE B 816 -49.91 8.06 47.13
CA ILE B 816 -49.92 7.30 48.37
C ILE B 816 -48.58 6.62 48.63
N ASP B 817 -48.21 6.55 49.91
CA ASP B 817 -46.94 5.99 50.32
C ASP B 817 -47.02 4.47 50.41
N VAL B 818 -45.91 3.82 50.04
CA VAL B 818 -45.85 2.37 50.11
C VAL B 818 -45.89 1.90 51.57
N ASN B 819 -45.26 2.66 52.46
CA ASN B 819 -45.14 2.23 53.86
C ASN B 819 -46.51 2.11 54.51
N SER B 820 -47.32 3.17 54.44
CA SER B 820 -48.65 3.11 55.03
C SER B 820 -49.54 2.12 54.28
N TRP B 821 -49.37 2.02 52.96
CA TRP B 821 -50.16 1.09 52.16
C TRP B 821 -49.83 -0.36 52.51
N ILE B 822 -48.62 -0.60 53.05
CA ILE B 822 -48.24 -1.95 53.44
C ILE B 822 -49.05 -2.42 54.64
N GLU B 823 -49.26 -1.54 55.63
CA GLU B 823 -49.98 -1.92 56.83
C GLU B 823 -51.39 -2.37 56.51
N ASN B 824 -52.09 -1.62 55.66
CA ASN B 824 -53.41 -2.05 55.23
C ASN B 824 -53.34 -3.31 54.37
N PHE B 825 -52.27 -3.45 53.58
CA PHE B 825 -52.12 -4.64 52.74
C PHE B 825 -51.89 -5.89 53.59
N THR B 826 -51.13 -5.76 54.68
CA THR B 826 -50.81 -6.93 55.50
C THR B 826 -52.06 -7.54 56.12
N LYS B 827 -52.95 -6.71 56.65
CA LYS B 827 -54.18 -7.20 57.27
C LYS B 827 -55.23 -7.51 56.21
N ARG B 843 -47.23 -12.29 55.35
CA ARG B 843 -46.34 -11.16 55.55
C ARG B 843 -44.90 -11.62 55.73
N ASN B 844 -44.05 -11.28 54.76
CA ASN B 844 -42.64 -11.69 54.76
C ASN B 844 -42.52 -13.21 54.83
N SER B 845 -43.51 -13.91 54.28
CA SER B 845 -43.60 -15.34 54.37
C SER B 845 -42.67 -16.00 53.35
N ASP B 846 -42.44 -17.31 53.51
CA ASP B 846 -41.68 -18.10 52.57
C ASP B 846 -42.53 -19.20 51.92
N VAL B 847 -43.85 -19.12 52.06
CA VAL B 847 -44.75 -20.12 51.48
C VAL B 847 -45.70 -19.48 50.47
N MET B 848 -46.27 -18.33 50.79
CA MET B 848 -47.23 -17.65 49.92
C MET B 848 -46.69 -16.31 49.49
N ASP B 849 -46.95 -15.95 48.24
CA ASP B 849 -46.55 -14.67 47.68
C ASP B 849 -47.80 -13.94 47.19
N CYS B 850 -48.15 -12.85 47.86
CA CYS B 850 -49.31 -12.05 47.53
C CYS B 850 -48.82 -10.75 46.87
N VAL B 851 -49.34 -10.45 45.69
CA VAL B 851 -48.86 -9.34 44.89
C VAL B 851 -49.97 -8.83 43.99
N ILE B 852 -50.06 -7.50 43.87
CA ILE B 852 -50.94 -6.86 42.90
C ILE B 852 -50.13 -6.45 41.69
N LEU B 853 -50.77 -6.43 40.52
CA LEU B 853 -50.16 -5.94 39.30
C LEU B 853 -51.15 -5.03 38.60
N ASP B 854 -50.63 -4.00 37.93
CA ASP B 854 -51.47 -3.06 37.22
C ASP B 854 -51.69 -3.53 35.79
N ASP B 855 -52.46 -2.75 35.03
CA ASP B 855 -52.77 -3.09 33.65
C ASP B 855 -51.49 -2.93 32.82
N GLY B 856 -50.76 -4.02 32.65
CA GLY B 856 -49.50 -3.98 31.93
C GLY B 856 -48.45 -4.91 32.49
N GLY B 857 -48.66 -5.40 33.71
CA GLY B 857 -47.76 -6.38 34.29
C GLY B 857 -46.62 -5.82 35.10
N PHE B 858 -46.85 -4.74 35.84
CA PHE B 858 -45.79 -4.11 36.62
C PHE B 858 -46.08 -4.24 38.11
N LEU B 859 -45.01 -4.22 38.90
CA LEU B 859 -45.07 -4.48 40.34
C LEU B 859 -45.39 -3.20 41.10
N LEU B 860 -46.33 -3.28 42.04
CA LEU B 860 -46.61 -2.17 42.94
C LEU B 860 -46.30 -2.48 44.40
N MET B 861 -46.54 -3.71 44.87
CA MET B 861 -45.95 -4.20 46.10
C MET B 861 -46.14 -5.70 46.17
N ALA B 862 -45.32 -6.34 47.00
CA ALA B 862 -45.47 -7.77 47.29
C ALA B 862 -45.39 -7.98 48.79
N ASN B 863 -45.36 -9.24 49.23
CA ASN B 863 -45.29 -9.59 50.63
C ASN B 863 -43.90 -9.98 51.11
N HIS B 864 -43.04 -10.46 50.20
CA HIS B 864 -41.73 -10.98 50.59
C HIS B 864 -40.79 -9.90 51.12
N ASP B 865 -41.09 -8.63 50.91
CA ASP B 865 -40.23 -7.51 51.29
C ASP B 865 -38.89 -7.57 50.55
N ASP B 866 -38.73 -8.53 49.65
CA ASP B 866 -37.62 -8.55 48.71
C ASP B 866 -38.02 -8.02 47.34
N TYR B 867 -39.21 -8.37 46.87
CA TYR B 867 -39.75 -7.75 45.66
C TYR B 867 -40.07 -6.28 45.89
N THR B 868 -40.39 -5.90 47.13
CA THR B 868 -40.72 -4.51 47.42
C THR B 868 -39.52 -3.60 47.21
N ASN B 869 -38.31 -4.15 47.20
CA ASN B 869 -37.15 -3.35 46.87
C ASN B 869 -37.06 -3.04 45.38
N GLN B 870 -37.89 -3.68 44.56
CA GLN B 870 -37.90 -3.45 43.12
C GLN B 870 -39.28 -2.99 42.65
N ILE B 871 -39.87 -2.05 43.38
CA ILE B 871 -41.20 -1.56 43.01
C ILE B 871 -41.14 -0.89 41.65
N GLY B 872 -42.22 -1.07 40.88
CA GLY B 872 -42.27 -0.55 39.53
C GLY B 872 -41.37 -1.28 38.56
N ARG B 873 -41.35 -2.60 38.63
CA ARG B 873 -40.56 -3.44 37.75
C ARG B 873 -41.48 -4.45 37.07
N PHE B 874 -41.06 -4.91 35.89
CA PHE B 874 -41.86 -5.88 35.15
C PHE B 874 -41.94 -7.18 35.90
N PHE B 875 -43.14 -7.77 35.94
CA PHE B 875 -43.35 -9.01 36.67
C PHE B 875 -42.57 -10.16 36.04
N GLY B 876 -42.37 -10.14 34.73
CA GLY B 876 -41.62 -11.19 34.07
C GLY B 876 -40.13 -11.13 34.34
N GLU B 877 -39.60 -9.97 34.71
CA GLU B 877 -38.19 -9.85 35.02
C GLU B 877 -37.84 -10.39 36.39
N ILE B 878 -38.83 -10.61 37.26
CA ILE B 878 -38.59 -11.21 38.56
C ILE B 878 -39.30 -12.54 38.74
N ASP B 879 -40.43 -12.78 38.08
CA ASP B 879 -41.16 -14.04 38.17
C ASP B 879 -41.47 -14.51 36.77
N PRO B 880 -40.53 -15.17 36.10
CA PRO B 880 -40.73 -15.50 34.68
C PRO B 880 -41.83 -16.52 34.43
N SER B 881 -41.92 -17.56 35.27
CA SER B 881 -42.87 -18.63 34.99
C SER B 881 -44.32 -18.15 35.08
N LEU B 882 -44.64 -17.35 36.10
CA LEU B 882 -46.03 -16.93 36.30
C LEU B 882 -46.45 -15.94 35.21
N MET B 883 -45.59 -14.99 34.88
CA MET B 883 -45.97 -13.96 33.91
C MET B 883 -46.24 -14.56 32.54
N ARG B 884 -45.39 -15.50 32.10
CA ARG B 884 -45.56 -16.08 30.78
C ARG B 884 -46.84 -16.89 30.68
N HIS B 885 -47.16 -17.67 31.71
CA HIS B 885 -48.43 -18.41 31.71
C HIS B 885 -49.62 -17.47 31.82
N LEU B 886 -49.44 -16.32 32.47
CA LEU B 886 -50.51 -15.33 32.49
C LEU B 886 -50.83 -14.83 31.08
N VAL B 887 -49.83 -14.79 30.20
CA VAL B 887 -50.07 -14.42 28.82
C VAL B 887 -50.91 -15.48 28.12
N ASN B 888 -50.57 -16.76 28.33
CA ASN B 888 -51.29 -17.84 27.67
C ASN B 888 -52.74 -17.94 28.12
N ILE B 889 -53.00 -17.74 29.42
CA ILE B 889 -54.35 -17.86 29.96
C ILE B 889 -55.24 -16.68 29.55
N SER B 890 -54.70 -15.75 28.74
CA SER B 890 -55.45 -14.64 28.16
C SER B 890 -55.91 -13.64 29.23
N VAL B 891 -54.95 -13.18 30.03
CA VAL B 891 -55.17 -12.02 30.89
C VAL B 891 -54.30 -10.84 30.50
N TYR B 892 -53.16 -11.07 29.83
CA TYR B 892 -52.20 -10.03 29.46
C TYR B 892 -51.82 -10.23 28.00
N ALA B 893 -52.56 -9.61 27.09
CA ALA B 893 -52.18 -9.63 25.69
C ALA B 893 -51.04 -8.65 25.46
N PHE B 894 -50.51 -8.64 24.23
CA PHE B 894 -49.39 -7.77 23.91
C PHE B 894 -49.34 -7.51 22.41
N ASN B 895 -48.76 -6.37 22.04
CA ASN B 895 -48.52 -6.03 20.64
C ASN B 895 -47.09 -5.52 20.53
N LYS B 896 -46.41 -5.86 19.45
CA LYS B 896 -45.03 -5.48 19.26
C LYS B 896 -44.90 -4.47 18.13
N SER B 897 -43.94 -3.56 18.27
CA SER B 897 -43.72 -2.51 17.29
C SER B 897 -42.25 -2.12 17.29
N TYR B 898 -41.86 -1.34 16.29
CA TYR B 898 -40.50 -0.88 16.12
C TYR B 898 -40.43 0.63 16.29
N ASP B 899 -39.39 1.11 16.95
CA ASP B 899 -39.16 2.54 17.13
C ASP B 899 -37.89 2.88 16.35
N TYR B 900 -38.07 3.29 15.10
CA TYR B 900 -36.93 3.55 14.22
C TYR B 900 -36.11 4.74 14.70
N GLN B 901 -36.76 5.79 15.20
CA GLN B 901 -36.06 6.98 15.68
C GLN B 901 -35.66 6.75 17.13
N SER B 902 -34.74 5.81 17.32
CA SER B 902 -34.26 5.47 18.65
C SER B 902 -32.73 5.42 18.61
N VAL B 903 -32.12 5.82 19.72
CA VAL B 903 -30.67 5.77 19.87
C VAL B 903 -30.35 4.65 20.86
N CYS B 904 -29.19 4.03 20.66
CA CYS B 904 -28.76 2.94 21.52
C CYS B 904 -27.24 2.92 21.57
N GLU B 905 -26.71 2.33 22.64
CA GLU B 905 -25.27 2.25 22.79
C GLU B 905 -24.69 1.39 21.67
N PRO B 906 -23.56 1.79 21.09
CA PRO B 906 -22.99 1.04 19.97
C PRO B 906 -22.56 -0.35 20.38
N GLY B 907 -22.66 -1.28 19.43
CA GLY B 907 -22.25 -2.65 19.66
C GLY B 907 -20.76 -2.84 19.49
N ALA B 908 -20.35 -3.99 18.97
CA ALA B 908 -18.94 -4.27 18.74
C ALA B 908 -18.80 -5.20 17.55
N ALA B 909 -17.61 -5.20 16.95
CA ALA B 909 -17.33 -6.05 15.80
C ALA B 909 -15.85 -6.42 15.75
N SER B 970 -20.77 7.94 21.87
CA SER B 970 -20.81 7.52 20.48
C SER B 970 -22.09 6.74 20.18
N LYS B 971 -23.18 7.16 20.82
CA LYS B 971 -24.47 6.50 20.60
C LYS B 971 -24.95 6.74 19.17
N GLN B 972 -25.52 5.70 18.57
CA GLN B 972 -25.98 5.76 17.18
C GLN B 972 -27.42 5.30 17.09
N SER B 973 -28.09 5.74 16.02
CA SER B 973 -29.48 5.39 15.79
C SER B 973 -29.61 3.92 15.41
N CYS B 974 -30.71 3.31 15.86
CA CYS B 974 -30.96 1.89 15.62
C CYS B 974 -32.45 1.64 15.74
N ILE B 975 -32.84 0.41 15.43
CA ILE B 975 -34.24 -0.03 15.55
C ILE B 975 -34.35 -0.91 16.78
N THR B 976 -35.18 -0.50 17.73
CA THR B 976 -35.43 -1.25 18.95
C THR B 976 -36.89 -1.65 19.00
N GLU B 977 -37.14 -2.95 19.16
CA GLU B 977 -38.49 -3.46 19.24
C GLU B 977 -39.09 -3.17 20.62
N GLN B 978 -40.33 -2.71 20.64
CA GLN B 978 -41.02 -2.38 21.88
C GLN B 978 -42.21 -3.30 22.07
N THR B 979 -42.47 -3.65 23.33
CA THR B 979 -43.58 -4.51 23.70
C THR B 979 -44.34 -3.90 24.87
N GLN B 980 -45.67 -3.95 24.79
CA GLN B 980 -46.52 -3.46 25.86
C GLN B 980 -47.62 -4.48 26.12
N TYR B 981 -48.16 -4.47 27.34
CA TYR B 981 -49.16 -5.43 27.76
C TYR B 981 -50.40 -4.72 28.27
N PHE B 982 -51.54 -5.41 28.21
CA PHE B 982 -52.81 -4.81 28.59
C PHE B 982 -53.79 -5.92 28.93
N PHE B 983 -54.87 -5.53 29.60
CA PHE B 983 -55.95 -6.46 29.90
C PHE B 983 -56.59 -6.98 28.63
N ASP B 984 -56.92 -8.28 28.62
CA ASP B 984 -57.53 -8.88 27.45
C ASP B 984 -59.03 -8.65 27.41
N ASN B 985 -59.74 -9.08 28.45
CA ASN B 985 -61.19 -8.99 28.51
C ASN B 985 -61.61 -8.36 29.84
N ASP B 986 -62.92 -8.38 30.11
CA ASP B 986 -63.49 -7.73 31.27
C ASP B 986 -63.73 -8.69 32.43
N SER B 987 -63.18 -9.89 32.38
CA SER B 987 -63.35 -10.85 33.46
C SER B 987 -62.76 -10.32 34.76
N LYS B 988 -63.50 -10.49 35.85
CA LYS B 988 -63.08 -9.95 37.14
C LYS B 988 -62.24 -10.94 37.93
N SER B 989 -62.62 -12.22 37.93
CA SER B 989 -61.93 -13.25 38.68
C SER B 989 -61.31 -14.25 37.72
N PHE B 990 -60.14 -14.76 38.09
CA PHE B 990 -59.44 -15.72 37.26
C PHE B 990 -58.65 -16.67 38.14
N SER B 991 -58.63 -17.95 37.77
CA SER B 991 -57.92 -18.94 38.57
C SER B 991 -57.44 -20.06 37.67
N GLY B 992 -56.31 -20.66 38.03
CA GLY B 992 -55.75 -21.74 37.25
C GLY B 992 -54.62 -22.41 37.99
N VAL B 993 -54.01 -23.39 37.31
CA VAL B 993 -52.93 -24.19 37.86
C VAL B 993 -51.69 -23.99 36.99
N LEU B 994 -50.59 -23.59 37.61
CA LEU B 994 -49.33 -23.38 36.91
C LEU B 994 -48.50 -24.67 36.99
N ASP B 995 -48.07 -25.15 35.83
CA ASP B 995 -47.28 -26.39 35.73
C ASP B 995 -45.93 -26.04 35.12
N CYS B 996 -44.94 -25.83 35.98
CA CYS B 996 -43.59 -25.50 35.55
C CYS B 996 -42.73 -26.72 35.27
N GLY B 997 -43.29 -27.92 35.41
CA GLY B 997 -42.53 -29.13 35.22
C GLY B 997 -42.24 -29.83 36.54
N ASN B 998 -42.87 -30.99 36.75
CA ASN B 998 -42.77 -31.74 37.99
C ASN B 998 -43.17 -30.88 39.18
N CYS B 999 -44.15 -29.99 38.97
CA CYS B 999 -44.63 -29.09 40.01
C CYS B 999 -46.12 -28.87 39.81
N SER B 1000 -46.77 -28.43 40.88
CA SER B 1000 -48.20 -28.12 40.83
C SER B 1000 -48.42 -26.81 41.60
N ARG B 1001 -48.37 -25.70 40.88
CA ARG B 1001 -48.59 -24.39 41.47
C ARG B 1001 -49.98 -23.89 41.11
N ILE B 1002 -50.62 -23.20 42.06
CA ILE B 1002 -51.98 -22.71 41.89
C ILE B 1002 -51.98 -21.20 42.09
N PHE B 1003 -52.96 -20.53 41.48
CA PHE B 1003 -53.11 -19.09 41.64
C PHE B 1003 -54.57 -18.73 41.44
N HIS B 1004 -54.94 -17.55 41.95
CA HIS B 1004 -56.30 -17.03 41.80
C HIS B 1004 -56.19 -15.52 41.57
N GLY B 1005 -56.14 -15.13 40.29
CA GLY B 1005 -56.05 -13.71 39.94
C GLY B 1005 -57.39 -13.04 40.06
N GLU B 1006 -57.39 -11.84 40.64
CA GLU B 1006 -58.60 -11.05 40.78
C GLU B 1006 -58.29 -9.59 40.50
N LYS B 1007 -59.22 -8.92 39.81
CA LYS B 1007 -59.06 -7.53 39.44
C LYS B 1007 -59.75 -6.63 40.46
N LEU B 1008 -59.20 -5.44 40.65
CA LEU B 1008 -59.81 -4.45 41.54
C LEU B 1008 -60.71 -3.56 40.70
N MET B 1009 -62.02 -3.69 40.87
CA MET B 1009 -62.96 -2.88 40.11
C MET B 1009 -62.83 -1.41 40.50
N ASN B 1010 -63.17 -0.54 39.55
CA ASN B 1010 -62.96 0.90 39.59
C ASN B 1010 -61.48 1.25 39.56
N THR B 1011 -60.59 0.28 39.47
CA THR B 1011 -59.16 0.53 39.29
C THR B 1011 -58.65 -0.33 38.13
N ASN B 1012 -57.33 -0.37 37.96
CA ASN B 1012 -56.71 -1.14 36.88
C ASN B 1012 -55.80 -2.24 37.41
N LEU B 1013 -55.80 -2.46 38.72
CA LEU B 1013 -54.96 -3.48 39.33
C LEU B 1013 -55.54 -4.87 39.11
N ILE B 1014 -54.66 -5.87 39.22
CA ILE B 1014 -55.05 -7.26 39.34
C ILE B 1014 -54.33 -7.86 40.55
N PHE B 1015 -55.08 -8.52 41.42
CA PHE B 1015 -54.56 -9.10 42.64
C PHE B 1015 -54.45 -10.61 42.47
N ILE B 1016 -53.24 -11.13 42.61
CA ILE B 1016 -52.98 -12.55 42.38
C ILE B 1016 -52.32 -13.14 43.62
N MET B 1017 -52.77 -14.34 43.98
CA MET B 1017 -52.26 -15.09 45.12
C MET B 1017 -51.56 -16.33 44.57
N VAL B 1018 -50.25 -16.41 44.73
CA VAL B 1018 -49.47 -17.53 44.22
C VAL B 1018 -48.50 -17.98 45.29
N GLU B 1019 -48.04 -19.22 45.17
CA GLU B 1019 -47.11 -19.79 46.14
C GLU B 1019 -45.73 -19.17 45.99
N SER B 1020 -44.86 -19.49 46.94
CA SER B 1020 -43.48 -19.03 46.90
C SER B 1020 -42.74 -19.67 45.73
N LYS B 1021 -41.83 -18.90 45.13
CA LYS B 1021 -41.04 -19.42 44.02
C LYS B 1021 -40.13 -20.56 44.45
N GLY B 1022 -39.73 -20.59 45.73
CA GLY B 1022 -38.88 -21.66 46.21
C GLY B 1022 -39.56 -23.00 46.33
N THR B 1023 -40.90 -23.03 46.27
CA THR B 1023 -41.61 -24.29 46.34
C THR B 1023 -41.27 -25.18 45.15
N CYS B 1024 -41.20 -24.59 43.94
CA CYS B 1024 -40.83 -25.32 42.74
C CYS B 1024 -39.47 -24.80 42.27
N PRO B 1025 -38.43 -25.64 42.23
CA PRO B 1025 -37.10 -25.21 41.80
C PRO B 1025 -36.96 -25.08 40.28
N CYS B 1026 -37.80 -24.23 39.69
CA CYS B 1026 -37.77 -23.96 38.26
C CYS B 1026 -37.55 -22.48 38.02
N ASP B 1027 -36.81 -22.16 36.95
CA ASP B 1027 -36.54 -20.76 36.61
C ASP B 1027 -36.38 -20.69 35.09
N THR B 1028 -37.45 -20.28 34.42
CA THR B 1028 -37.41 -20.11 32.97
C THR B 1028 -36.69 -18.81 32.62
N ARG B 1029 -36.52 -18.58 31.32
CA ARG B 1029 -35.89 -17.36 30.86
C ARG B 1029 -36.78 -16.16 31.17
N LEU B 1030 -36.16 -15.04 31.50
CA LEU B 1030 -36.90 -13.85 31.89
C LEU B 1030 -37.64 -13.25 30.70
N LEU B 1031 -38.83 -12.75 30.96
CA LEU B 1031 -39.60 -11.99 29.98
C LEU B 1031 -39.36 -10.51 30.23
N ILE B 1032 -38.98 -9.79 29.17
CA ILE B 1032 -38.51 -8.41 29.28
C ILE B 1032 -39.52 -7.50 28.60
N GLN B 1033 -40.03 -6.52 29.35
CA GLN B 1033 -40.83 -5.43 28.81
C GLN B 1033 -39.88 -4.23 28.77
N ALA B 1034 -39.18 -4.08 27.64
CA ALA B 1034 -38.22 -3.02 27.46
C ALA B 1034 -37.82 -2.98 25.99
N GLU B 1035 -37.40 -1.81 25.54
CA GLU B 1035 -36.92 -1.68 24.17
C GLU B 1035 -35.67 -2.53 23.99
N GLN B 1036 -35.64 -3.32 22.92
CA GLN B 1036 -34.56 -4.27 22.67
C GLN B 1036 -34.05 -4.05 21.26
N THR B 1037 -32.74 -3.86 21.13
CA THR B 1037 -32.14 -3.61 19.83
C THR B 1037 -32.41 -4.77 18.87
N SER B 1038 -32.78 -4.44 17.64
CA SER B 1038 -33.14 -5.43 16.64
C SER B 1038 -32.86 -4.86 15.25
N ASP B 1039 -33.28 -5.60 14.23
CA ASP B 1039 -33.08 -5.18 12.85
C ASP B 1039 -34.31 -5.36 11.98
N GLY B 1040 -35.40 -5.94 12.49
CA GLY B 1040 -36.59 -6.18 11.71
C GLY B 1040 -37.30 -4.90 11.35
N PRO B 1041 -38.26 -4.98 10.42
CA PRO B 1041 -38.73 -6.19 9.72
C PRO B 1041 -37.83 -6.55 8.53
N ASN B 1042 -37.99 -7.75 7.99
CA ASN B 1042 -37.13 -8.21 6.93
C ASN B 1042 -37.50 -7.53 5.61
N PRO B 1043 -36.57 -6.83 4.96
CA PRO B 1043 -36.90 -6.19 3.67
C PRO B 1043 -37.13 -7.17 2.54
N CYS B 1044 -36.65 -8.41 2.67
CA CYS B 1044 -36.83 -9.38 1.58
C CYS B 1044 -38.30 -9.73 1.38
N ASP B 1045 -39.14 -9.50 2.39
CA ASP B 1045 -40.56 -9.76 2.29
C ASP B 1045 -41.40 -8.50 2.21
N MET B 1046 -40.89 -7.35 2.67
CA MET B 1046 -41.63 -6.11 2.57
C MET B 1046 -41.79 -5.64 1.14
N VAL B 1047 -40.96 -6.13 0.22
CA VAL B 1047 -41.08 -5.74 -1.19
C VAL B 1047 -42.05 -6.61 -1.95
N LYS B 1048 -42.40 -7.79 -1.43
CA LYS B 1048 -43.37 -8.63 -2.11
C LYS B 1048 -44.78 -8.07 -1.97
N GLN B 1049 -45.07 -7.45 -0.83
CA GLN B 1049 -46.36 -6.79 -0.58
C GLN B 1049 -46.10 -5.40 -0.05
N PRO B 1050 -45.62 -4.49 -0.90
CA PRO B 1050 -45.32 -3.13 -0.46
C PRO B 1050 -46.61 -2.35 -0.19
N ARG B 1051 -46.48 -1.36 0.67
CA ARG B 1051 -47.61 -0.50 1.00
C ARG B 1051 -48.03 0.32 -0.22
N TYR B 1052 -49.33 0.58 -0.32
CA TYR B 1052 -49.85 1.30 -1.47
C TYR B 1052 -49.26 2.71 -1.55
N ARG B 1053 -48.90 3.12 -2.75
CA ARG B 1053 -48.28 4.42 -2.97
C ARG B 1053 -48.67 4.93 -4.35
N LYS B 1054 -48.59 6.24 -4.51
CA LYS B 1054 -48.91 6.90 -5.78
C LYS B 1054 -47.72 7.74 -6.21
N GLY B 1055 -47.23 7.51 -7.41
CA GLY B 1055 -46.11 8.25 -7.93
C GLY B 1055 -46.52 9.58 -8.51
N PRO B 1056 -45.53 10.39 -8.88
CA PRO B 1056 -45.82 11.69 -9.48
C PRO B 1056 -46.54 11.52 -10.81
N ASP B 1057 -47.44 12.47 -11.10
CA ASP B 1057 -48.21 12.46 -12.33
C ASP B 1057 -47.49 13.11 -13.50
N VAL B 1058 -46.31 13.68 -13.27
CA VAL B 1058 -45.52 14.34 -14.31
C VAL B 1058 -44.40 13.40 -14.70
N CYS B 1059 -43.97 13.51 -15.96
CA CYS B 1059 -42.94 12.64 -16.51
C CYS B 1059 -42.34 13.31 -17.74
N PHE B 1060 -41.02 13.49 -17.75
CA PHE B 1060 -40.34 14.23 -18.80
C PHE B 1060 -39.17 13.39 -19.32
N ASP B 1061 -39.40 12.71 -20.44
CA ASP B 1061 -38.36 11.96 -21.13
C ASP B 1061 -38.79 11.78 -22.57
N ASN B 1062 -37.86 11.28 -23.40
CA ASN B 1062 -38.13 10.94 -24.80
C ASN B 1062 -38.61 12.17 -25.57
N ASN B 1063 -37.73 13.15 -25.69
CA ASN B 1063 -38.00 14.33 -26.51
C ASN B 1063 -37.22 14.21 -27.81
N VAL B 1064 -37.91 14.41 -28.93
CA VAL B 1064 -37.30 14.21 -30.25
C VAL B 1064 -36.21 15.25 -30.51
N LEU B 1065 -36.41 16.48 -30.04
CA LEU B 1065 -35.48 17.59 -30.29
C LEU B 1065 -34.15 17.46 -29.54
N GLU B 1066 -33.95 16.41 -28.74
CA GLU B 1066 -32.75 16.29 -27.94
C GLU B 1066 -31.53 16.10 -28.83
N ASP B 1067 -30.40 16.64 -28.37
CA ASP B 1067 -29.20 16.72 -29.21
C ASP B 1067 -28.68 15.33 -29.56
N TYR B 1068 -28.61 14.44 -28.57
CA TYR B 1068 -28.30 13.02 -28.73
C TYR B 1068 -26.82 12.81 -29.06
N THR B 1069 -26.09 13.90 -29.32
CA THR B 1069 -24.76 13.83 -29.93
C THR B 1069 -23.63 14.15 -28.96
N ASP B 1070 -23.92 14.26 -27.67
CA ASP B 1070 -22.92 14.62 -26.67
C ASP B 1070 -22.72 13.42 -25.74
N CYS B 1071 -21.79 12.54 -26.12
CA CYS B 1071 -21.32 11.49 -25.22
C CYS B 1071 -20.05 11.96 -24.54
N GLY B 1072 -19.41 11.08 -23.78
CA GLY B 1072 -18.14 11.36 -23.17
C GLY B 1072 -16.95 10.85 -23.94
N GLY B 1073 -17.16 10.06 -24.97
CA GLY B 1073 -16.07 9.52 -25.77
C GLY B 1073 -16.19 9.87 -27.24
N VAL B 1074 -17.31 10.48 -27.62
CA VAL B 1074 -17.49 10.90 -29.01
C VAL B 1074 -16.48 11.98 -29.37
N SER B 1075 -16.00 12.73 -28.37
CA SER B 1075 -14.97 13.74 -28.59
C SER B 1075 -13.57 13.17 -28.39
N GLY B 1076 -13.32 12.56 -27.24
CA GLY B 1076 -12.04 11.97 -26.94
C GLY B 1076 -12.10 10.48 -26.72
C1 NAG C . -20.09 41.36 -13.73
C2 NAG C . -21.36 42.14 -13.39
C3 NAG C . -21.51 43.33 -14.34
C4 NAG C . -20.35 44.30 -14.15
C5 NAG C . -19.02 43.57 -14.25
C6 NAG C . -18.22 43.65 -12.96
C7 NAG C . -23.68 41.58 -12.83
C8 NAG C . -24.80 40.61 -13.02
N2 NAG C . -22.54 41.30 -13.46
O3 NAG C . -22.74 44.00 -14.11
O4 NAG C . -20.40 45.30 -15.17
O5 NAG C . -19.20 42.18 -14.58
O6 NAG C . -18.58 44.77 -12.18
O7 NAG C . -23.80 42.58 -12.12
C1 NAG C . -20.19 46.61 -14.60
C2 NAG C . -20.00 47.60 -15.75
C3 NAG C . -19.88 49.02 -15.22
C4 NAG C . -21.05 49.36 -14.31
C5 NAG C . -21.15 48.32 -13.20
C6 NAG C . -22.34 48.53 -12.29
C7 NAG C . -18.90 46.44 -17.61
C8 NAG C . -17.60 46.19 -18.32
N2 NAG C . -18.83 47.25 -16.55
O3 NAG C . -19.82 49.93 -16.30
O4 NAG C . -20.90 50.66 -13.76
O5 NAG C . -21.30 47.01 -13.78
O6 NAG C . -23.53 48.74 -13.04
O7 NAG C . -19.95 45.93 -17.98
C1 NAG C . -21.99 51.50 -14.21
C2 NAG C . -21.41 52.79 -14.80
C3 NAG C . -22.17 53.20 -16.06
C4 NAG C . -23.67 52.98 -15.90
C5 NAG C . -23.98 51.55 -15.49
C6 NAG C . -24.70 50.76 -16.57
C7 NAG C . -20.37 54.64 -13.57
C8 NAG C . -19.13 54.37 -14.37
N2 NAG C . -21.43 53.86 -13.81
O3 NAG C . -21.68 52.46 -17.17
O4 NAG C . -24.19 53.88 -14.93
O5 NAG C . -22.77 50.84 -15.20
O6 NAG C . -24.10 50.96 -17.84
O7 NAG C . -20.42 55.55 -12.74
C1 NAG D . -46.38 -11.06 -14.21
C2 NAG D . -47.34 -10.66 -15.33
C3 NAG D . -47.52 -11.81 -16.31
C4 NAG D . -46.16 -12.32 -16.79
C5 NAG D . -45.24 -12.61 -15.61
C6 NAG D . -43.83 -12.97 -16.03
C7 NAG D . -49.47 -10.99 -14.11
C8 NAG D . -50.74 -10.33 -13.66
N2 NAG D . -48.63 -10.22 -14.81
O3 NAG D . -48.30 -11.38 -17.42
O4 NAG D . -46.30 -13.50 -17.59
O5 NAG D . -45.13 -11.46 -14.77
O6 NAG D . -42.90 -11.99 -15.61
O7 NAG D . -49.22 -12.16 -13.83
C1 NAG D . -47.27 -14.43 -17.08
C2 NAG D . -47.77 -15.25 -18.26
C3 NAG D . -48.35 -16.60 -17.80
C4 NAG D . -48.79 -16.60 -16.34
C5 NAG D . -47.72 -16.02 -15.39
C6 NAG D . -47.00 -17.08 -14.59
C7 NAG D . -49.88 -14.01 -18.66
C8 NAG D . -50.70 -13.30 -19.69
N2 NAG D . -48.71 -14.52 -19.09
O3 NAG D . -47.38 -17.62 -18.01
O4 NAG D . -50.00 -15.87 -16.19
O5 NAG D . -46.73 -15.29 -16.11
O6 NAG D . -46.03 -17.74 -15.38
O7 NAG D . -50.25 -14.12 -17.50
C1 NAG E . -25.49 29.08 -21.25
C2 NAG E . -24.17 28.94 -20.53
C3 NAG E . -23.14 29.91 -21.10
C4 NAG E . -23.05 29.75 -22.62
C5 NAG E . -24.44 29.82 -23.26
C6 NAG E . -24.43 29.52 -24.74
C7 NAG E . -23.46 28.75 -18.18
C8 NAG E . -23.79 29.08 -16.75
N2 NAG E . -24.34 29.17 -19.09
O3 NAG E . -21.87 29.66 -20.52
O4 NAG E . -22.26 30.81 -23.14
O5 NAG E . -25.30 28.86 -22.65
O6 NAG E . -25.61 28.84 -25.13
O7 NAG E . -22.46 28.11 -18.49
C1 NAG E . -21.22 30.26 -23.97
C2 NAG E . -20.75 31.44 -24.82
C3 NAG E . -19.26 31.54 -25.09
C4 NAG E . -18.43 30.80 -24.07
C5 NAG E . -19.01 29.43 -23.97
C6 NAG E . -18.07 28.53 -23.20
C7 NAG E . -22.48 32.16 -26.26
C8 NAG E . -23.43 31.81 -27.35
N2 NAG E . -21.48 31.32 -26.05
O3 NAG E . -19.01 32.95 -25.03
O4 NAG E . -17.05 30.63 -24.38
O5 NAG E . -20.20 29.58 -23.24
O6 NAG E . -18.86 27.54 -22.54
O7 NAG E . -22.57 33.16 -25.59
C1 NAG E . -16.68 31.29 -25.60
C2 NAG E . -15.66 32.35 -25.32
C3 NAG E . -14.27 31.89 -25.67
C4 NAG E . -14.08 30.40 -25.54
C5 NAG E . -15.11 29.64 -26.35
C6 NAG E . -15.61 28.39 -25.64
C7 NAG E . -15.11 34.45 -26.34
C8 NAG E . -14.66 34.65 -27.76
N2 NAG E . -15.98 33.47 -26.15
O3 NAG E . -13.35 32.51 -24.78
O4 NAG E . -12.79 30.21 -26.09
O5 NAG E . -16.23 30.47 -26.66
O6 NAG E . -15.49 27.26 -26.52
O7 NAG E . -14.70 35.11 -25.41
C1 NAG E . -12.17 28.99 -25.65
C2 NAG E . -12.36 28.83 -24.17
C3 NAG E . -12.28 27.36 -23.77
C4 NAG E . -11.45 26.50 -24.73
C5 NAG E . -11.80 26.74 -26.20
C6 NAG E . -12.48 25.51 -26.81
C7 NAG E . -10.18 29.89 -23.94
C8 NAG E . -9.98 31.27 -24.49
N2 NAG E . -11.39 29.63 -23.45
O3 NAG E . -13.61 26.84 -23.73
O4 NAG E . -10.07 26.77 -24.54
O5 NAG E . -12.68 27.84 -26.32
O6 NAG E . -13.30 25.89 -27.91
O7 NAG E . -9.28 29.08 -23.91
C1 NAG F . -60.04 22.21 -2.50
C2 NAG F . -60.84 22.74 -1.30
C3 NAG F . -62.26 22.17 -1.30
C4 NAG F . -62.93 22.45 -2.64
C5 NAG F . -62.06 21.91 -3.78
C6 NAG F . -62.62 22.20 -5.15
C7 NAG F . -60.27 23.24 1.04
C8 NAG F . -59.50 22.79 2.24
N2 NAG F . -60.18 22.44 -0.04
O3 NAG F . -62.99 22.74 -0.22
O4 NAG F . -64.23 21.86 -2.70
O5 NAG F . -60.76 22.49 -3.72
O6 NAG F . -61.68 22.87 -5.97
O7 NAG F . -60.92 24.27 1.03
C1 NAG F . -65.23 22.80 -2.24
C2 NAG F . -66.12 23.26 -3.39
C3 NAG F . -67.23 24.17 -2.88
C4 NAG F . -68.00 23.50 -1.74
C5 NAG F . -67.03 23.05 -0.65
C6 NAG F . -67.70 22.28 0.46
C7 NAG F . -65.69 23.97 -5.70
C8 NAG F . -64.77 24.71 -6.62
N2 NAG F . -65.34 23.93 -4.41
O3 NAG F . -68.12 24.49 -3.94
O4 NAG F . -68.93 24.41 -1.18
O5 NAG F . -66.04 22.17 -1.22
O6 NAG F . -69.11 22.50 0.46
O7 NAG F . -66.71 23.42 -6.11
C1 NAG G . -53.14 -6.12 19.60
C2 NAG G . -53.38 -6.40 18.10
C3 NAG G . -53.53 -7.91 17.85
C4 NAG G . -54.64 -8.51 18.69
C5 NAG G . -54.73 -7.82 20.04
C6 NAG G . -55.10 -8.76 21.17
C7 NAG G . -54.46 -4.60 16.83
C8 NAG G . -53.08 -4.13 16.49
N2 NAG G . -54.54 -5.68 17.61
O3 NAG G . -52.29 -8.56 18.14
O4 NAG G . -55.88 -8.38 18.01
O5 NAG G . -53.44 -7.27 20.36
O6 NAG G . -54.12 -9.77 21.35
O7 NAG G . -55.46 -4.01 16.43
C1 NAG G . -56.52 -9.68 18.01
C2 NAG G . -58.02 -9.51 17.78
C3 NAG G . -58.71 -10.87 17.73
C4 NAG G . -58.02 -11.76 16.70
C5 NAG G . -56.53 -11.84 16.97
C6 NAG G . -55.77 -12.61 15.91
C7 NAG G . -59.33 -7.58 18.54
C8 NAG G . -59.50 -7.24 17.09
N2 NAG G . -58.61 -8.67 18.81
O3 NAG G . -60.08 -10.69 17.40
O4 NAG G . -58.58 -13.07 16.76
O5 NAG G . -55.96 -10.52 17.00
O6 NAG G . -55.93 -12.02 14.63
O7 NAG G . -59.82 -6.89 19.43
CA CA H . 22.56 -2.90 -4.09
C01 9Z9 I . 39.72 -9.07 -13.88
C02 9Z9 I . 39.28 -8.69 -15.27
C03 9Z9 I . 37.99 -7.93 -15.33
C04 9Z9 I . 38.42 -6.51 -14.91
C05 9Z9 I . 39.94 -6.46 -14.97
C06 9Z9 I . 40.17 -7.63 -15.92
C07 9Z9 I . 41.57 -8.10 -16.24
C08 9Z9 I . 41.41 -9.32 -17.10
C09 9Z9 I . 40.67 -10.33 -16.31
C10 9Z9 I . 39.27 -9.89 -16.16
C11 9Z9 I . 42.73 -9.86 -17.50
C12 9Z9 I . 43.50 -10.31 -16.28
C13 9Z9 I . 43.47 -8.86 -18.24
C14 9Z9 I . 43.26 -7.57 -18.03
C15 9Z9 I . 42.29 -7.04 -17.04
C16 9Z9 I . 44.45 -9.31 -19.28
C17 9Z9 I . 44.77 -10.84 -19.39
C18 9Z9 I . 43.72 -11.75 -18.72
C19 9Z9 I . 42.47 -11.00 -18.44
O20 9Z9 I . 45.97 -11.12 -18.71
C21 9Z9 I . 47.05 -11.30 -19.59
C22 9Z9 I . 47.99 -12.39 -19.09
C23 9Z9 I . 49.41 -11.88 -18.77
C24 9Z9 I . 50.12 -11.28 -20.00
O25 9Z9 I . 51.40 -10.85 -19.57
C26 9Z9 I . 52.06 -10.03 -20.50
C48 9Z9 I . 50.29 -13.06 -18.25
O49 9Z9 I . 51.07 -12.54 -17.20
C50 9Z9 I . 51.54 -13.55 -16.36
O72 9Z9 I . 37.94 -6.36 -13.60
C73 9Z9 I . 36.69 -6.98 -13.61
C74 9Z9 I . 36.90 -8.31 -14.35
C75 9Z9 I . 35.67 -8.81 -15.08
C76 9Z9 I . 36.25 -7.14 -12.18
C77 9Z9 I . 34.79 -7.51 -12.08
C78 9Z9 I . 33.93 -6.71 -13.05
C79 9Z9 I . 34.76 -5.65 -13.79
O80 9Z9 I . 35.92 -6.11 -14.36
C81 9Z9 I . 32.78 -6.07 -12.31
C01 WB9 J . 46.04 5.37 -7.18
C02 WB9 J . 47.08 4.26 -7.52
C03 WB9 J . 46.22 3.55 -6.43
C04 WB9 J . 47.59 4.00 -5.92
C05 WB9 J . 48.74 3.06 -6.54
C06 WB9 J . 48.41 3.33 -8.08
C07 WB9 J . 46.93 2.96 -8.36
C08 WB9 J . 45.74 2.60 -7.50
C09 WB9 J . 49.42 2.51 -9.00
C10 WB9 J . 50.22 1.51 -8.13
O11 WB9 J . 49.44 0.34 -8.04
C12 WB9 J . 50.21 -0.85 -8.03
C13 WB9 J . 51.56 -0.52 -7.36
N14 WB9 J . 52.70 -1.21 -8.04
C15 WB9 J . 53.85 -0.39 -7.89
C16 WB9 J . 53.59 0.91 -8.67
O17 WB9 J . 53.63 0.64 -10.07
C18 WB9 J . 53.47 -0.75 -10.33
C19 WB9 J . 52.40 -1.37 -9.43
C20 WB9 J . 52.90 -2.57 -7.42
C21 WB9 J . 54.36 -2.83 -6.95
C22 WB9 J . 54.78 -2.47 -5.66
C23 WB9 J . 56.09 -2.74 -5.26
C24 WB9 J . 56.97 -3.36 -6.13
C25 WB9 J . 56.56 -3.74 -7.40
C26 WB9 J . 55.26 -3.48 -7.79
BR1 WB9 J . 54.67 -3.99 -9.55
O28 WB9 J . 58.28 -3.64 -5.69
C29 WB9 J . 58.29 -4.87 -5.00
O30 WB9 J . 56.53 -2.35 -3.98
C31 WB9 J . 57.32 -1.18 -4.06
C32 WB9 J . 46.69 4.87 -8.88
CA CA K . -13.06 -10.38 -17.95
C1 NAG L . -48.31 34.34 3.73
C2 NAG L . -48.76 35.66 3.10
C3 NAG L . -50.24 35.92 3.40
C4 NAG L . -50.60 35.54 4.83
C5 NAG L . -50.17 34.12 5.16
C6 NAG L . -51.33 33.19 5.43
C7 NAG L . -47.49 37.72 2.73
C8 NAG L . -47.84 37.59 1.28
N2 NAG L . -47.95 36.77 3.55
O3 NAG L . -51.05 35.18 2.49
O4 NAG L . -49.97 36.44 5.74
O5 NAG L . -49.44 33.57 4.06
O6 NAG L . -52.51 33.62 4.75
O7 NAG L . -46.80 38.65 3.15
C1 NAG M . -29.97 -1.33 37.84
C2 NAG M . -29.74 -2.03 39.20
C3 NAG M . -29.65 -3.53 39.04
C4 NAG M . -30.79 -4.02 38.15
C5 NAG M . -30.56 -3.53 36.73
C6 NAG M . -31.83 -3.22 35.98
C7 NAG M . -28.42 -0.30 40.36
C8 NAG M . -27.10 0.04 40.96
N2 NAG M . -28.53 -1.52 39.82
O3 NAG M . -29.72 -4.16 40.31
O4 NAG M . -30.84 -5.44 38.15
O5 NAG M . -29.78 -2.32 36.73
O6 NAG M . -32.65 -4.38 35.85
O7 NAG M . -29.37 0.49 40.37
#